data_7DLI
#
_entry.id   7DLI
#
_cell.length_a   78.598
_cell.length_b   134.824
_cell.length_c   145.587
_cell.angle_alpha   90.000
_cell.angle_beta   90.000
_cell.angle_gamma   90.000
#
_symmetry.space_group_name_H-M   'P 21 21 21'
#
loop_
_entity.id
_entity.type
_entity.pdbx_description
1 polymer Cryptochrome-1
2 non-polymer N-[(2R)-3-carbazol-9-yl-2-oxidanyl-propyl]-N-(furan-2-ylmethyl)methanesulfonamide
3 non-polymer 1,2-ETHANEDIOL
4 water water
#
_entity_poly.entity_id   1
_entity_poly.type   'polypeptide(L)'
_entity_poly.pdbx_seq_one_letter_code
;GTMGVNAVHWFRKGLRLHDNPALKECIQGADTIRCVYILDPWFAGSSNVGINRWRFLLQCLEDLDANLRKLNSRLFVIRG
QPADVFPRLFKEWNITKLSIEYDSEPFGKERDAAIKKLATEAGVEVIVRISHTLYDLDKIIELNGGQPPLTYKRFQTLVS
KMEPLEMPADTITSDVIGKCMTPLSDDHDEKYGVPSLEELGFDTDGLSSAVWPGGETEALTRLERHLERKAWVANFERPR
MNANSLLASPTGLSPYLRFGCLSCRLFYFKLTDLYKKVKKNSSPPLSLYGQLLWREFFYTAATNNPRFDKMEGNPICVQI
PWDKNPEALAKWAEGRTGFPWIDAIMTQLRQEGWIHHLARHAVACFLTRGDLWISWEEGMKVFEELLLDADWSINAGSWM
WLSCSSFFQQFFHCYCPVGFGRRTDPNGDYIRRYLPVLRGFPAKYIYDPWNAPEGIQKVAKCLIGVNYPKPMVNHAEASR
LNIERMKQIYQQLSRYRG
;
_entity_poly.pdbx_strand_id   A,B,C
#
# COMPACT_ATOMS: atom_id res chain seq x y z
N VAL A 5 -47.77 21.75 -7.55
CA VAL A 5 -47.03 20.54 -7.17
C VAL A 5 -46.01 20.83 -6.06
N ASN A 6 -46.37 20.43 -4.84
CA ASN A 6 -45.53 20.60 -3.67
C ASN A 6 -44.87 19.28 -3.30
N ALA A 7 -43.54 19.24 -3.37
CA ALA A 7 -42.80 17.99 -3.17
C ALA A 7 -42.04 18.05 -1.85
N VAL A 8 -42.05 16.93 -1.13
CA VAL A 8 -41.27 16.79 0.09
C VAL A 8 -40.38 15.56 -0.05
N HIS A 9 -39.11 15.72 0.29
CA HIS A 9 -38.20 14.59 0.40
C HIS A 9 -37.87 14.34 1.87
N TRP A 10 -38.00 13.10 2.28
CA TRP A 10 -37.74 12.70 3.66
C TRP A 10 -36.36 12.04 3.76
N PHE A 11 -35.40 12.73 4.39
CA PHE A 11 -34.07 12.20 4.64
C PHE A 11 -34.11 11.34 5.90
N ARG A 12 -33.53 10.13 5.83
CA ARG A 12 -33.30 9.27 6.99
C ARG A 12 -31.86 8.80 6.94
N LYS A 13 -31.58 7.92 5.99
CA LYS A 13 -30.26 7.71 5.43
C LYS A 13 -30.21 8.50 4.11
N GLY A 14 -29.30 8.16 3.22
CA GLY A 14 -29.19 8.93 2.00
C GLY A 14 -28.96 10.41 2.26
N LEU A 15 -28.14 10.74 3.25
CA LEU A 15 -27.95 12.13 3.68
C LEU A 15 -26.96 12.83 2.74
N ARG A 16 -27.41 13.01 1.49
CA ARG A 16 -26.51 13.53 0.46
C ARG A 16 -27.36 14.08 -0.68
N LEU A 17 -26.74 14.95 -1.48
CA LEU A 17 -27.35 15.45 -2.72
C LEU A 17 -26.87 14.69 -3.95
N HIS A 18 -25.72 14.05 -3.91
CA HIS A 18 -25.32 13.22 -5.04
C HIS A 18 -26.05 11.89 -4.98
N ASP A 19 -26.25 11.29 -6.14
CA ASP A 19 -26.88 9.96 -6.30
C ASP A 19 -28.05 9.78 -5.35
N ASN A 20 -29.04 10.66 -5.50
CA ASN A 20 -30.26 10.62 -4.70
C ASN A 20 -31.42 10.52 -5.67
N PRO A 21 -31.66 9.32 -6.24
CA PRO A 21 -32.72 9.21 -7.27
C PRO A 21 -34.09 9.58 -6.74
N ALA A 22 -34.39 9.27 -5.48
CA ALA A 22 -35.69 9.65 -4.93
C ALA A 22 -35.85 11.17 -4.91
N LEU A 23 -34.82 11.89 -4.47
CA LEU A 23 -34.91 13.35 -4.47
C LEU A 23 -35.00 13.92 -5.89
N LYS A 24 -34.23 13.39 -6.83
CA LYS A 24 -34.28 13.92 -8.18
C LYS A 24 -35.66 13.71 -8.80
N GLU A 25 -36.23 12.52 -8.63
CA GLU A 25 -37.55 12.23 -9.17
C GLU A 25 -38.60 13.11 -8.52
N CYS A 26 -38.44 13.39 -7.23
CA CYS A 26 -39.42 14.19 -6.49
C CYS A 26 -39.44 15.62 -7.02
N ILE A 27 -38.27 16.19 -7.28
CA ILE A 27 -38.17 17.55 -7.78
C ILE A 27 -38.76 17.67 -9.19
N GLN A 28 -38.66 16.61 -9.99
CA GLN A 28 -39.11 16.66 -11.39
C GLN A 28 -40.56 17.08 -11.45
N GLY A 29 -40.82 18.16 -12.18
CA GLY A 29 -42.17 18.66 -12.32
C GLY A 29 -42.76 19.30 -11.08
N ALA A 30 -41.93 19.75 -10.14
CA ALA A 30 -42.41 20.26 -8.87
C ALA A 30 -42.30 21.78 -8.82
N ASP A 31 -43.36 22.40 -8.28
CA ASP A 31 -43.34 23.84 -8.02
C ASP A 31 -42.57 24.19 -6.76
N THR A 32 -42.67 23.37 -5.71
CA THR A 32 -41.95 23.61 -4.46
C THR A 32 -41.29 22.32 -3.99
N ILE A 33 -40.15 22.47 -3.31
CA ILE A 33 -39.41 21.36 -2.72
C ILE A 33 -39.04 21.70 -1.28
N ARG A 34 -39.29 20.75 -0.37
CA ARG A 34 -38.81 20.85 1.02
C ARG A 34 -38.19 19.52 1.42
N CYS A 35 -36.98 19.56 1.95
CA CYS A 35 -36.33 18.36 2.47
C CYS A 35 -36.42 18.32 3.99
N VAL A 36 -36.86 17.18 4.54
CA VAL A 36 -37.06 17.08 5.97
C VAL A 36 -36.27 15.91 6.56
N TYR A 37 -35.82 16.12 7.79
CA TYR A 37 -35.31 15.09 8.68
C TYR A 37 -36.20 15.09 9.92
N ILE A 38 -36.67 13.91 10.33
CA ILE A 38 -37.58 13.77 11.46
C ILE A 38 -36.82 13.15 12.63
N LEU A 39 -36.77 13.86 13.75
CA LEU A 39 -35.97 13.40 14.88
C LEU A 39 -36.83 13.13 16.10
N VAL A 49 -27.99 4.71 21.22
CA VAL A 49 -27.19 5.58 20.37
C VAL A 49 -26.29 6.44 21.25
N GLY A 50 -24.96 6.36 21.06
CA GLY A 50 -24.04 7.14 21.88
C GLY A 50 -23.85 8.57 21.39
N ILE A 51 -23.14 9.34 22.20
CA ILE A 51 -22.93 10.75 21.88
C ILE A 51 -22.20 10.90 20.54
N ASN A 52 -21.27 9.99 20.22
CA ASN A 52 -20.52 10.09 18.97
C ASN A 52 -21.42 9.86 17.75
N ARG A 53 -22.34 8.91 17.84
CA ARG A 53 -23.29 8.69 16.75
C ARG A 53 -24.24 9.88 16.59
N TRP A 54 -24.75 10.41 17.69
CA TRP A 54 -25.60 11.59 17.59
C TRP A 54 -24.83 12.76 16.98
N ARG A 55 -23.57 12.95 17.39
CA ARG A 55 -22.78 14.06 16.87
C ARG A 55 -22.55 13.91 15.38
N PHE A 56 -22.17 12.71 14.94
CA PHE A 56 -21.98 12.47 13.52
C PHE A 56 -23.24 12.78 12.74
N LEU A 57 -24.39 12.35 13.26
CA LEU A 57 -25.65 12.60 12.59
C LEU A 57 -25.91 14.10 12.44
N LEU A 58 -25.76 14.84 13.54
CA LEU A 58 -26.01 16.28 13.52
C LEU A 58 -25.08 16.99 12.55
N GLN A 59 -23.82 16.55 12.47
CA GLN A 59 -22.89 17.12 11.49
C GLN A 59 -23.29 16.75 10.05
N CYS A 60 -23.81 15.54 9.82
CA CYS A 60 -24.37 15.24 8.49
C CYS A 60 -25.51 16.20 8.15
N LEU A 61 -26.37 16.50 9.12
CA LEU A 61 -27.51 17.38 8.88
C LEU A 61 -27.07 18.83 8.67
N GLU A 62 -26.08 19.30 9.44
CA GLU A 62 -25.54 20.64 9.21
C GLU A 62 -24.98 20.75 7.81
N ASP A 63 -24.23 19.73 7.40
CA ASP A 63 -23.67 19.75 6.05
C ASP A 63 -24.77 19.75 5.00
N LEU A 64 -25.82 18.95 5.20
CA LEU A 64 -26.96 18.95 4.28
C LEU A 64 -27.58 20.33 4.18
N ASP A 65 -27.78 20.99 5.33
CA ASP A 65 -28.36 22.32 5.36
C ASP A 65 -27.49 23.32 4.61
N ALA A 66 -26.18 23.25 4.81
CA ALA A 66 -25.27 24.18 4.13
C ALA A 66 -25.31 23.96 2.63
N ASN A 67 -25.36 22.70 2.20
CA ASN A 67 -25.42 22.42 0.77
C ASN A 67 -26.78 22.79 0.16
N LEU A 68 -27.86 22.57 0.90
CA LEU A 68 -29.16 23.06 0.43
C LEU A 68 -29.20 24.60 0.35
N ARG A 69 -28.50 25.30 1.25
CA ARG A 69 -28.48 26.76 1.19
C ARG A 69 -27.89 27.24 -0.12
N LYS A 70 -26.88 26.51 -0.61
CA LYS A 70 -26.27 26.85 -1.88
C LYS A 70 -27.26 26.79 -3.02
N LEU A 71 -28.36 26.04 -2.85
CA LEU A 71 -29.43 25.94 -3.83
C LEU A 71 -30.60 26.84 -3.49
N ASN A 72 -30.39 27.79 -2.56
CA ASN A 72 -31.42 28.70 -2.08
C ASN A 72 -32.55 27.94 -1.37
N SER A 73 -32.18 26.89 -0.65
CA SER A 73 -33.12 26.07 0.11
C SER A 73 -32.59 25.94 1.54
N ARG A 74 -33.28 25.14 2.34
CA ARG A 74 -32.86 24.84 3.71
C ARG A 74 -33.30 23.43 4.06
N LEU A 75 -32.63 22.82 5.05
CA LEU A 75 -33.13 21.59 5.62
C LEU A 75 -34.17 21.90 6.69
N PHE A 76 -35.26 21.12 6.69
CA PHE A 76 -36.30 21.22 7.72
C PHE A 76 -36.11 20.05 8.69
N VAL A 77 -35.65 20.32 9.90
CA VAL A 77 -35.57 19.32 10.95
C VAL A 77 -36.78 19.46 11.86
N ILE A 78 -37.60 18.42 11.91
CA ILE A 78 -38.83 18.41 12.69
C ILE A 78 -38.72 17.33 13.76
N ARG A 79 -39.00 17.70 15.00
CA ARG A 79 -38.98 16.77 16.12
C ARG A 79 -40.37 16.15 16.28
N GLY A 80 -40.42 14.83 16.35
CA GLY A 80 -41.67 14.14 16.56
C GLY A 80 -41.68 12.77 15.91
N GLN A 81 -42.85 12.13 15.93
CA GLN A 81 -42.88 10.82 15.31
C GLN A 81 -43.46 10.92 13.88
N PRO A 82 -42.87 10.18 12.94
CA PRO A 82 -43.31 10.32 11.54
C PRO A 82 -44.80 10.11 11.33
N ALA A 83 -45.42 9.18 12.06
CA ALA A 83 -46.84 8.94 11.88
C ALA A 83 -47.67 10.17 12.28
N ASP A 84 -47.21 10.93 13.27
CA ASP A 84 -47.89 12.16 13.69
C ASP A 84 -47.57 13.33 12.76
N VAL A 85 -46.31 13.47 12.37
CA VAL A 85 -45.87 14.69 11.70
C VAL A 85 -46.43 14.76 10.28
N PHE A 86 -46.37 13.66 9.54
CA PHE A 86 -46.70 13.72 8.11
C PHE A 86 -48.16 14.07 7.83
N PRO A 87 -49.17 13.55 8.55
CA PRO A 87 -50.55 14.01 8.29
C PRO A 87 -50.74 15.51 8.49
N ARG A 88 -50.10 16.10 9.51
CA ARG A 88 -50.16 17.55 9.68
C ARG A 88 -49.41 18.26 8.54
N LEU A 89 -48.26 17.72 8.14
CA LEU A 89 -47.51 18.32 7.05
C LEU A 89 -48.28 18.23 5.74
N PHE A 90 -48.99 17.12 5.51
CA PHE A 90 -49.76 16.99 4.27
C PHE A 90 -50.74 18.14 4.12
N LYS A 91 -51.51 18.41 5.18
CA LYS A 91 -52.48 19.49 5.11
C LYS A 91 -51.78 20.84 5.11
N GLU A 92 -50.80 21.03 5.98
CA GLU A 92 -50.19 22.36 6.14
C GLU A 92 -49.43 22.77 4.88
N TRP A 93 -48.69 21.85 4.27
CA TRP A 93 -47.87 22.21 3.12
C TRP A 93 -48.53 21.84 1.79
N ASN A 94 -49.78 21.35 1.80
CA ASN A 94 -50.46 20.94 0.58
C ASN A 94 -49.57 20.00 -0.24
N ILE A 95 -49.04 18.97 0.44
CA ILE A 95 -48.05 18.09 -0.18
C ILE A 95 -48.70 17.25 -1.27
N THR A 96 -48.08 17.24 -2.45
CA THR A 96 -48.56 16.38 -3.53
C THR A 96 -47.62 15.20 -3.80
N LYS A 97 -46.36 15.27 -3.36
CA LYS A 97 -45.36 14.23 -3.62
C LYS A 97 -44.48 14.05 -2.40
N LEU A 98 -44.26 12.79 -1.99
CA LEU A 98 -43.35 12.44 -0.89
C LEU A 98 -42.33 11.40 -1.38
N SER A 99 -41.04 11.67 -1.20
CA SER A 99 -40.01 10.74 -1.66
C SER A 99 -39.19 10.22 -0.49
N ILE A 100 -38.77 8.96 -0.58
CA ILE A 100 -37.83 8.38 0.38
C ILE A 100 -36.88 7.44 -0.35
N GLU A 101 -35.68 7.33 0.20
CA GLU A 101 -34.82 6.24 -0.18
C GLU A 101 -35.29 4.99 0.57
N TYR A 102 -35.36 3.88 -0.15
CA TYR A 102 -35.84 2.62 0.42
C TYR A 102 -34.95 2.20 1.61
N ASP A 103 -35.58 1.64 2.64
CA ASP A 103 -34.85 1.09 3.78
C ASP A 103 -35.20 -0.40 3.88
N SER A 104 -34.22 -1.28 3.62
CA SER A 104 -34.45 -2.73 3.62
C SER A 104 -34.56 -3.33 5.03
N GLU A 105 -34.11 -2.63 6.05
CA GLU A 105 -34.08 -3.21 7.38
C GLU A 105 -35.50 -3.39 7.91
N PRO A 106 -35.78 -4.51 8.59
CA PRO A 106 -37.18 -4.83 8.92
C PRO A 106 -37.91 -3.76 9.71
N PHE A 107 -37.28 -3.15 10.72
CA PHE A 107 -37.96 -2.08 11.42
C PHE A 107 -38.26 -0.92 10.48
N GLY A 108 -37.30 -0.57 9.62
CA GLY A 108 -37.50 0.50 8.65
C GLY A 108 -38.59 0.20 7.65
N LYS A 109 -38.66 -1.04 7.17
CA LYS A 109 -39.66 -1.43 6.18
C LYS A 109 -41.06 -1.31 6.74
N GLU A 110 -41.25 -1.72 8.00
CA GLU A 110 -42.54 -1.61 8.68
C GLU A 110 -42.97 -0.16 8.81
N ARG A 111 -42.04 0.70 9.28
CA ARG A 111 -42.36 2.12 9.44
C ARG A 111 -42.70 2.75 8.10
N ASP A 112 -41.94 2.41 7.06
CA ASP A 112 -42.19 3.00 5.75
C ASP A 112 -43.52 2.52 5.15
N ALA A 113 -43.90 1.26 5.41
CA ALA A 113 -45.20 0.80 4.92
C ALA A 113 -46.36 1.58 5.56
N ALA A 114 -46.24 1.90 6.85
CA ALA A 114 -47.27 2.70 7.51
C ALA A 114 -47.35 4.10 6.92
N ILE A 115 -46.19 4.74 6.67
CA ILE A 115 -46.22 6.09 6.10
C ILE A 115 -46.73 6.06 4.66
N LYS A 116 -46.38 5.02 3.90
CA LYS A 116 -46.84 4.94 2.51
C LYS A 116 -48.35 4.84 2.43
N LYS A 117 -48.97 4.06 3.32
CA LYS A 117 -50.43 3.98 3.32
C LYS A 117 -51.06 5.33 3.64
N LEU A 118 -50.54 6.01 4.67
CA LEU A 118 -51.09 7.32 5.06
C LEU A 118 -50.97 8.31 3.91
N ALA A 119 -49.81 8.36 3.27
CA ALA A 119 -49.61 9.27 2.15
C ALA A 119 -50.51 8.90 0.98
N THR A 120 -50.62 7.61 0.66
CA THR A 120 -51.44 7.17 -0.47
C THR A 120 -52.90 7.51 -0.24
N GLU A 121 -53.38 7.30 0.98
CA GLU A 121 -54.78 7.59 1.31
C GLU A 121 -55.08 9.08 1.18
N ALA A 122 -54.10 9.93 1.41
CA ALA A 122 -54.29 11.37 1.32
C ALA A 122 -54.09 11.89 -0.09
N GLY A 123 -53.89 11.01 -1.06
CA GLY A 123 -53.67 11.45 -2.43
C GLY A 123 -52.28 11.95 -2.73
N VAL A 124 -51.31 11.61 -1.91
CA VAL A 124 -49.92 12.03 -2.09
C VAL A 124 -49.24 10.95 -2.91
N GLU A 125 -48.47 11.36 -3.91
CA GLU A 125 -47.68 10.38 -4.64
C GLU A 125 -46.45 9.99 -3.82
N VAL A 126 -46.25 8.70 -3.61
CA VAL A 126 -45.11 8.21 -2.82
C VAL A 126 -44.06 7.71 -3.79
N ILE A 127 -42.87 8.31 -3.72
CA ILE A 127 -41.72 7.90 -4.53
C ILE A 127 -40.74 7.17 -3.62
N VAL A 128 -40.42 5.92 -3.94
CA VAL A 128 -39.43 5.15 -3.19
C VAL A 128 -38.39 4.65 -4.18
N ARG A 129 -37.13 4.97 -3.93
CA ARG A 129 -36.07 4.52 -4.81
C ARG A 129 -34.96 3.86 -4.01
N ILE A 130 -34.39 2.81 -4.59
CA ILE A 130 -33.30 2.07 -3.95
C ILE A 130 -32.00 2.79 -4.25
N SER A 131 -31.30 3.24 -3.21
CA SER A 131 -29.98 3.84 -3.38
C SER A 131 -29.09 3.65 -2.16
N HIS A 132 -29.60 3.03 -1.08
CA HIS A 132 -28.70 2.66 0.02
C HIS A 132 -27.85 1.43 -0.30
N THR A 133 -28.32 0.54 -1.15
CA THR A 133 -27.59 -0.67 -1.51
C THR A 133 -27.28 -0.62 -2.99
N LEU A 134 -26.33 -1.46 -3.41
CA LEU A 134 -25.98 -1.59 -4.83
C LEU A 134 -27.10 -2.24 -5.63
N TYR A 135 -27.79 -3.21 -5.03
CA TYR A 135 -28.76 -4.01 -5.75
C TYR A 135 -30.11 -3.95 -5.04
N ASP A 136 -31.14 -4.32 -5.79
CA ASP A 136 -32.45 -4.63 -5.22
C ASP A 136 -32.31 -5.97 -4.50
N LEU A 137 -32.32 -5.92 -3.16
CA LEU A 137 -32.08 -7.12 -2.37
C LEU A 137 -33.17 -8.15 -2.58
N ASP A 138 -34.43 -7.71 -2.78
CA ASP A 138 -35.50 -8.67 -3.02
C ASP A 138 -35.27 -9.47 -4.30
N LYS A 139 -34.69 -8.85 -5.33
CA LYS A 139 -34.38 -9.58 -6.55
C LYS A 139 -33.30 -10.63 -6.30
N ILE A 140 -32.30 -10.33 -5.47
CA ILE A 140 -31.31 -11.35 -5.12
C ILE A 140 -31.99 -12.52 -4.45
N ILE A 141 -32.92 -12.23 -3.52
CA ILE A 141 -33.60 -13.29 -2.79
C ILE A 141 -34.47 -14.11 -3.74
N GLU A 142 -35.11 -13.45 -4.71
CA GLU A 142 -35.88 -14.17 -5.73
C GLU A 142 -34.98 -15.06 -6.59
N LEU A 143 -33.81 -14.58 -6.98
CA LEU A 143 -32.90 -15.45 -7.75
C LEU A 143 -32.47 -16.66 -6.96
N ASN A 144 -32.43 -16.55 -5.63
CA ASN A 144 -32.01 -17.64 -4.76
C ASN A 144 -33.18 -18.54 -4.35
N GLY A 145 -34.37 -18.32 -4.90
CA GLY A 145 -35.48 -19.20 -4.62
C GLY A 145 -36.36 -18.80 -3.46
N GLY A 146 -36.25 -17.55 -2.99
CA GLY A 146 -37.11 -17.04 -1.93
C GLY A 146 -36.43 -16.89 -0.57
N GLN A 147 -35.19 -17.35 -0.42
CA GLN A 147 -34.42 -17.22 0.80
C GLN A 147 -33.14 -16.45 0.51
N PRO A 148 -32.67 -15.63 1.46
CA PRO A 148 -31.37 -14.98 1.26
C PRO A 148 -30.26 -16.02 1.26
N PRO A 149 -29.19 -15.80 0.50
CA PRO A 149 -28.00 -16.65 0.63
C PRO A 149 -27.39 -16.49 2.02
N LEU A 150 -26.97 -17.60 2.60
CA LEU A 150 -26.32 -17.60 3.91
C LEU A 150 -24.83 -17.91 3.84
N THR A 151 -24.26 -17.98 2.64
CA THR A 151 -22.81 -18.05 2.46
C THR A 151 -22.41 -16.95 1.49
N TYR A 152 -21.21 -16.40 1.70
CA TYR A 152 -20.73 -15.34 0.83
C TYR A 152 -20.50 -15.85 -0.60
N LYS A 153 -20.00 -17.08 -0.76
CA LYS A 153 -19.76 -17.60 -2.11
C LYS A 153 -21.05 -17.70 -2.89
N ARG A 154 -22.11 -18.23 -2.27
CA ARG A 154 -23.40 -18.28 -2.95
C ARG A 154 -23.90 -16.88 -3.28
N PHE A 155 -23.70 -15.93 -2.35
CA PHE A 155 -24.09 -14.56 -2.62
C PHE A 155 -23.33 -14.01 -3.83
N GLN A 156 -22.04 -14.31 -3.92
CA GLN A 156 -21.24 -13.82 -5.03
C GLN A 156 -21.68 -14.44 -6.34
N THR A 157 -22.00 -15.74 -6.32
CA THR A 157 -22.53 -16.37 -7.52
C THR A 157 -23.79 -15.66 -7.96
N LEU A 158 -24.65 -15.28 -7.01
CA LEU A 158 -25.87 -14.56 -7.34
C LEU A 158 -25.57 -13.16 -7.86
N VAL A 159 -24.63 -12.46 -7.24
CA VAL A 159 -24.26 -11.14 -7.75
C VAL A 159 -23.76 -11.23 -9.18
N SER A 160 -22.97 -12.28 -9.48
CA SER A 160 -22.44 -12.43 -10.83
C SER A 160 -23.54 -12.52 -11.87
N LYS A 161 -24.71 -13.03 -11.50
CA LYS A 161 -25.82 -13.16 -12.44
C LYS A 161 -26.73 -11.94 -12.48
N MET A 162 -26.51 -10.95 -11.61
CA MET A 162 -27.33 -9.74 -11.58
C MET A 162 -26.99 -8.86 -12.78
N GLU A 163 -27.94 -8.01 -13.15
CA GLU A 163 -27.71 -7.09 -14.26
C GLU A 163 -26.67 -6.04 -13.89
N PRO A 164 -25.95 -5.51 -14.87
CA PRO A 164 -24.94 -4.47 -14.57
C PRO A 164 -25.64 -3.30 -13.89
N LEU A 165 -24.99 -2.75 -12.87
CA LEU A 165 -25.63 -1.66 -12.13
C LEU A 165 -25.80 -0.43 -13.00
N GLU A 166 -26.97 0.21 -12.88
CA GLU A 166 -27.26 1.45 -13.59
C GLU A 166 -26.44 2.60 -13.02
N MET A 167 -26.20 3.60 -13.85
CA MET A 167 -25.37 4.73 -13.47
C MET A 167 -26.00 5.51 -12.31
N PRO A 168 -25.17 6.16 -11.48
CA PRO A 168 -25.70 6.96 -10.37
C PRO A 168 -26.56 8.11 -10.88
N ALA A 169 -27.56 8.46 -10.09
CA ALA A 169 -28.39 9.60 -10.46
C ALA A 169 -27.56 10.87 -10.45
N ASP A 170 -27.95 11.81 -11.29
CA ASP A 170 -27.26 13.09 -11.35
C ASP A 170 -27.45 13.84 -10.03
N THR A 171 -26.38 14.52 -9.62
CA THR A 171 -26.42 15.30 -8.38
C THR A 171 -27.47 16.39 -8.46
N ILE A 172 -28.12 16.68 -7.33
CA ILE A 172 -29.09 17.76 -7.29
C ILE A 172 -28.34 19.09 -7.38
N THR A 173 -28.58 19.83 -8.46
CA THR A 173 -27.90 21.09 -8.71
C THR A 173 -28.92 22.20 -8.93
N SER A 174 -28.42 23.44 -9.05
CA SER A 174 -29.32 24.54 -9.38
C SER A 174 -30.06 24.25 -10.68
N ASP A 175 -29.39 23.61 -11.65
CA ASP A 175 -30.07 23.31 -12.91
C ASP A 175 -31.19 22.28 -12.72
N VAL A 176 -30.94 21.27 -11.88
CA VAL A 176 -31.97 20.27 -11.58
C VAL A 176 -33.15 20.91 -10.85
N ILE A 177 -32.86 21.77 -9.88
CA ILE A 177 -33.90 22.44 -9.12
C ILE A 177 -34.68 23.40 -10.01
N GLY A 178 -33.98 24.18 -10.84
CA GLY A 178 -34.64 25.08 -11.77
C GLY A 178 -35.49 26.09 -11.05
N LYS A 179 -36.74 26.25 -11.52
CA LYS A 179 -37.67 27.18 -10.91
C LYS A 179 -38.36 26.62 -9.68
N CYS A 180 -38.18 25.34 -9.37
CA CYS A 180 -38.69 24.82 -8.11
C CYS A 180 -38.01 25.56 -6.98
N MET A 181 -38.79 26.02 -6.01
CA MET A 181 -38.27 26.84 -4.92
C MET A 181 -38.69 26.27 -3.58
N THR A 182 -38.03 26.73 -2.53
CA THR A 182 -38.35 26.33 -1.16
C THR A 182 -38.96 27.51 -0.40
N PRO A 183 -40.23 27.48 -0.03
CA PRO A 183 -40.80 28.56 0.79
C PRO A 183 -40.12 28.59 2.16
N LEU A 184 -39.72 29.77 2.60
CA LEU A 184 -38.97 29.90 3.84
C LEU A 184 -39.51 31.05 4.68
N SER A 185 -39.26 30.96 5.98
CA SER A 185 -39.67 31.96 6.96
C SER A 185 -38.42 32.57 7.60
N ASP A 186 -38.57 33.77 8.16
CA ASP A 186 -37.46 34.41 8.84
C ASP A 186 -37.08 33.68 10.12
N ASP A 187 -38.00 32.89 10.69
CA ASP A 187 -37.79 32.15 11.92
C ASP A 187 -37.35 30.70 11.66
N HIS A 188 -36.81 30.41 10.47
CA HIS A 188 -36.51 29.02 10.12
C HIS A 188 -35.52 28.37 11.08
N ASP A 189 -34.46 29.06 11.49
CA ASP A 189 -33.47 28.38 12.31
C ASP A 189 -34.05 28.02 13.67
N GLU A 190 -34.87 28.92 14.24
CA GLU A 190 -35.49 28.67 15.54
C GLU A 190 -36.55 27.58 15.44
N LYS A 191 -37.26 27.49 14.31
CA LYS A 191 -38.35 26.53 14.16
C LYS A 191 -37.94 25.23 13.47
N TYR A 192 -36.94 25.23 12.58
CA TYR A 192 -36.58 24.03 11.82
C TYR A 192 -35.08 23.77 11.83
N GLY A 193 -34.33 24.41 12.72
CA GLY A 193 -32.88 24.31 12.70
C GLY A 193 -32.33 22.98 13.21
N VAL A 194 -31.13 22.64 12.75
CA VAL A 194 -30.47 21.41 13.20
C VAL A 194 -30.14 21.54 14.69
N PRO A 195 -30.59 20.62 15.53
CA PRO A 195 -30.35 20.75 16.97
C PRO A 195 -28.88 20.52 17.30
N SER A 196 -28.48 21.02 18.45
CA SER A 196 -27.16 20.74 18.99
C SER A 196 -27.21 19.50 19.90
N LEU A 197 -26.02 18.98 20.21
CA LEU A 197 -25.96 17.92 21.21
C LEU A 197 -26.51 18.41 22.54
N GLU A 198 -26.28 19.68 22.88
CA GLU A 198 -26.73 20.21 24.16
C GLU A 198 -28.24 20.29 24.23
N GLU A 199 -28.89 20.67 23.12
CA GLU A 199 -30.35 20.71 23.07
C GLU A 199 -30.95 19.32 23.31
N LEU A 200 -30.28 18.27 22.87
CA LEU A 200 -30.71 16.89 23.07
C LEU A 200 -30.43 16.38 24.47
N GLY A 201 -29.84 17.20 25.34
CA GLY A 201 -29.57 16.80 26.69
C GLY A 201 -28.22 16.16 26.95
N PHE A 202 -27.33 16.12 25.96
CA PHE A 202 -26.01 15.51 26.16
C PHE A 202 -25.11 16.45 26.94
N ASP A 203 -24.30 15.89 27.84
CA ASP A 203 -23.27 16.66 28.54
C ASP A 203 -22.04 16.71 27.66
N THR A 204 -21.70 17.90 27.17
CA THR A 204 -20.57 18.09 26.26
C THR A 204 -19.36 18.70 26.96
N ASP A 205 -19.41 18.88 28.29
CA ASP A 205 -18.29 19.52 28.99
C ASP A 205 -17.01 18.71 28.79
N GLY A 206 -15.97 19.36 28.28
CA GLY A 206 -14.74 18.62 28.05
C GLY A 206 -14.72 17.69 26.85
N LEU A 207 -15.72 17.73 25.98
CA LEU A 207 -15.74 16.87 24.79
C LEU A 207 -14.75 17.41 23.76
N SER A 208 -13.91 16.56 23.20
CA SER A 208 -13.01 17.10 22.19
C SER A 208 -13.58 16.88 20.79
N SER A 209 -12.94 17.50 19.80
CA SER A 209 -13.45 17.50 18.44
C SER A 209 -13.47 16.07 17.87
N ALA A 210 -14.43 15.81 17.00
CA ALA A 210 -14.60 14.47 16.46
C ALA A 210 -13.42 14.07 15.57
N VAL A 211 -12.98 12.82 15.72
CA VAL A 211 -12.04 12.25 14.77
C VAL A 211 -12.72 11.97 13.44
N TRP A 212 -14.05 11.83 13.43
CA TRP A 212 -14.79 11.49 12.22
C TRP A 212 -15.84 12.55 11.91
N PRO A 213 -15.48 13.62 11.19
CA PRO A 213 -16.48 14.66 10.88
C PRO A 213 -17.57 14.12 9.95
N GLY A 214 -18.82 14.43 10.28
CA GLY A 214 -19.92 13.94 9.50
C GLY A 214 -20.14 14.71 8.20
N GLY A 215 -20.90 14.10 7.30
CA GLY A 215 -21.39 14.87 6.17
C GLY A 215 -20.87 14.45 4.81
N GLU A 216 -21.66 14.80 3.80
CA GLU A 216 -21.35 14.44 2.42
C GLU A 216 -20.07 15.11 1.95
N THR A 217 -19.87 16.38 2.32
CA THR A 217 -18.67 17.09 1.86
C THR A 217 -17.42 16.33 2.31
N GLU A 218 -17.38 15.94 3.58
CA GLU A 218 -16.29 15.14 4.09
C GLU A 218 -16.22 13.78 3.37
N ALA A 219 -17.37 13.16 3.11
CA ALA A 219 -17.39 11.84 2.48
C ALA A 219 -16.78 11.88 1.09
N LEU A 220 -17.14 12.88 0.29
CA LEU A 220 -16.65 12.96 -1.08
C LEU A 220 -15.16 13.25 -1.15
N THR A 221 -14.62 14.09 -0.27
CA THR A 221 -13.17 14.27 -0.30
C THR A 221 -12.49 12.96 0.09
N ARG A 222 -13.04 12.24 1.08
CA ARG A 222 -12.45 10.97 1.48
C ARG A 222 -12.55 9.92 0.37
N LEU A 223 -13.64 9.92 -0.40
CA LEU A 223 -13.74 8.96 -1.50
C LEU A 223 -12.59 9.15 -2.49
N GLU A 224 -12.32 10.40 -2.86
CA GLU A 224 -11.25 10.66 -3.81
C GLU A 224 -9.90 10.19 -3.28
N ARG A 225 -9.62 10.46 -1.99
CA ARG A 225 -8.36 9.97 -1.42
C ARG A 225 -8.32 8.46 -1.40
N HIS A 226 -9.44 7.82 -1.07
CA HIS A 226 -9.47 6.37 -1.01
C HIS A 226 -9.21 5.74 -2.37
N LEU A 227 -9.80 6.28 -3.43
CA LEU A 227 -9.59 5.72 -4.76
C LEU A 227 -8.16 5.87 -5.21
N GLU A 228 -7.54 7.03 -4.93
CA GLU A 228 -6.18 7.27 -5.36
C GLU A 228 -5.22 6.28 -4.71
N ARG A 229 -5.37 6.04 -3.40
CA ARG A 229 -4.49 5.07 -2.75
C ARG A 229 -4.78 3.65 -3.21
N LYS A 230 -6.06 3.28 -3.40
CA LYS A 230 -6.36 1.91 -3.80
C LYS A 230 -5.82 1.58 -5.19
N ALA A 231 -6.00 2.49 -6.16
CA ALA A 231 -5.54 2.22 -7.52
C ALA A 231 -4.02 2.16 -7.61
N TRP A 232 -3.36 3.25 -7.29
CA TRP A 232 -1.93 3.38 -7.52
C TRP A 232 -1.06 2.95 -6.33
N VAL A 233 -1.52 3.17 -5.09
CA VAL A 233 -0.74 2.76 -3.93
C VAL A 233 -1.02 1.33 -3.49
N ALA A 234 -1.88 0.61 -4.21
CA ALA A 234 -2.13 -0.79 -3.87
C ALA A 234 -2.17 -1.71 -5.07
N ASN A 235 -2.10 -1.20 -6.30
CA ASN A 235 -2.37 -1.96 -7.51
C ASN A 235 -3.68 -2.75 -7.39
N PHE A 236 -4.65 -2.15 -6.72
CA PHE A 236 -5.99 -2.68 -6.51
C PHE A 236 -5.97 -3.93 -5.64
N GLU A 237 -4.86 -4.18 -4.94
CA GLU A 237 -4.76 -5.26 -3.96
C GLU A 237 -5.00 -4.73 -2.54
N ARG A 238 -5.11 -5.65 -1.60
CA ARG A 238 -5.14 -5.28 -0.19
C ARG A 238 -3.72 -5.13 0.32
N PRO A 239 -3.31 -3.96 0.81
CA PRO A 239 -1.93 -3.83 1.33
C PRO A 239 -1.76 -4.45 2.71
N ARG A 240 -0.51 -4.66 3.08
CA ARG A 240 -0.19 -5.21 4.40
C ARG A 240 -0.57 -4.22 5.51
N MET A 241 -0.89 -4.76 6.68
CA MET A 241 -1.14 -3.96 7.87
C MET A 241 0.17 -3.47 8.46
N ASN A 242 0.15 -2.27 9.00
CA ASN A 242 1.32 -1.74 9.69
C ASN A 242 0.90 -1.28 11.09
N ALA A 243 1.86 -0.68 11.80
CA ALA A 243 1.61 -0.27 13.18
C ALA A 243 0.46 0.72 13.25
N ASN A 244 0.45 1.70 12.35
CA ASN A 244 -0.54 2.76 12.40
C ASN A 244 -1.86 2.38 11.74
N SER A 245 -2.03 1.14 11.27
CA SER A 245 -3.30 0.75 10.63
C SER A 245 -4.46 0.77 11.62
N LEU A 246 -4.19 0.65 12.92
CA LEU A 246 -5.25 0.69 13.92
C LEU A 246 -5.80 2.10 14.13
N LEU A 247 -5.11 3.12 13.66
CA LEU A 247 -5.54 4.50 13.88
C LEU A 247 -6.48 4.92 12.74
N ALA A 248 -7.42 5.81 13.07
CA ALA A 248 -8.38 6.30 12.09
C ALA A 248 -7.66 6.87 10.89
N SER A 249 -8.06 6.46 9.72
CA SER A 249 -7.47 6.84 8.45
C SER A 249 -8.22 8.01 7.82
N PRO A 250 -7.50 8.94 7.18
CA PRO A 250 -8.18 9.97 6.37
C PRO A 250 -8.85 9.42 5.12
N THR A 251 -8.63 8.15 4.79
CA THR A 251 -9.30 7.52 3.66
C THR A 251 -10.46 6.62 4.07
N GLY A 252 -10.79 6.56 5.36
CA GLY A 252 -11.83 5.65 5.83
C GLY A 252 -13.22 6.16 5.46
N LEU A 253 -14.04 5.26 4.91
CA LEU A 253 -15.35 5.63 4.41
C LEU A 253 -16.51 4.96 5.12
N SER A 254 -16.26 4.01 6.01
CA SER A 254 -17.35 3.17 6.50
C SER A 254 -18.43 3.95 7.26
N PRO A 255 -18.13 4.95 8.11
CA PRO A 255 -19.23 5.75 8.68
C PRO A 255 -20.06 6.47 7.63
N TYR A 256 -19.42 7.00 6.60
CA TYR A 256 -20.12 7.75 5.56
C TYR A 256 -21.04 6.84 4.75
N LEU A 257 -20.63 5.60 4.49
CA LEU A 257 -21.53 4.66 3.81
C LEU A 257 -22.73 4.29 4.69
N ARG A 258 -22.51 4.13 6.00
CA ARG A 258 -23.60 3.74 6.91
C ARG A 258 -24.67 4.84 7.01
N PHE A 259 -24.25 6.11 7.07
CA PHE A 259 -25.21 7.19 7.18
C PHE A 259 -25.72 7.66 5.83
N GLY A 260 -25.16 7.17 4.73
CA GLY A 260 -25.58 7.60 3.42
C GLY A 260 -24.98 8.90 2.91
N CYS A 261 -23.99 9.46 3.64
CA CYS A 261 -23.24 10.62 3.15
C CYS A 261 -22.51 10.29 1.85
N LEU A 262 -22.14 9.03 1.66
CA LEU A 262 -21.48 8.56 0.46
C LEU A 262 -22.32 7.47 -0.17
N SER A 263 -22.62 7.63 -1.46
CA SER A 263 -23.35 6.59 -2.18
C SER A 263 -22.47 5.37 -2.44
N CYS A 264 -22.97 4.18 -2.10
CA CYS A 264 -22.22 2.97 -2.45
C CYS A 264 -22.16 2.79 -3.96
N ARG A 265 -23.19 3.24 -4.66
CA ARG A 265 -23.19 3.12 -6.11
C ARG A 265 -22.14 4.03 -6.74
N LEU A 266 -21.98 5.25 -6.23
CA LEU A 266 -20.91 6.12 -6.74
C LEU A 266 -19.54 5.50 -6.50
N PHE A 267 -19.33 4.96 -5.29
CA PHE A 267 -18.09 4.29 -4.96
C PHE A 267 -17.80 3.16 -5.93
N TYR A 268 -18.83 2.34 -6.19
CA TYR A 268 -18.68 1.20 -7.10
C TYR A 268 -18.29 1.66 -8.49
N PHE A 269 -19.01 2.65 -9.03
CA PHE A 269 -18.72 3.11 -10.39
C PHE A 269 -17.36 3.76 -10.49
N LYS A 270 -16.98 4.58 -9.51
CA LYS A 270 -15.69 5.25 -9.54
C LYS A 270 -14.55 4.23 -9.40
N LEU A 271 -14.77 3.20 -8.59
CA LEU A 271 -13.77 2.13 -8.48
C LEU A 271 -13.65 1.33 -9.79
N THR A 272 -14.77 0.98 -10.40
CA THR A 272 -14.74 0.25 -11.67
C THR A 272 -14.06 1.07 -12.76
N ASP A 273 -14.43 2.35 -12.85
CA ASP A 273 -13.88 3.20 -13.90
C ASP A 273 -12.39 3.37 -13.76
N LEU A 274 -11.92 3.55 -12.51
CA LEU A 274 -10.49 3.68 -12.25
C LEU A 274 -9.75 2.39 -12.58
N TYR A 275 -10.34 1.24 -12.24
CA TYR A 275 -9.74 -0.04 -12.63
C TYR A 275 -9.64 -0.17 -14.16
N LYS A 276 -10.70 0.23 -14.87
CA LYS A 276 -10.70 0.19 -16.33
C LYS A 276 -9.65 1.14 -16.93
N LYS A 277 -9.39 2.28 -16.29
CA LYS A 277 -8.35 3.16 -16.79
C LYS A 277 -6.97 2.53 -16.60
N VAL A 278 -6.70 2.00 -15.41
CA VAL A 278 -5.37 1.49 -15.11
C VAL A 278 -5.14 0.13 -15.80
N LYS A 279 -6.14 -0.75 -15.74
CA LYS A 279 -6.11 -2.05 -16.40
C LYS A 279 -6.95 -1.87 -17.66
N LYS A 280 -6.31 -1.62 -18.79
CA LYS A 280 -7.03 -1.26 -20.01
C LYS A 280 -8.04 -2.30 -20.47
N ASN A 281 -9.32 -1.95 -20.34
CA ASN A 281 -10.42 -2.75 -20.87
C ASN A 281 -10.53 -4.11 -20.19
N SER A 282 -10.08 -4.20 -18.94
CA SER A 282 -10.28 -5.41 -18.16
C SER A 282 -11.36 -5.17 -17.13
N SER A 283 -12.20 -6.16 -16.93
CA SER A 283 -13.21 -5.96 -15.93
C SER A 283 -12.70 -6.56 -14.64
N PRO A 284 -12.96 -5.86 -13.53
CA PRO A 284 -12.35 -6.23 -12.27
C PRO A 284 -12.95 -7.48 -11.66
N PRO A 285 -12.17 -8.23 -10.88
CA PRO A 285 -12.73 -9.35 -10.11
C PRO A 285 -13.62 -8.84 -9.00
N LEU A 286 -14.59 -9.67 -8.58
CA LEU A 286 -15.49 -9.22 -7.52
C LEU A 286 -14.75 -8.90 -6.23
N SER A 287 -13.55 -9.45 -6.02
CA SER A 287 -12.81 -9.10 -4.81
C SER A 287 -12.53 -7.61 -4.72
N LEU A 288 -12.49 -6.90 -5.87
CA LEU A 288 -12.30 -5.46 -5.83
C LEU A 288 -13.39 -4.75 -5.02
N TYR A 289 -14.60 -5.30 -5.00
CA TYR A 289 -15.73 -4.68 -4.30
C TYR A 289 -16.06 -5.37 -2.98
N GLY A 290 -15.08 -6.03 -2.36
CA GLY A 290 -15.37 -6.88 -1.21
C GLY A 290 -16.07 -6.17 -0.07
N GLN A 291 -15.64 -4.96 0.27
CA GLN A 291 -16.27 -4.23 1.36
C GLN A 291 -17.74 -3.91 1.04
N LEU A 292 -18.01 -3.42 -0.17
CA LEU A 292 -19.39 -3.17 -0.55
C LEU A 292 -20.21 -4.45 -0.62
N LEU A 293 -19.61 -5.55 -1.10
CA LEU A 293 -20.35 -6.80 -1.26
C LEU A 293 -20.64 -7.48 0.06
N TRP A 294 -19.70 -7.43 1.00
CA TRP A 294 -19.98 -7.94 2.35
C TRP A 294 -21.12 -7.17 2.98
N ARG A 295 -21.15 -5.86 2.74
CA ARG A 295 -22.23 -5.02 3.23
C ARG A 295 -23.57 -5.44 2.63
N GLU A 296 -23.62 -5.67 1.31
CA GLU A 296 -24.87 -6.13 0.65
C GLU A 296 -25.29 -7.49 1.19
N PHE A 297 -24.31 -8.36 1.44
CA PHE A 297 -24.62 -9.73 1.86
C PHE A 297 -25.41 -9.71 3.17
N PHE A 298 -24.97 -8.90 4.13
CA PHE A 298 -25.64 -8.78 5.43
C PHE A 298 -26.98 -8.07 5.32
N TYR A 299 -27.09 -7.02 4.50
CA TYR A 299 -28.39 -6.39 4.29
C TYR A 299 -29.39 -7.38 3.68
N THR A 300 -28.93 -8.19 2.72
CA THR A 300 -29.78 -9.19 2.11
C THR A 300 -30.22 -10.23 3.11
N ALA A 301 -29.28 -10.67 3.98
CA ALA A 301 -29.58 -11.69 4.96
C ALA A 301 -30.61 -11.22 5.97
N ALA A 302 -30.59 -9.93 6.29
CA ALA A 302 -31.39 -9.38 7.36
C ALA A 302 -32.76 -8.89 6.93
N THR A 303 -32.97 -8.58 5.64
CA THR A 303 -34.13 -7.76 5.27
C THR A 303 -35.46 -8.44 5.63
N ASN A 304 -35.54 -9.77 5.52
CA ASN A 304 -36.77 -10.50 5.82
C ASN A 304 -36.74 -11.17 7.19
N ASN A 305 -35.78 -10.83 8.03
CA ASN A 305 -35.66 -11.48 9.35
C ASN A 305 -35.77 -10.43 10.44
N PRO A 306 -36.95 -10.19 11.01
CA PRO A 306 -37.07 -9.15 12.04
C PRO A 306 -36.31 -9.45 13.32
N ARG A 307 -35.87 -10.70 13.52
CA ARG A 307 -35.09 -11.07 14.70
C ARG A 307 -33.62 -11.31 14.38
N PHE A 308 -33.10 -10.69 13.32
CA PHE A 308 -31.71 -10.93 12.90
C PHE A 308 -30.73 -10.60 14.02
N ASP A 309 -31.06 -9.63 14.87
CA ASP A 309 -30.21 -9.21 15.97
C ASP A 309 -30.46 -9.97 17.25
N LYS A 310 -31.14 -11.10 17.19
CA LYS A 310 -31.45 -11.89 18.38
C LYS A 310 -30.98 -13.31 18.20
N MET A 311 -30.82 -14.00 19.32
CA MET A 311 -30.57 -15.44 19.29
C MET A 311 -31.90 -16.20 19.31
N GLU A 312 -32.69 -16.02 20.36
CA GLU A 312 -34.00 -16.67 20.47
C GLU A 312 -34.93 -16.09 19.43
N GLY A 313 -35.68 -16.95 18.76
CA GLY A 313 -36.61 -16.53 17.74
C GLY A 313 -35.99 -16.21 16.39
N ASN A 314 -34.69 -16.38 16.25
CA ASN A 314 -33.98 -16.14 15.01
C ASN A 314 -33.75 -17.48 14.32
N PRO A 315 -34.44 -17.80 13.22
CA PRO A 315 -34.33 -19.15 12.67
C PRO A 315 -32.94 -19.48 12.16
N ILE A 316 -32.10 -18.49 11.83
CA ILE A 316 -30.77 -18.82 11.32
C ILE A 316 -29.70 -18.89 12.41
N CYS A 317 -30.04 -18.70 13.67
CA CYS A 317 -29.02 -18.59 14.71
C CYS A 317 -29.00 -19.85 15.55
N VAL A 318 -27.80 -20.41 15.75
CA VAL A 318 -27.64 -21.51 16.69
C VAL A 318 -27.89 -21.03 18.11
N GLN A 319 -28.65 -21.80 18.87
CA GLN A 319 -28.97 -21.50 20.26
C GLN A 319 -27.85 -22.04 21.15
N ILE A 320 -27.08 -21.14 21.75
CA ILE A 320 -25.91 -21.51 22.54
C ILE A 320 -26.12 -21.02 23.96
N PRO A 321 -25.81 -21.82 24.97
CA PRO A 321 -26.00 -21.38 26.37
C PRO A 321 -24.90 -20.45 26.86
N TRP A 322 -24.95 -19.21 26.39
CA TRP A 322 -23.99 -18.20 26.84
C TRP A 322 -24.17 -17.90 28.33
N ASP A 323 -23.09 -17.48 28.98
CA ASP A 323 -23.17 -17.06 30.37
C ASP A 323 -23.82 -15.70 30.47
N LYS A 324 -24.52 -15.49 31.58
CA LYS A 324 -24.99 -14.16 31.98
C LYS A 324 -24.01 -13.71 33.05
N ASN A 325 -23.24 -12.66 32.75
CA ASN A 325 -22.23 -12.13 33.68
C ASN A 325 -22.16 -10.61 33.57
N PRO A 326 -23.02 -9.90 34.31
CA PRO A 326 -23.05 -8.41 34.19
C PRO A 326 -21.74 -7.73 34.54
N GLU A 327 -21.03 -8.23 35.56
CA GLU A 327 -19.75 -7.63 35.93
C GLU A 327 -18.73 -7.79 34.81
N ALA A 328 -18.67 -8.98 34.21
CA ALA A 328 -17.70 -9.22 33.15
C ALA A 328 -18.01 -8.38 31.93
N LEU A 329 -19.29 -8.29 31.57
CA LEU A 329 -19.68 -7.52 30.41
C LEU A 329 -19.36 -6.03 30.57
N ALA A 330 -19.70 -5.45 31.73
CA ALA A 330 -19.40 -4.04 31.99
C ALA A 330 -17.90 -3.79 31.95
N LYS A 331 -17.10 -4.71 32.50
CA LYS A 331 -15.65 -4.55 32.42
C LYS A 331 -15.20 -4.50 30.97
N TRP A 332 -15.74 -5.41 30.14
CA TRP A 332 -15.43 -5.43 28.72
C TRP A 332 -15.86 -4.15 28.02
N ALA A 333 -17.10 -3.72 28.30
CA ALA A 333 -17.67 -2.55 27.64
C ALA A 333 -16.95 -1.26 28.05
N GLU A 334 -16.44 -1.21 29.28
CA GLU A 334 -15.77 0.00 29.76
C GLU A 334 -14.26 -0.05 29.54
N GLY A 335 -13.75 -1.10 28.90
CA GLY A 335 -12.33 -1.23 28.71
C GLY A 335 -11.58 -1.35 30.02
N ARG A 336 -12.09 -2.18 30.93
CA ARG A 336 -11.45 -2.44 32.22
C ARG A 336 -11.16 -3.93 32.39
N THR A 337 -10.80 -4.63 31.29
CA THR A 337 -10.54 -6.06 31.36
C THR A 337 -9.24 -6.40 32.07
N GLY A 338 -8.29 -5.46 32.15
CA GLY A 338 -6.97 -5.77 32.61
C GLY A 338 -6.04 -6.26 31.53
N PHE A 339 -6.56 -6.45 30.32
CA PHE A 339 -5.69 -6.71 29.18
C PHE A 339 -5.61 -5.41 28.41
N PRO A 340 -4.45 -4.72 28.43
CA PRO A 340 -4.35 -3.40 27.78
C PRO A 340 -4.73 -3.38 26.29
N TRP A 341 -4.36 -4.42 25.53
CA TRP A 341 -4.71 -4.47 24.11
C TRP A 341 -6.22 -4.42 23.92
N ILE A 342 -6.93 -5.26 24.65
CA ILE A 342 -8.39 -5.25 24.63
C ILE A 342 -8.91 -3.90 25.14
N ASP A 343 -8.34 -3.42 26.26
CA ASP A 343 -8.86 -2.19 26.87
C ASP A 343 -8.58 -0.97 25.99
N ALA A 344 -7.44 -0.95 25.32
CA ALA A 344 -7.13 0.15 24.39
C ALA A 344 -8.13 0.21 23.24
N ILE A 345 -8.46 -0.95 22.67
CA ILE A 345 -9.44 -0.99 21.58
C ILE A 345 -10.78 -0.45 22.05
N MET A 346 -11.27 -0.93 23.19
CA MET A 346 -12.56 -0.50 23.70
C MET A 346 -12.57 0.98 24.06
N THR A 347 -11.41 1.50 24.47
CA THR A 347 -11.26 2.92 24.73
C THR A 347 -11.33 3.72 23.44
N GLN A 348 -10.61 3.30 22.40
CA GLN A 348 -10.71 3.99 21.11
C GLN A 348 -12.12 3.92 20.57
N LEU A 349 -12.81 2.79 20.78
CA LEU A 349 -14.18 2.66 20.31
C LEU A 349 -15.07 3.71 20.98
N ARG A 350 -15.00 3.81 22.31
CA ARG A 350 -15.82 4.76 23.02
C ARG A 350 -15.46 6.20 22.65
N GLN A 351 -14.16 6.50 22.55
CA GLN A 351 -13.77 7.90 22.33
C GLN A 351 -14.02 8.38 20.90
N GLU A 352 -13.81 7.52 19.89
CA GLU A 352 -13.82 7.99 18.51
C GLU A 352 -14.92 7.41 17.64
N GLY A 353 -15.47 6.23 17.97
CA GLY A 353 -16.53 5.61 17.21
C GLY A 353 -16.11 4.70 16.08
N TRP A 354 -14.81 4.45 15.91
CA TRP A 354 -14.37 3.50 14.90
C TRP A 354 -13.14 2.77 15.43
N ILE A 355 -13.08 1.48 15.13
CA ILE A 355 -11.92 0.65 15.40
C ILE A 355 -11.77 -0.24 14.17
N HIS A 356 -10.54 -0.70 13.97
CA HIS A 356 -10.21 -1.56 12.83
C HIS A 356 -10.94 -2.89 12.91
N HIS A 357 -11.18 -3.48 11.74
CA HIS A 357 -11.83 -4.79 11.67
C HIS A 357 -11.06 -5.84 12.45
N LEU A 358 -9.73 -5.81 12.37
CA LEU A 358 -8.93 -6.75 13.16
C LEU A 358 -9.13 -6.52 14.66
N ALA A 359 -9.25 -5.26 15.07
CA ALA A 359 -9.52 -4.94 16.47
C ALA A 359 -10.92 -5.42 16.87
N ARG A 360 -11.89 -5.28 15.97
CA ARG A 360 -13.24 -5.79 16.28
C ARG A 360 -13.22 -7.29 16.51
N HIS A 361 -12.53 -8.04 15.65
CA HIS A 361 -12.42 -9.48 15.84
C HIS A 361 -11.80 -9.81 17.20
N ALA A 362 -10.74 -9.09 17.57
CA ALA A 362 -10.06 -9.37 18.83
C ALA A 362 -11.01 -9.19 20.03
N VAL A 363 -11.70 -8.05 20.10
CA VAL A 363 -12.56 -7.85 21.28
C VAL A 363 -13.84 -8.69 21.20
N ALA A 364 -14.38 -8.93 20.00
CA ALA A 364 -15.56 -9.79 19.90
C ALA A 364 -15.23 -11.23 20.30
N CYS A 365 -14.09 -11.74 19.85
CA CYS A 365 -13.63 -13.06 20.28
C CYS A 365 -13.44 -13.10 21.80
N PHE A 366 -12.78 -12.08 22.36
CA PHE A 366 -12.57 -12.05 23.81
C PHE A 366 -13.90 -12.12 24.55
N LEU A 367 -14.91 -11.38 24.08
CA LEU A 367 -16.19 -11.39 24.77
C LEU A 367 -16.94 -12.71 24.63
N THR A 368 -16.92 -13.32 23.43
CA THR A 368 -17.77 -14.47 23.13
C THR A 368 -16.99 -15.79 23.21
N ARG A 369 -16.61 -16.37 22.05
CA ARG A 369 -16.06 -17.74 22.03
C ARG A 369 -14.75 -17.85 22.77
N GLY A 370 -13.96 -16.77 22.86
CA GLY A 370 -12.61 -16.84 23.40
C GLY A 370 -12.45 -16.88 24.90
N ASP A 371 -12.95 -15.86 25.62
CA ASP A 371 -12.62 -15.66 27.03
C ASP A 371 -13.82 -15.58 27.96
N LEU A 372 -14.78 -14.68 27.71
CA LEU A 372 -15.85 -14.46 28.68
C LEU A 372 -17.09 -15.31 28.46
N TRP A 373 -17.29 -15.87 27.27
CA TRP A 373 -18.47 -16.71 26.96
C TRP A 373 -19.79 -15.97 27.25
N ILE A 374 -19.83 -14.69 26.87
CA ILE A 374 -21.03 -13.87 26.96
C ILE A 374 -21.68 -13.76 25.58
N SER A 375 -23.01 -13.65 25.55
CA SER A 375 -23.75 -13.66 24.30
C SER A 375 -23.29 -12.58 23.32
N TRP A 376 -23.28 -12.94 22.04
CA TRP A 376 -22.94 -12.01 20.99
C TRP A 376 -23.90 -10.83 20.94
N GLU A 377 -25.14 -11.00 21.43
CA GLU A 377 -26.10 -9.90 21.46
C GLU A 377 -25.63 -8.77 22.35
N GLU A 378 -24.97 -9.10 23.47
CA GLU A 378 -24.49 -8.04 24.36
C GLU A 378 -23.32 -7.29 23.72
N GLY A 379 -22.47 -8.00 23.00
CA GLY A 379 -21.44 -7.33 22.23
C GLY A 379 -22.01 -6.48 21.10
N MET A 380 -23.01 -7.00 20.41
CA MET A 380 -23.65 -6.24 19.34
C MET A 380 -24.26 -4.94 19.87
N LYS A 381 -24.90 -4.98 21.04
CA LYS A 381 -25.58 -3.80 21.56
C LYS A 381 -24.60 -2.69 21.92
N VAL A 382 -23.46 -3.04 22.52
CA VAL A 382 -22.41 -2.06 22.79
C VAL A 382 -21.88 -1.44 21.49
N PHE A 383 -21.59 -2.28 20.49
CA PHE A 383 -21.13 -1.77 19.19
C PHE A 383 -22.20 -0.90 18.56
N GLU A 384 -23.49 -1.26 18.75
CA GLU A 384 -24.55 -0.43 18.21
C GLU A 384 -24.54 0.96 18.83
N GLU A 385 -24.28 1.04 20.12
CA GLU A 385 -24.21 2.35 20.77
C GLU A 385 -23.01 3.16 20.29
N LEU A 386 -21.87 2.50 20.08
CA LEU A 386 -20.60 3.22 19.95
C LEU A 386 -20.04 3.29 18.54
N LEU A 387 -20.27 2.28 17.67
CA LEU A 387 -19.63 2.22 16.34
C LEU A 387 -20.37 3.04 15.31
N LEU A 388 -19.65 3.98 14.68
CA LEU A 388 -20.23 4.83 13.66
C LEU A 388 -20.73 4.03 12.46
N ASP A 389 -20.07 2.94 12.11
CA ASP A 389 -20.44 2.18 10.92
C ASP A 389 -21.25 0.92 11.23
N ALA A 390 -21.79 0.81 12.44
CA ALA A 390 -22.47 -0.42 12.88
C ALA A 390 -23.93 -0.39 12.41
N ASP A 391 -24.12 -0.60 11.10
CA ASP A 391 -25.48 -0.77 10.63
C ASP A 391 -26.04 -2.04 11.26
N TRP A 392 -27.34 -2.01 11.55
CA TRP A 392 -28.01 -3.07 12.30
C TRP A 392 -27.75 -4.43 11.69
N SER A 393 -27.87 -4.52 10.35
CA SER A 393 -27.66 -5.78 9.65
C SER A 393 -26.20 -6.24 9.72
N ILE A 394 -25.26 -5.35 9.39
CA ILE A 394 -23.86 -5.75 9.36
C ILE A 394 -23.37 -6.06 10.77
N ASN A 395 -23.79 -5.25 11.76
CA ASN A 395 -23.37 -5.47 13.14
C ASN A 395 -23.87 -6.83 13.63
N ALA A 396 -25.18 -7.10 13.50
CA ALA A 396 -25.70 -8.37 14.00
C ALA A 396 -25.10 -9.56 13.25
N GLY A 397 -25.00 -9.47 11.93
CA GLY A 397 -24.42 -10.57 11.17
C GLY A 397 -22.98 -10.85 11.53
N SER A 398 -22.17 -9.80 11.71
CA SER A 398 -20.77 -10.02 12.07
C SER A 398 -20.66 -10.71 13.42
N TRP A 399 -21.44 -10.27 14.41
CA TRP A 399 -21.37 -10.87 15.74
C TRP A 399 -21.81 -12.33 15.74
N MET A 400 -22.86 -12.66 14.97
CA MET A 400 -23.25 -14.06 14.82
C MET A 400 -22.16 -14.86 14.12
N TRP A 401 -21.54 -14.27 13.08
CA TRP A 401 -20.49 -14.95 12.34
C TRP A 401 -19.31 -15.26 13.23
N LEU A 402 -18.82 -14.25 13.96
CA LEU A 402 -17.62 -14.44 14.78
C LEU A 402 -17.88 -15.36 15.97
N SER A 403 -19.10 -15.41 16.49
CA SER A 403 -19.36 -16.25 17.65
C SER A 403 -19.69 -17.69 17.25
N CYS A 404 -19.61 -18.00 15.96
CA CYS A 404 -19.98 -19.32 15.43
C CYS A 404 -21.45 -19.61 15.72
N SER A 405 -22.27 -18.56 15.65
CA SER A 405 -23.70 -18.69 15.85
C SER A 405 -24.49 -18.79 14.54
N SER A 406 -23.92 -18.37 13.42
CA SER A 406 -24.56 -18.55 12.12
C SER A 406 -23.49 -18.54 11.04
N PHE A 407 -23.91 -18.76 9.79
CA PHE A 407 -23.00 -18.75 8.62
C PHE A 407 -21.81 -19.70 8.79
N PHE A 408 -22.01 -20.80 9.55
CA PHE A 408 -20.94 -21.72 9.98
C PHE A 408 -19.87 -21.02 10.84
N CYS A 414 -8.41 -18.63 18.01
CA CYS A 414 -8.52 -17.85 19.24
C CYS A 414 -7.44 -16.79 19.35
N TYR A 415 -7.84 -15.52 19.29
CA TYR A 415 -6.91 -14.41 19.42
C TYR A 415 -6.36 -14.34 20.85
N CYS A 416 -5.06 -14.18 20.98
CA CYS A 416 -4.51 -14.03 22.34
C CYS A 416 -4.64 -12.57 22.75
N PRO A 417 -5.29 -12.25 23.87
CA PRO A 417 -5.48 -10.84 24.27
C PRO A 417 -4.20 -10.15 24.74
N VAL A 418 -3.10 -10.88 24.90
CA VAL A 418 -1.81 -10.31 25.29
C VAL A 418 -0.89 -10.13 24.08
N GLY A 419 -0.55 -11.24 23.42
CA GLY A 419 0.54 -11.23 22.46
C GLY A 419 0.27 -10.76 21.05
N PHE A 420 -0.97 -10.84 20.58
CA PHE A 420 -1.25 -10.68 19.15
C PHE A 420 -0.75 -9.33 18.60
N GLY A 421 -1.05 -8.22 19.28
CA GLY A 421 -0.68 -6.91 18.76
C GLY A 421 0.82 -6.65 18.67
N ARG A 422 1.61 -7.29 19.53
CA ARG A 422 3.02 -6.94 19.65
C ARG A 422 3.80 -7.07 18.36
N ARG A 423 3.45 -8.00 17.46
CA ARG A 423 4.31 -8.21 16.30
C ARG A 423 4.30 -7.00 15.37
N THR A 424 3.12 -6.44 15.14
CA THR A 424 2.98 -5.24 14.32
C THR A 424 3.24 -3.96 15.15
N ASP A 425 3.03 -4.00 16.48
CA ASP A 425 3.22 -2.82 17.36
C ASP A 425 4.04 -3.25 18.56
N PRO A 426 5.36 -3.47 18.38
CA PRO A 426 6.18 -3.98 19.49
C PRO A 426 6.32 -3.00 20.65
N ASN A 427 6.39 -1.70 20.36
CA ASN A 427 6.51 -0.71 21.44
C ASN A 427 5.20 -0.48 22.19
N GLY A 428 4.07 -1.00 21.72
CA GLY A 428 2.83 -0.71 22.42
C GLY A 428 2.38 0.73 22.28
N ASP A 429 2.66 1.35 21.13
CA ASP A 429 2.26 2.74 20.90
C ASP A 429 0.75 2.91 20.89
N TYR A 430 0.02 1.93 20.35
CA TYR A 430 -1.44 1.98 20.38
C TYR A 430 -1.97 1.95 21.81
N ILE A 431 -1.40 1.09 22.65
CA ILE A 431 -1.82 1.05 24.06
C ILE A 431 -1.58 2.40 24.72
N ARG A 432 -0.38 2.96 24.51
CA ARG A 432 -0.02 4.22 25.16
C ARG A 432 -0.90 5.35 24.70
N ARG A 433 -1.33 5.32 23.44
CA ARG A 433 -2.18 6.40 22.96
C ARG A 433 -3.49 6.45 23.74
N TYR A 434 -4.15 5.29 23.93
CA TYR A 434 -5.50 5.23 24.47
C TYR A 434 -5.57 4.90 25.96
N LEU A 435 -4.50 4.40 26.58
CA LEU A 435 -4.51 4.08 28.02
C LEU A 435 -3.39 4.86 28.69
N PRO A 436 -3.59 6.15 28.94
CA PRO A 436 -2.51 6.97 29.50
C PRO A 436 -2.01 6.47 30.85
N VAL A 437 -2.84 5.76 31.62
CA VAL A 437 -2.42 5.27 32.92
C VAL A 437 -1.23 4.31 32.81
N LEU A 438 -1.02 3.71 31.63
CA LEU A 438 0.05 2.73 31.39
C LEU A 438 1.26 3.29 30.67
N ARG A 439 1.31 4.60 30.38
CA ARG A 439 2.39 5.15 29.57
C ARG A 439 3.75 4.96 30.22
N GLY A 440 3.81 4.90 31.55
CA GLY A 440 5.09 4.67 32.24
C GLY A 440 5.71 3.31 32.01
N PHE A 441 4.94 2.31 31.57
CA PHE A 441 5.47 0.95 31.45
C PHE A 441 6.37 0.81 30.23
N PRO A 442 7.51 0.11 30.34
CA PRO A 442 8.33 -0.16 29.17
C PRO A 442 7.63 -1.16 28.26
N ALA A 443 8.15 -1.26 27.03
CA ALA A 443 7.53 -2.15 26.06
C ALA A 443 7.52 -3.60 26.55
N LYS A 444 8.48 -3.95 27.42
CA LYS A 444 8.54 -5.32 27.91
C LYS A 444 7.26 -5.73 28.62
N TYR A 445 6.57 -4.77 29.23
CA TYR A 445 5.39 -5.10 30.02
C TYR A 445 4.11 -4.43 29.56
N ILE A 446 4.13 -3.64 28.49
CA ILE A 446 2.99 -2.78 28.16
C ILE A 446 1.75 -3.60 27.85
N TYR A 447 1.94 -4.80 27.27
CA TYR A 447 0.84 -5.71 26.95
C TYR A 447 0.45 -6.63 28.12
N ASP A 448 1.32 -6.80 29.10
CA ASP A 448 1.06 -7.69 30.22
C ASP A 448 1.60 -7.06 31.50
N PRO A 449 1.04 -5.92 31.92
CA PRO A 449 1.65 -5.17 33.05
C PRO A 449 1.58 -5.89 34.38
N TRP A 450 0.66 -6.85 34.54
CA TRP A 450 0.61 -7.63 35.77
C TRP A 450 1.93 -8.37 36.04
N ASN A 451 2.74 -8.62 35.00
CA ASN A 451 4.06 -9.21 35.17
C ASN A 451 5.15 -8.19 35.45
N ALA A 452 4.84 -6.90 35.41
CA ALA A 452 5.88 -5.92 35.74
C ALA A 452 6.23 -6.00 37.22
N PRO A 453 7.52 -5.90 37.57
CA PRO A 453 7.89 -5.84 38.99
C PRO A 453 7.29 -4.61 39.67
N GLU A 454 7.10 -4.72 40.99
CA GLU A 454 6.52 -3.63 41.76
C GLU A 454 7.29 -2.34 41.54
N GLY A 455 8.63 -2.43 41.42
CA GLY A 455 9.44 -1.26 41.18
C GLY A 455 9.10 -0.57 39.88
N ILE A 456 8.79 -1.33 38.84
CA ILE A 456 8.38 -0.72 37.58
C ILE A 456 7.01 -0.07 37.74
N GLN A 457 6.09 -0.75 38.42
CA GLN A 457 4.77 -0.18 38.65
C GLN A 457 4.86 1.13 39.42
N LYS A 458 5.77 1.20 40.41
CA LYS A 458 5.89 2.40 41.23
C LYS A 458 6.39 3.59 40.42
N VAL A 459 7.45 3.38 39.63
CA VAL A 459 7.96 4.44 38.75
C VAL A 459 6.91 4.85 37.74
N ALA A 460 6.20 3.88 37.18
CA ALA A 460 5.12 4.20 36.26
C ALA A 460 3.95 4.89 36.96
N LYS A 461 3.91 4.86 38.30
CA LYS A 461 2.81 5.43 39.07
C LYS A 461 1.49 4.73 38.74
N CYS A 462 1.56 3.44 38.41
CA CYS A 462 0.38 2.64 38.13
C CYS A 462 0.57 1.26 38.77
N LEU A 463 -0.14 1.00 39.88
CA LEU A 463 -0.05 -0.29 40.56
C LEU A 463 -1.15 -1.19 40.03
N ILE A 464 -0.79 -2.37 39.52
CA ILE A 464 -1.78 -3.24 38.92
C ILE A 464 -2.69 -3.78 40.00
N GLY A 465 -3.99 -3.66 39.80
CA GLY A 465 -4.95 -3.95 40.84
C GLY A 465 -5.41 -2.72 41.59
N VAL A 466 -4.78 -1.56 41.34
CA VAL A 466 -5.11 -0.32 42.02
C VAL A 466 -5.47 0.74 40.99
N ASN A 467 -4.48 1.21 40.25
CA ASN A 467 -4.68 2.23 39.22
C ASN A 467 -5.21 1.66 37.92
N TYR A 468 -4.88 0.41 37.64
CA TYR A 468 -5.29 -0.32 36.47
C TYR A 468 -5.61 -1.73 36.94
N PRO A 469 -6.69 -2.33 36.45
CA PRO A 469 -7.11 -3.61 36.99
C PRO A 469 -6.19 -4.77 36.61
N LYS A 470 -6.19 -5.80 37.46
CA LYS A 470 -5.56 -7.05 37.12
C LYS A 470 -6.34 -7.71 35.99
N PRO A 471 -5.71 -8.62 35.23
CA PRO A 471 -6.45 -9.30 34.17
C PRO A 471 -7.66 -10.02 34.74
N MET A 472 -8.81 -9.81 34.09
CA MET A 472 -10.06 -10.34 34.60
C MET A 472 -10.18 -11.86 34.45
N VAL A 473 -9.41 -12.48 33.57
CA VAL A 473 -9.36 -13.93 33.46
C VAL A 473 -7.93 -14.37 33.18
N ASN A 474 -7.72 -15.66 33.39
CA ASN A 474 -6.54 -16.36 32.88
C ASN A 474 -6.87 -16.76 31.45
N HIS A 475 -6.25 -16.11 30.47
CA HIS A 475 -6.64 -16.36 29.09
C HIS A 475 -6.40 -17.82 28.69
N ALA A 476 -5.30 -18.42 29.13
CA ALA A 476 -5.01 -19.79 28.76
C ALA A 476 -6.09 -20.75 29.27
N GLU A 477 -6.45 -20.62 30.55
CA GLU A 477 -7.48 -21.51 31.08
C GLU A 477 -8.84 -21.20 30.49
N ALA A 478 -9.19 -19.91 30.34
CA ALA A 478 -10.50 -19.55 29.82
C ALA A 478 -10.67 -20.02 28.38
N SER A 479 -9.67 -19.75 27.54
CA SER A 479 -9.75 -20.14 26.13
C SER A 479 -9.86 -21.65 25.99
N ARG A 480 -9.10 -22.40 26.79
CA ARG A 480 -9.16 -23.86 26.69
C ARG A 480 -10.56 -24.37 27.01
N LEU A 481 -11.14 -23.88 28.11
CA LEU A 481 -12.47 -24.35 28.47
C LEU A 481 -13.50 -23.97 27.42
N ASN A 482 -13.38 -22.76 26.86
CA ASN A 482 -14.35 -22.30 25.87
C ASN A 482 -14.20 -23.01 24.52
N ILE A 483 -12.99 -23.35 24.10
CA ILE A 483 -12.81 -24.16 22.91
C ILE A 483 -13.48 -25.52 23.10
N GLU A 484 -13.31 -26.12 24.28
CA GLU A 484 -13.97 -27.38 24.58
C GLU A 484 -15.48 -27.24 24.55
N ARG A 485 -16.01 -26.16 25.12
CA ARG A 485 -17.47 -25.97 25.12
C ARG A 485 -18.01 -25.84 23.69
N MET A 486 -17.31 -25.09 22.83
CA MET A 486 -17.79 -24.91 21.45
C MET A 486 -17.76 -26.24 20.71
N LYS A 487 -16.74 -27.05 20.95
CA LYS A 487 -16.69 -28.37 20.32
C LYS A 487 -17.85 -29.23 20.79
N GLN A 488 -18.13 -29.23 22.09
CA GLN A 488 -19.24 -30.02 22.61
C GLN A 488 -20.56 -29.56 22.00
N ILE A 489 -20.75 -28.25 21.83
CA ILE A 489 -21.99 -27.80 21.19
C ILE A 489 -22.05 -28.33 19.77
N TYR A 490 -20.97 -28.17 19.01
CA TYR A 490 -20.92 -28.67 17.63
C TYR A 490 -20.56 -30.16 17.60
N VAL B 5 -17.50 39.35 -19.47
CA VAL B 5 -16.62 38.20 -19.22
C VAL B 5 -15.53 38.60 -18.25
N ASN B 6 -15.69 38.20 -16.99
CA ASN B 6 -14.73 38.52 -15.93
C ASN B 6 -13.89 37.30 -15.59
N ALA B 7 -12.59 37.40 -15.79
CA ALA B 7 -11.66 36.29 -15.67
C ALA B 7 -10.68 36.49 -14.53
N VAL B 8 -10.38 35.41 -13.81
CA VAL B 8 -9.34 35.42 -12.78
C VAL B 8 -8.29 34.35 -13.12
N HIS B 9 -7.02 34.72 -13.03
CA HIS B 9 -5.93 33.78 -13.10
C HIS B 9 -5.35 33.62 -11.70
N TRP B 10 -5.27 32.37 -11.24
CA TRP B 10 -4.80 32.05 -9.89
C TRP B 10 -3.35 31.56 -9.98
N PHE B 11 -2.43 32.36 -9.46
CA PHE B 11 -1.01 32.00 -9.37
C PHE B 11 -0.79 31.10 -8.17
N ARG B 12 -0.04 30.01 -8.36
CA ARG B 12 0.41 29.20 -7.22
C ARG B 12 1.90 28.95 -7.41
N LYS B 13 2.23 28.10 -8.36
CA LYS B 13 3.52 28.10 -9.04
C LYS B 13 3.30 28.92 -10.30
N GLY B 14 4.16 28.74 -11.30
CA GLY B 14 4.01 29.53 -12.51
C GLY B 14 4.00 31.02 -12.23
N LEU B 15 4.83 31.47 -11.29
CA LEU B 15 4.82 32.89 -10.89
C LEU B 15 5.60 33.72 -11.90
N ARG B 16 5.04 33.83 -13.10
CA ARG B 16 5.75 34.48 -14.20
C ARG B 16 4.76 34.90 -15.26
N LEU B 17 5.19 35.85 -16.09
CA LEU B 17 4.41 36.26 -17.24
C LEU B 17 4.85 35.58 -18.53
N HIS B 18 6.08 35.09 -18.60
CA HIS B 18 6.50 34.34 -19.77
C HIS B 18 5.97 32.93 -19.66
N ASP B 19 5.74 32.33 -20.83
CA ASP B 19 5.27 30.96 -20.94
C ASP B 19 4.21 30.62 -19.89
N ASN B 20 3.12 31.37 -19.92
CA ASN B 20 1.99 31.15 -19.02
C ASN B 20 0.74 30.92 -19.87
N PRO B 21 0.61 29.74 -20.48
CA PRO B 21 -0.54 29.49 -21.38
C PRO B 21 -1.88 29.56 -20.67
N ALA B 22 -1.95 29.17 -19.39
CA ALA B 22 -3.22 29.33 -18.68
C ALA B 22 -3.63 30.80 -18.59
N LEU B 23 -2.70 31.67 -18.21
CA LEU B 23 -3.03 33.10 -18.17
C LEU B 23 -3.36 33.64 -19.56
N LYS B 24 -2.57 33.24 -20.57
CA LYS B 24 -2.80 33.75 -21.93
C LYS B 24 -4.18 33.35 -22.44
N GLU B 25 -4.59 32.09 -22.22
CA GLU B 25 -5.92 31.66 -22.63
C GLU B 25 -6.99 32.40 -21.84
N CYS B 26 -6.73 32.68 -20.56
CA CYS B 26 -7.73 33.29 -19.71
C CYS B 26 -8.05 34.72 -20.18
N ILE B 27 -7.03 35.46 -20.60
CA ILE B 27 -7.25 36.80 -21.11
C ILE B 27 -8.01 36.78 -22.43
N GLN B 28 -7.78 35.76 -23.26
CA GLN B 28 -8.40 35.73 -24.58
C GLN B 28 -9.92 35.77 -24.45
N GLY B 29 -10.53 36.80 -25.04
CA GLY B 29 -11.97 37.00 -24.99
C GLY B 29 -12.54 37.48 -23.68
N ALA B 30 -11.73 38.09 -22.81
CA ALA B 30 -12.16 38.52 -21.49
C ALA B 30 -12.28 40.05 -21.45
N ASP B 31 -13.34 40.53 -20.81
CA ASP B 31 -13.47 41.97 -20.61
C ASP B 31 -12.60 42.47 -19.45
N THR B 32 -12.47 41.69 -18.37
CA THR B 32 -11.66 42.06 -17.22
C THR B 32 -10.77 40.88 -16.83
N ILE B 33 -9.56 41.19 -16.35
CA ILE B 33 -8.62 40.18 -15.85
C ILE B 33 -8.10 40.63 -14.49
N ARG B 34 -8.12 39.70 -13.52
CA ARG B 34 -7.49 39.89 -12.22
C ARG B 34 -6.61 38.68 -11.91
N CYS B 35 -5.35 38.93 -11.57
CA CYS B 35 -4.41 37.90 -11.16
C CYS B 35 -4.36 37.88 -9.64
N VAL B 36 -4.51 36.69 -9.05
CA VAL B 36 -4.58 36.57 -7.60
C VAL B 36 -3.56 35.55 -7.12
N TYR B 37 -3.02 35.82 -5.96
CA TYR B 37 -2.29 34.85 -5.18
C TYR B 37 -2.99 34.73 -3.83
N ILE B 38 -3.27 33.50 -3.40
CA ILE B 38 -4.01 33.28 -2.16
C ILE B 38 -3.01 32.85 -1.10
N LEU B 39 -2.90 33.64 -0.04
CA LEU B 39 -1.91 33.43 1.00
C LEU B 39 -2.62 33.27 2.34
N ASP B 40 -2.34 32.17 3.05
CA ASP B 40 -2.95 31.96 4.35
C ASP B 40 -1.92 32.23 5.43
N PRO B 41 -2.03 33.33 6.18
CA PRO B 41 -1.07 33.66 7.23
C PRO B 41 -1.49 33.19 8.63
N VAL B 49 7.10 25.93 6.62
CA VAL B 49 7.79 26.83 5.71
C VAL B 49 8.67 27.82 6.51
N GLY B 50 9.98 27.82 6.25
CA GLY B 50 10.91 28.70 6.96
C GLY B 50 10.97 30.09 6.34
N ILE B 51 11.73 30.97 6.99
CA ILE B 51 11.77 32.38 6.59
C ILE B 51 12.25 32.54 5.14
N ASN B 52 13.25 31.75 4.72
CA ASN B 52 13.82 31.95 3.39
C ASN B 52 12.83 31.64 2.29
N ARG B 53 12.04 30.58 2.46
CA ARG B 53 11.01 30.28 1.47
C ARG B 53 9.93 31.37 1.43
N TRP B 54 9.49 31.85 2.60
CA TRP B 54 8.53 32.95 2.61
C TRP B 54 9.13 34.21 1.99
N ARG B 55 10.38 34.53 2.34
CA ARG B 55 11.01 35.71 1.75
C ARG B 55 11.14 35.59 0.25
N PHE B 56 11.56 34.41 -0.24
CA PHE B 56 11.68 34.21 -1.69
C PHE B 56 10.34 34.41 -2.36
N LEU B 57 9.28 33.82 -1.78
CA LEU B 57 7.94 33.92 -2.33
C LEU B 57 7.49 35.37 -2.42
N LEU B 58 7.63 36.13 -1.33
CA LEU B 58 7.17 37.51 -1.36
C LEU B 58 7.91 38.33 -2.41
N GLN B 59 9.20 38.07 -2.61
CA GLN B 59 9.92 38.73 -3.69
C GLN B 59 9.40 38.29 -5.06
N CYS B 60 9.01 37.03 -5.20
CA CYS B 60 8.36 36.58 -6.44
C CYS B 60 7.11 37.38 -6.72
N LEU B 61 6.31 37.62 -5.67
CA LEU B 61 5.05 38.34 -5.78
C LEU B 61 5.26 39.83 -6.01
N GLU B 62 6.25 40.44 -5.33
CA GLU B 62 6.58 41.82 -5.62
C GLU B 62 7.00 41.99 -7.07
N ASP B 63 7.78 41.03 -7.58
CA ASP B 63 8.22 41.08 -8.97
C ASP B 63 7.03 40.97 -9.93
N LEU B 64 6.13 40.02 -9.66
CA LEU B 64 4.93 39.90 -10.48
C LEU B 64 4.10 41.19 -10.45
N ASP B 65 3.93 41.77 -9.26
CA ASP B 65 3.16 42.99 -9.14
C ASP B 65 3.78 44.12 -9.94
N ALA B 66 5.11 44.27 -9.88
CA ALA B 66 5.76 45.33 -10.66
C ALA B 66 5.63 45.10 -12.16
N ASN B 67 5.75 43.84 -12.61
CA ASN B 67 5.58 43.58 -14.03
C ASN B 67 4.12 43.74 -14.45
N LEU B 68 3.17 43.32 -13.60
CA LEU B 68 1.76 43.58 -13.89
C LEU B 68 1.49 45.08 -13.95
N ARG B 69 2.20 45.89 -13.16
CA ARG B 69 2.02 47.35 -13.22
C ARG B 69 2.37 47.90 -14.60
N LYS B 70 3.40 47.34 -15.24
CA LYS B 70 3.74 47.80 -16.58
C LYS B 70 2.62 47.55 -17.57
N LEU B 71 1.74 46.59 -17.28
CA LEU B 71 0.62 46.26 -18.13
C LEU B 71 -0.67 46.94 -17.68
N ASN B 72 -0.57 47.96 -16.82
CA ASN B 72 -1.72 48.68 -16.25
C ASN B 72 -2.60 47.75 -15.42
N SER B 73 -1.96 46.82 -14.75
CA SER B 73 -2.63 45.87 -13.89
C SER B 73 -1.91 45.86 -12.54
N ARG B 74 -2.36 44.99 -11.64
CA ARG B 74 -1.75 44.80 -10.34
C ARG B 74 -1.94 43.35 -9.95
N LEU B 75 -1.08 42.86 -9.06
CA LEU B 75 -1.32 41.58 -8.44
C LEU B 75 -2.29 41.77 -7.29
N PHE B 76 -3.23 40.85 -7.16
CA PHE B 76 -4.16 40.83 -6.06
C PHE B 76 -3.69 39.75 -5.09
N VAL B 77 -3.16 40.13 -3.94
CA VAL B 77 -2.82 39.17 -2.91
C VAL B 77 -3.98 39.11 -1.91
N ILE B 78 -4.61 37.94 -1.82
CA ILE B 78 -5.80 37.75 -1.00
C ILE B 78 -5.43 36.88 0.20
N ARG B 79 -5.78 37.35 1.40
CA ARG B 79 -5.49 36.62 2.63
C ARG B 79 -6.62 35.64 2.93
N GLY B 80 -6.27 34.38 3.11
CA GLY B 80 -7.28 33.40 3.44
C GLY B 80 -6.96 32.05 2.83
N GLN B 81 -7.94 31.16 2.91
CA GLN B 81 -7.97 29.82 2.36
C GLN B 81 -8.78 29.82 1.06
N PRO B 82 -8.26 29.15 0.04
CA PRO B 82 -8.92 29.19 -1.27
C PRO B 82 -10.37 28.74 -1.26
N ALA B 83 -10.69 27.71 -0.47
CA ALA B 83 -12.06 27.20 -0.45
C ALA B 83 -13.04 28.23 0.13
N ASP B 84 -12.60 29.04 1.11
CA ASP B 84 -13.45 30.12 1.61
C ASP B 84 -13.44 31.32 0.69
N VAL B 85 -12.26 31.64 0.17
CA VAL B 85 -12.04 32.90 -0.55
C VAL B 85 -12.74 32.89 -1.90
N PHE B 86 -12.64 31.80 -2.64
CA PHE B 86 -13.11 31.85 -4.02
C PHE B 86 -14.61 32.04 -4.19
N PRO B 87 -15.49 31.35 -3.44
CA PRO B 87 -16.93 31.62 -3.64
C PRO B 87 -17.31 33.07 -3.41
N ARG B 88 -16.67 33.76 -2.45
CA ARG B 88 -16.90 35.20 -2.28
C ARG B 88 -16.37 35.98 -3.47
N LEU B 89 -15.18 35.63 -3.96
CA LEU B 89 -14.60 36.36 -5.10
C LEU B 89 -15.46 36.18 -6.35
N PHE B 90 -15.98 34.97 -6.56
CA PHE B 90 -16.83 34.71 -7.71
C PHE B 90 -18.05 35.63 -7.70
N LYS B 91 -18.71 35.74 -6.55
CA LYS B 91 -19.90 36.57 -6.43
C LYS B 91 -19.54 38.05 -6.47
N GLU B 92 -18.50 38.46 -5.72
CA GLU B 92 -18.18 39.88 -5.63
C GLU B 92 -17.73 40.44 -6.97
N TRP B 93 -16.94 39.67 -7.72
CA TRP B 93 -16.39 40.14 -8.99
C TRP B 93 -17.16 39.61 -10.21
N ASN B 94 -18.26 38.88 -10.00
CA ASN B 94 -19.06 38.32 -11.10
C ASN B 94 -18.18 37.55 -12.07
N ILE B 95 -17.35 36.66 -11.52
CA ILE B 95 -16.34 35.95 -12.28
C ILE B 95 -16.98 34.87 -13.16
N THR B 96 -16.57 34.83 -14.43
CA THR B 96 -17.02 33.78 -15.33
C THR B 96 -15.94 32.77 -15.70
N LYS B 97 -14.66 33.11 -15.49
CA LYS B 97 -13.54 32.28 -15.91
C LYS B 97 -12.43 32.29 -14.86
N LEU B 98 -11.93 31.11 -14.52
CA LEU B 98 -10.81 30.91 -13.61
C LEU B 98 -9.77 30.05 -14.28
N SER B 99 -8.51 30.50 -14.29
CA SER B 99 -7.41 29.77 -14.90
C SER B 99 -6.36 29.43 -13.85
N ILE B 100 -5.75 28.25 -14.02
CA ILE B 100 -4.64 27.81 -13.19
C ILE B 100 -3.65 27.04 -14.06
N GLU B 101 -2.39 27.10 -13.68
CA GLU B 101 -1.41 26.17 -14.21
C GLU B 101 -1.59 24.85 -13.47
N TYR B 102 -1.59 23.76 -14.22
CA TYR B 102 -1.83 22.44 -13.63
C TYR B 102 -0.78 22.13 -12.56
N ASP B 103 -1.24 21.52 -11.47
CA ASP B 103 -0.38 21.06 -10.38
C ASP B 103 -0.53 19.54 -10.30
N SER B 104 0.53 18.82 -10.70
CA SER B 104 0.51 17.36 -10.76
C SER B 104 0.61 16.71 -9.38
N GLU B 105 1.04 17.45 -8.37
CA GLU B 105 1.28 16.87 -7.07
C GLU B 105 -0.02 16.45 -6.39
N PRO B 106 -0.02 15.34 -5.66
CA PRO B 106 -1.30 14.81 -5.14
C PRO B 106 -2.09 15.78 -4.29
N PHE B 107 -1.47 16.50 -3.35
CA PHE B 107 -2.20 17.49 -2.55
C PHE B 107 -2.74 18.63 -3.42
N GLY B 108 -1.92 19.10 -4.38
CA GLY B 108 -2.40 20.13 -5.28
C GLY B 108 -3.59 19.65 -6.10
N LYS B 109 -3.56 18.39 -6.53
CA LYS B 109 -4.67 17.85 -7.30
C LYS B 109 -5.96 17.83 -6.49
N GLU B 110 -5.87 17.45 -5.21
CA GLU B 110 -7.05 17.47 -4.34
C GLU B 110 -7.58 18.89 -4.14
N ARG B 111 -6.69 19.85 -3.91
CA ARG B 111 -7.14 21.22 -3.69
C ARG B 111 -7.83 21.77 -4.94
N ASP B 112 -7.24 21.54 -6.11
CA ASP B 112 -7.79 22.08 -7.35
C ASP B 112 -9.12 21.43 -7.72
N ALA B 113 -9.28 20.13 -7.43
CA ALA B 113 -10.59 19.51 -7.66
C ALA B 113 -11.65 20.12 -6.76
N ALA B 114 -11.29 20.46 -5.53
CA ALA B 114 -12.25 21.12 -4.66
C ALA B 114 -12.64 22.49 -5.20
N ILE B 115 -11.66 23.26 -5.68
CA ILE B 115 -12.02 24.57 -6.21
C ILE B 115 -12.82 24.41 -7.50
N LYS B 116 -12.52 23.39 -8.32
CA LYS B 116 -13.28 23.20 -9.54
C LYS B 116 -14.75 22.95 -9.25
N LYS B 117 -15.05 22.18 -8.21
CA LYS B 117 -16.45 21.98 -7.83
C LYS B 117 -17.09 23.30 -7.41
N LEU B 118 -16.35 24.12 -6.65
CA LEU B 118 -16.88 25.42 -6.25
C LEU B 118 -17.16 26.28 -7.47
N ALA B 119 -16.26 26.28 -8.44
CA ALA B 119 -16.48 27.08 -9.65
C ALA B 119 -17.70 26.60 -10.42
N THR B 120 -17.88 25.28 -10.49
CA THR B 120 -19.02 24.72 -11.20
C THR B 120 -20.33 25.16 -10.55
N GLU B 121 -20.39 25.17 -9.22
CA GLU B 121 -21.61 25.63 -8.54
C GLU B 121 -21.87 27.11 -8.84
N ALA B 122 -20.82 27.89 -9.05
CA ALA B 122 -20.94 29.31 -9.34
C ALA B 122 -21.02 29.63 -10.83
N GLY B 123 -21.05 28.61 -11.70
CA GLY B 123 -21.12 28.88 -13.12
C GLY B 123 -19.82 29.34 -13.75
N VAL B 124 -18.68 29.07 -13.11
CA VAL B 124 -17.38 29.52 -13.60
C VAL B 124 -16.72 28.41 -14.40
N GLU B 125 -16.25 28.76 -15.60
CA GLU B 125 -15.44 27.86 -16.41
C GLU B 125 -14.00 27.83 -15.92
N VAL B 126 -13.45 26.63 -15.74
CA VAL B 126 -12.10 26.46 -15.25
C VAL B 126 -11.18 26.05 -16.39
N ILE B 127 -10.14 26.84 -16.61
CA ILE B 127 -9.10 26.60 -17.61
C ILE B 127 -7.88 26.06 -16.88
N VAL B 128 -7.38 24.88 -17.30
CA VAL B 128 -6.18 24.30 -16.72
C VAL B 128 -5.19 24.02 -17.85
N ARG B 129 -3.96 24.52 -17.71
CA ARG B 129 -2.94 24.26 -18.71
C ARG B 129 -1.67 23.77 -18.03
N ILE B 130 -1.00 22.83 -18.70
CA ILE B 130 0.23 22.25 -18.19
C ILE B 130 1.40 23.12 -18.60
N SER B 131 2.14 23.64 -17.60
CA SER B 131 3.37 24.39 -17.88
C SER B 131 4.41 24.34 -16.75
N HIS B 132 4.15 23.67 -15.63
CA HIS B 132 5.21 23.48 -14.63
C HIS B 132 6.20 22.38 -15.05
N THR B 133 5.79 21.44 -15.89
CA THR B 133 6.64 20.33 -16.31
C THR B 133 6.85 20.41 -17.81
N LEU B 134 7.83 19.63 -18.31
CA LEU B 134 8.10 19.62 -19.74
C LEU B 134 6.95 18.98 -20.49
N TYR B 135 6.36 17.94 -19.93
CA TYR B 135 5.39 17.11 -20.59
C TYR B 135 4.16 16.97 -19.73
N ASP B 136 3.10 16.53 -20.37
CA ASP B 136 1.93 16.01 -19.68
C ASP B 136 2.33 14.69 -19.03
N LEU B 137 2.43 14.66 -17.70
CA LEU B 137 2.96 13.49 -17.02
C LEU B 137 2.07 12.27 -17.27
N ASP B 138 0.76 12.49 -17.34
CA ASP B 138 -0.17 11.39 -17.58
C ASP B 138 0.10 10.72 -18.93
N LYS B 139 0.51 11.49 -19.94
CA LYS B 139 0.85 10.90 -21.24
C LYS B 139 2.05 9.98 -21.15
N ILE B 140 3.07 10.37 -20.37
CA ILE B 140 4.22 9.49 -20.15
C ILE B 140 3.78 8.19 -19.50
N ILE B 141 2.92 8.30 -18.50
CA ILE B 141 2.48 7.11 -17.78
C ILE B 141 1.66 6.21 -18.69
N GLU B 142 0.80 6.80 -19.54
CA GLU B 142 0.04 6.01 -20.50
C GLU B 142 0.95 5.34 -21.52
N LEU B 143 1.97 6.06 -21.98
CA LEU B 143 2.92 5.46 -22.92
C LEU B 143 3.61 4.25 -22.30
N ASN B 144 3.72 4.22 -20.97
CA ASN B 144 4.35 3.12 -20.23
C ASN B 144 3.35 2.03 -19.83
N GLY B 145 2.10 2.14 -20.26
CA GLY B 145 1.12 1.12 -19.98
C GLY B 145 0.29 1.34 -18.73
N GLY B 146 0.34 2.54 -18.15
CA GLY B 146 -0.45 2.90 -17.00
C GLY B 146 0.32 3.03 -15.70
N GLN B 147 1.61 2.72 -15.67
CA GLN B 147 2.38 2.91 -14.45
C GLN B 147 3.57 3.82 -14.70
N PRO B 148 3.97 4.63 -13.73
CA PRO B 148 5.16 5.45 -13.92
C PRO B 148 6.38 4.57 -14.11
N PRO B 149 7.36 5.02 -14.89
CA PRO B 149 8.64 4.31 -14.95
C PRO B 149 9.31 4.34 -13.59
N LEU B 150 9.93 3.23 -13.20
CA LEU B 150 10.62 3.23 -11.92
C LEU B 150 12.12 3.42 -12.04
N THR B 151 12.66 3.54 -13.26
CA THR B 151 14.06 3.86 -13.46
C THR B 151 14.18 5.03 -14.44
N TYR B 152 15.25 5.80 -14.24
CA TYR B 152 15.53 6.93 -15.11
C TYR B 152 15.81 6.47 -16.54
N LYS B 153 16.45 5.31 -16.69
CA LYS B 153 16.72 4.78 -18.03
C LYS B 153 15.40 4.51 -18.76
N ARG B 154 14.46 3.85 -18.07
CA ARG B 154 13.15 3.61 -18.66
C ARG B 154 12.42 4.93 -18.95
N PHE B 155 12.55 5.90 -18.05
CA PHE B 155 11.94 7.21 -18.28
C PHE B 155 12.48 7.87 -19.54
N GLN B 156 13.80 7.80 -19.75
CA GLN B 156 14.41 8.39 -20.95
C GLN B 156 13.95 7.68 -22.22
N THR B 157 13.79 6.38 -22.15
CA THR B 157 13.26 5.66 -23.31
C THR B 157 11.89 6.18 -23.68
N LEU B 158 11.04 6.41 -22.67
CA LEU B 158 9.70 6.92 -22.93
C LEU B 158 9.73 8.34 -23.48
N VAL B 159 10.57 9.19 -22.90
CA VAL B 159 10.69 10.58 -23.34
C VAL B 159 11.12 10.65 -24.79
N SER B 160 12.06 9.79 -25.19
CA SER B 160 12.55 9.81 -26.56
C SER B 160 11.44 9.50 -27.57
N LYS B 161 10.41 8.75 -27.17
CA LYS B 161 9.35 8.40 -28.10
C LYS B 161 8.15 9.35 -28.03
N MET B 162 8.15 10.35 -27.14
CA MET B 162 7.06 11.32 -27.07
C MET B 162 7.10 12.29 -28.24
N GLU B 163 5.96 12.90 -28.52
CA GLU B 163 5.93 14.00 -29.46
C GLU B 163 6.76 15.15 -28.89
N PRO B 164 7.26 16.04 -29.74
CA PRO B 164 8.15 17.10 -29.27
C PRO B 164 7.53 17.95 -28.17
N LEU B 165 8.38 18.41 -27.25
CA LEU B 165 7.92 19.24 -26.14
C LEU B 165 7.28 20.52 -26.69
N GLU B 166 6.27 21.01 -26.00
CA GLU B 166 5.64 22.24 -26.47
C GLU B 166 6.61 23.42 -26.39
N MET B 167 6.47 24.33 -27.35
CA MET B 167 7.26 25.56 -27.35
C MET B 167 6.78 26.48 -26.23
N PRO B 168 7.64 27.32 -25.68
CA PRO B 168 7.17 28.26 -24.63
C PRO B 168 6.14 29.23 -25.21
N ALA B 169 5.10 29.48 -24.44
CA ALA B 169 4.06 30.44 -24.85
C ALA B 169 4.62 31.86 -24.84
N ASP B 170 4.00 32.73 -25.66
CA ASP B 170 4.39 34.14 -25.70
C ASP B 170 4.12 34.80 -24.36
N THR B 171 5.03 35.71 -23.98
CA THR B 171 4.89 36.51 -22.77
C THR B 171 3.68 37.43 -22.86
N ILE B 172 3.03 37.64 -21.72
CA ILE B 172 1.90 38.57 -21.68
C ILE B 172 2.40 40.00 -21.88
N THR B 173 1.96 40.64 -22.95
CA THR B 173 2.34 42.00 -23.27
C THR B 173 1.07 42.82 -23.44
N SER B 174 1.23 44.14 -23.59
CA SER B 174 0.06 45.01 -23.71
C SER B 174 -0.86 44.60 -24.86
N ASP B 175 -0.29 44.20 -26.00
CA ASP B 175 -1.11 43.80 -27.16
C ASP B 175 -1.86 42.50 -26.88
N VAL B 176 -1.25 41.57 -26.12
CA VAL B 176 -1.96 40.38 -25.66
C VAL B 176 -3.14 40.78 -24.79
N ILE B 177 -2.92 41.72 -23.87
CA ILE B 177 -4.01 42.16 -22.99
C ILE B 177 -5.11 42.82 -23.80
N GLY B 178 -4.75 43.66 -24.78
CA GLY B 178 -5.72 44.28 -25.65
C GLY B 178 -6.73 45.14 -24.90
N LYS B 179 -8.00 44.98 -25.21
CA LYS B 179 -9.03 45.79 -24.57
C LYS B 179 -9.38 45.31 -23.16
N CYS B 180 -8.85 44.15 -22.75
CA CYS B 180 -9.02 43.63 -21.40
C CYS B 180 -8.46 44.59 -20.38
N MET B 181 -9.19 44.79 -19.31
CA MET B 181 -8.72 45.77 -18.34
C MET B 181 -8.74 45.17 -16.94
N THR B 182 -7.99 45.76 -16.03
CA THR B 182 -8.04 45.28 -14.66
C THR B 182 -8.72 46.36 -13.84
N PRO B 183 -9.91 46.12 -13.27
CA PRO B 183 -10.52 47.15 -12.41
C PRO B 183 -9.70 47.31 -11.13
N LEU B 184 -9.42 48.55 -10.78
CA LEU B 184 -8.53 48.85 -9.67
C LEU B 184 -9.14 49.94 -8.80
N SER B 185 -8.80 49.91 -7.53
CA SER B 185 -9.29 50.87 -6.56
C SER B 185 -8.11 51.63 -5.97
N ASP B 186 -8.41 52.81 -5.40
CA ASP B 186 -7.37 53.60 -4.75
C ASP B 186 -6.84 52.92 -3.49
N ASP B 187 -7.60 52.01 -2.90
CA ASP B 187 -7.21 51.28 -1.71
C ASP B 187 -6.63 49.91 -2.01
N HIS B 188 -6.16 49.69 -3.25
CA HIS B 188 -5.71 48.36 -3.65
C HIS B 188 -4.59 47.87 -2.73
N ASP B 189 -3.60 48.72 -2.47
CA ASP B 189 -2.47 48.31 -1.64
C ASP B 189 -2.91 47.97 -0.24
N GLU B 190 -3.91 48.68 0.28
CA GLU B 190 -4.38 48.43 1.64
C GLU B 190 -5.04 47.06 1.76
N LYS B 191 -5.77 46.64 0.73
CA LYS B 191 -6.52 45.39 0.78
C LYS B 191 -5.83 44.25 0.05
N TYR B 192 -5.03 44.53 -0.97
CA TYR B 192 -4.49 43.46 -1.81
C TYR B 192 -2.97 43.54 -1.99
N GLY B 193 -2.29 44.32 -1.16
CA GLY B 193 -0.86 44.50 -1.32
C GLY B 193 -0.08 43.27 -0.91
N VAL B 194 1.13 43.17 -1.45
CA VAL B 194 2.00 42.04 -1.07
C VAL B 194 2.37 42.16 0.40
N PRO B 195 2.16 41.12 1.21
CA PRO B 195 2.46 41.22 2.64
C PRO B 195 3.94 41.33 2.95
N SER B 196 4.22 41.84 4.14
CA SER B 196 5.57 41.82 4.68
C SER B 196 5.81 40.52 5.42
N LEU B 197 7.09 40.24 5.67
CA LEU B 197 7.44 39.12 6.53
C LEU B 197 6.84 39.30 7.94
N GLU B 198 6.73 40.53 8.41
CA GLU B 198 6.18 40.75 9.75
C GLU B 198 4.70 40.38 9.80
N GLU B 199 3.96 40.69 8.73
CA GLU B 199 2.53 40.33 8.70
C GLU B 199 2.36 38.82 8.83
N LEU B 200 3.28 38.04 8.26
CA LEU B 200 3.23 36.58 8.42
C LEU B 200 3.74 36.13 9.79
N GLY B 201 4.15 37.05 10.64
CA GLY B 201 4.59 36.73 11.97
C GLY B 201 6.08 36.48 12.12
N PHE B 202 6.87 36.64 11.07
CA PHE B 202 8.30 36.43 11.19
C PHE B 202 8.98 37.67 11.74
N ASP B 203 9.94 37.46 12.64
CA ASP B 203 10.79 38.55 13.10
C ASP B 203 11.89 38.71 12.07
N THR B 204 11.90 39.84 11.35
CA THR B 204 12.86 40.04 10.27
C THR B 204 14.02 40.93 10.70
N ASP B 205 14.05 41.37 11.96
CA ASP B 205 15.15 42.19 12.43
C ASP B 205 16.42 41.34 12.43
N GLY B 206 17.51 41.91 11.89
CA GLY B 206 18.78 41.20 11.78
C GLY B 206 18.96 40.38 10.52
N LEU B 207 18.00 40.43 9.60
CA LEU B 207 18.09 39.66 8.35
C LEU B 207 18.96 40.43 7.35
N SER B 208 19.87 39.71 6.70
CA SER B 208 20.69 40.29 5.64
C SER B 208 20.06 39.96 4.29
N SER B 209 20.68 40.46 3.22
CA SER B 209 20.16 40.27 1.87
C SER B 209 20.19 38.80 1.44
N ALA B 210 19.19 38.43 0.65
CA ALA B 210 19.11 37.08 0.13
C ALA B 210 20.18 36.85 -0.92
N VAL B 211 20.84 35.69 -0.85
CA VAL B 211 21.73 35.22 -1.91
C VAL B 211 20.90 34.77 -3.10
N TRP B 212 19.62 34.50 -2.88
CA TRP B 212 18.72 34.02 -3.91
C TRP B 212 17.53 34.98 -3.99
N PRO B 213 17.67 36.09 -4.71
CA PRO B 213 16.54 37.02 -4.85
C PRO B 213 15.41 36.36 -5.64
N GLY B 214 14.18 36.54 -5.17
CA GLY B 214 13.07 35.89 -5.82
C GLY B 214 12.65 36.59 -7.12
N GLY B 215 11.95 35.82 -7.98
CA GLY B 215 11.25 36.44 -9.09
C GLY B 215 11.62 36.11 -10.51
N GLU B 216 10.66 36.36 -11.40
CA GLU B 216 10.84 36.08 -12.83
C GLU B 216 11.92 36.97 -13.44
N THR B 217 11.99 38.24 -13.04
CA THR B 217 13.02 39.12 -13.57
C THR B 217 14.42 38.58 -13.27
N GLU B 218 14.67 38.21 -12.02
CA GLU B 218 15.97 37.61 -11.67
C GLU B 218 16.20 36.30 -12.43
N ALA B 219 15.17 35.45 -12.53
CA ALA B 219 15.30 34.16 -13.19
C ALA B 219 15.72 34.31 -14.66
N LEU B 220 15.10 35.24 -15.37
CA LEU B 220 15.40 35.39 -16.80
C LEU B 220 16.82 35.89 -17.04
N THR B 221 17.29 36.84 -16.23
CA THR B 221 18.68 37.28 -16.36
C THR B 221 19.63 36.15 -15.97
N ARG B 222 19.32 35.42 -14.90
CA ARG B 222 20.18 34.28 -14.55
C ARG B 222 20.19 33.22 -15.65
N LEU B 223 19.07 33.03 -16.37
CA LEU B 223 19.05 32.06 -17.47
C LEU B 223 20.06 32.42 -18.55
N GLU B 224 20.09 33.68 -18.96
CA GLU B 224 21.04 34.10 -19.97
C GLU B 224 22.47 33.91 -19.50
N ARG B 225 22.76 34.30 -18.26
CA ARG B 225 24.10 34.13 -17.70
C ARG B 225 24.46 32.66 -17.58
N HIS B 226 23.50 31.82 -17.23
CA HIS B 226 23.72 30.38 -17.15
C HIS B 226 24.12 29.81 -18.52
N LEU B 227 23.44 30.22 -19.59
CA LEU B 227 23.78 29.75 -20.93
C LEU B 227 25.15 30.25 -21.35
N GLU B 228 25.49 31.49 -20.98
CA GLU B 228 26.82 32.00 -21.30
C GLU B 228 27.90 31.18 -20.60
N ARG B 229 27.67 30.81 -19.34
CA ARG B 229 28.67 30.03 -18.62
C ARG B 229 28.83 28.62 -19.19
N LYS B 230 27.72 27.92 -19.53
CA LYS B 230 27.87 26.55 -20.04
C LYS B 230 28.68 26.56 -21.32
N ALA B 231 28.56 27.61 -22.12
CA ALA B 231 29.32 27.71 -23.36
C ALA B 231 30.82 27.57 -23.11
N TRP B 232 31.33 28.03 -21.98
CA TRP B 232 32.76 27.95 -21.67
C TRP B 232 33.15 26.63 -21.00
N VAL B 233 32.24 25.67 -20.91
CA VAL B 233 32.49 24.40 -20.24
C VAL B 233 32.66 23.31 -21.30
N ALA B 234 33.74 22.55 -21.20
CA ALA B 234 33.95 21.42 -22.10
C ALA B 234 32.89 20.33 -21.87
N ASN B 235 32.34 19.83 -22.96
CA ASN B 235 31.30 18.80 -22.91
C ASN B 235 30.10 19.25 -22.06
N PHE B 236 29.57 20.44 -22.37
CA PHE B 236 28.37 20.85 -21.66
C PHE B 236 27.15 20.00 -22.01
N GLU B 237 27.19 19.27 -23.14
CA GLU B 237 26.13 18.31 -23.43
C GLU B 237 26.12 17.14 -22.45
N ARG B 238 27.19 16.96 -21.66
CA ARG B 238 27.24 15.97 -20.58
C ARG B 238 27.53 16.73 -19.30
N PRO B 239 26.54 17.40 -18.72
CA PRO B 239 26.80 18.31 -17.61
C PRO B 239 27.08 17.58 -16.30
N ARG B 240 27.80 18.27 -15.41
CA ARG B 240 28.21 17.74 -14.11
C ARG B 240 27.83 18.73 -13.01
N MET B 241 26.67 18.51 -12.37
CA MET B 241 26.26 19.37 -11.27
C MET B 241 27.20 19.24 -10.06
N ASN B 242 27.82 18.07 -9.89
CA ASN B 242 28.69 17.86 -8.75
C ASN B 242 30.00 18.62 -8.82
N ALA B 243 30.29 19.26 -9.95
CA ALA B 243 31.48 20.10 -10.06
C ALA B 243 31.21 21.57 -9.70
N ASN B 244 29.96 21.91 -9.36
CA ASN B 244 29.66 23.26 -8.92
C ASN B 244 30.34 23.58 -7.57
N SER B 245 30.49 24.87 -7.29
CA SER B 245 31.05 25.32 -6.02
C SER B 245 30.12 25.02 -4.84
N LEU B 246 30.71 24.92 -3.64
CA LEU B 246 29.91 24.83 -2.42
C LEU B 246 29.11 26.09 -2.14
N LEU B 247 29.60 27.24 -2.58
CA LEU B 247 28.91 28.51 -2.43
C LEU B 247 27.89 28.70 -3.53
N ALA B 248 26.83 29.43 -3.19
CA ALA B 248 25.73 29.67 -4.11
C ALA B 248 26.24 30.31 -5.39
N SER B 249 25.78 29.76 -6.50
CA SER B 249 26.20 30.19 -7.82
C SER B 249 25.41 31.41 -8.27
N PRO B 250 26.07 32.44 -8.80
CA PRO B 250 25.34 33.55 -9.45
C PRO B 250 24.42 33.10 -10.55
N THR B 251 24.66 31.94 -11.16
CA THR B 251 23.84 31.44 -12.27
C THR B 251 22.96 30.26 -11.88
N GLY B 252 22.89 29.91 -10.59
CA GLY B 252 22.02 28.84 -10.15
C GLY B 252 20.56 29.09 -10.49
N LEU B 253 19.87 28.07 -11.04
CA LEU B 253 18.49 28.26 -11.45
C LEU B 253 17.48 27.41 -10.67
N SER B 254 17.93 26.51 -9.79
CA SER B 254 16.97 25.55 -9.23
C SER B 254 15.85 26.19 -8.40
N PRO B 255 16.07 27.23 -7.58
CA PRO B 255 14.91 27.85 -6.89
C PRO B 255 13.89 28.43 -7.86
N TYR B 256 14.36 29.06 -8.94
CA TYR B 256 13.44 29.69 -9.89
C TYR B 256 12.60 28.63 -10.62
N LEU B 257 13.18 27.48 -10.92
CA LEU B 257 12.39 26.42 -11.51
C LEU B 257 11.34 25.90 -10.52
N ARG B 258 11.70 25.79 -9.24
CA ARG B 258 10.77 25.22 -8.26
C ARG B 258 9.55 26.12 -8.05
N PHE B 259 9.76 27.45 -8.00
CA PHE B 259 8.67 28.40 -7.77
C PHE B 259 7.94 28.80 -9.03
N GLY B 260 8.44 28.41 -10.21
CA GLY B 260 7.80 28.81 -11.45
C GLY B 260 8.24 30.18 -11.96
N CYS B 261 9.23 30.82 -11.34
CA CYS B 261 9.78 32.05 -11.90
C CYS B 261 10.40 31.84 -13.28
N LEU B 262 10.91 30.65 -13.54
CA LEU B 262 11.49 30.31 -14.82
C LEU B 262 10.73 29.13 -15.39
N SER B 263 10.26 29.27 -16.63
CA SER B 263 9.65 28.16 -17.35
C SER B 263 10.69 27.09 -17.66
N CYS B 264 10.35 25.82 -17.36
CA CYS B 264 11.22 24.73 -17.78
C CYS B 264 11.26 24.58 -19.30
N ARG B 265 10.13 24.87 -19.98
CA ARG B 265 10.08 24.75 -21.44
C ARG B 265 10.96 25.80 -22.09
N LEU B 266 11.00 27.04 -21.55
CA LEU B 266 11.92 28.05 -22.05
C LEU B 266 13.37 27.61 -21.86
N PHE B 267 13.68 27.10 -20.66
CA PHE B 267 15.03 26.61 -20.38
C PHE B 267 15.41 25.50 -21.36
N TYR B 268 14.50 24.56 -21.60
CA TYR B 268 14.77 23.47 -22.53
C TYR B 268 15.06 23.99 -23.92
N PHE B 269 14.23 24.92 -24.42
CA PHE B 269 14.43 25.45 -25.77
C PHE B 269 15.74 26.21 -25.89
N LYS B 270 16.10 27.00 -24.87
CA LYS B 270 17.36 27.74 -24.90
C LYS B 270 18.57 26.80 -24.88
N LEU B 271 18.47 25.68 -24.16
CA LEU B 271 19.55 24.69 -24.19
C LEU B 271 19.72 24.12 -25.58
N THR B 272 18.61 23.79 -26.26
CA THR B 272 18.69 23.28 -27.63
C THR B 272 19.33 24.31 -28.53
N ASP B 273 18.93 25.57 -28.36
CA ASP B 273 19.45 26.64 -29.19
C ASP B 273 20.95 26.82 -28.96
N LEU B 274 21.39 26.77 -27.69
CA LEU B 274 22.81 26.87 -27.39
C LEU B 274 23.58 25.67 -27.96
N TYR B 275 23.02 24.46 -27.84
CA TYR B 275 23.67 23.31 -28.45
C TYR B 275 23.80 23.49 -29.95
N LYS B 276 22.73 23.96 -30.60
CA LYS B 276 22.78 24.14 -32.06
C LYS B 276 23.81 25.19 -32.46
N LYS B 277 23.94 26.25 -31.67
CA LYS B 277 24.94 27.28 -31.97
C LYS B 277 26.36 26.77 -31.74
N VAL B 278 26.62 26.13 -30.59
CA VAL B 278 27.98 25.75 -30.24
C VAL B 278 28.41 24.46 -30.94
N LYS B 279 27.59 23.42 -30.93
CA LYS B 279 27.98 22.11 -31.45
C LYS B 279 27.53 21.86 -32.88
N LYS B 280 26.87 22.86 -33.49
CA LYS B 280 26.44 22.85 -34.91
C LYS B 280 25.81 21.53 -35.33
N ASN B 281 24.79 21.11 -34.59
CA ASN B 281 24.00 19.94 -34.90
C ASN B 281 22.67 20.13 -34.20
N SER B 282 21.62 19.56 -34.75
CA SER B 282 20.29 19.63 -34.15
C SER B 282 19.88 18.32 -33.48
N SER B 283 20.79 17.39 -33.33
CA SER B 283 20.45 16.11 -32.70
C SER B 283 21.15 15.94 -31.37
N PRO B 284 20.90 16.75 -30.33
CA PRO B 284 21.67 16.62 -29.11
C PRO B 284 21.32 15.35 -28.37
N PRO B 285 22.25 14.78 -27.60
CA PRO B 285 21.89 13.68 -26.71
C PRO B 285 21.00 14.20 -25.60
N LEU B 286 20.18 13.30 -25.04
CA LEU B 286 19.29 13.72 -23.98
C LEU B 286 20.05 14.19 -22.76
N SER B 287 21.31 13.78 -22.58
CA SER B 287 22.08 14.22 -21.42
C SER B 287 22.15 15.75 -21.36
N LEU B 288 22.04 16.42 -22.50
CA LEU B 288 22.03 17.88 -22.51
C LEU B 288 20.94 18.43 -21.59
N TYR B 289 19.83 17.70 -21.43
CA TYR B 289 18.69 18.14 -20.64
C TYR B 289 18.61 17.45 -19.27
N GLY B 290 19.74 16.94 -18.76
CA GLY B 290 19.70 16.08 -17.58
C GLY B 290 19.03 16.70 -16.37
N GLN B 291 19.33 17.97 -16.08
CA GLN B 291 18.73 18.61 -14.91
C GLN B 291 17.21 18.66 -15.03
N LEU B 292 16.70 19.05 -16.20
CA LEU B 292 15.25 19.09 -16.43
C LEU B 292 14.64 17.69 -16.47
N LEU B 293 15.35 16.70 -17.02
CA LEU B 293 14.77 15.36 -17.15
C LEU B 293 14.73 14.62 -15.82
N TRP B 294 15.76 14.76 -14.99
CA TRP B 294 15.69 14.16 -13.66
C TRP B 294 14.52 14.76 -12.86
N ARG B 295 14.35 16.07 -12.96
CA ARG B 295 13.22 16.74 -12.31
C ARG B 295 11.89 16.19 -12.81
N GLU B 296 11.76 16.02 -14.13
CA GLU B 296 10.54 15.47 -14.71
C GLU B 296 10.27 14.05 -14.25
N PHE B 297 11.34 13.26 -14.09
CA PHE B 297 11.18 11.85 -13.70
C PHE B 297 10.56 11.73 -12.32
N PHE B 298 11.03 12.54 -11.37
CA PHE B 298 10.48 12.50 -10.02
C PHE B 298 9.03 13.01 -9.98
N TYR B 299 8.72 14.05 -10.75
CA TYR B 299 7.33 14.48 -10.87
C TYR B 299 6.46 13.37 -11.46
N THR B 300 6.98 12.65 -12.46
CA THR B 300 6.21 11.55 -13.04
C THR B 300 5.99 10.43 -12.04
N ALA B 301 7.03 10.08 -11.28
CA ALA B 301 6.90 8.98 -10.34
C ALA B 301 5.89 9.32 -9.24
N ALA B 302 5.79 10.60 -8.87
CA ALA B 302 5.04 11.01 -7.70
C ALA B 302 3.57 11.35 -7.98
N THR B 303 3.21 11.67 -9.23
CA THR B 303 1.92 12.31 -9.46
C THR B 303 0.76 11.42 -9.05
N ASN B 304 0.87 10.11 -9.23
CA ASN B 304 -0.21 9.21 -8.88
C ASN B 304 0.01 8.49 -7.55
N ASN B 305 1.03 8.87 -6.77
CA ASN B 305 1.31 8.15 -5.53
C ASN B 305 1.13 9.10 -4.34
N PRO B 306 -0.05 9.11 -3.71
CA PRO B 306 -0.27 10.06 -2.60
C PRO B 306 0.58 9.78 -1.37
N ARG B 307 1.21 8.61 -1.27
CA ARG B 307 2.10 8.33 -0.16
C ARG B 307 3.57 8.37 -0.56
N PHE B 308 3.89 9.10 -1.65
CA PHE B 308 5.26 9.16 -2.15
C PHE B 308 6.22 9.70 -1.10
N ASP B 309 5.75 10.58 -0.22
CA ASP B 309 6.57 11.16 0.84
C ASP B 309 6.48 10.38 2.14
N LYS B 310 6.01 9.14 2.11
CA LYS B 310 5.91 8.32 3.31
C LYS B 310 6.59 6.97 3.05
N MET B 311 6.98 6.31 4.15
CA MET B 311 7.50 4.96 4.05
C MET B 311 6.37 3.94 4.12
N GLU B 312 5.56 4.01 5.17
CA GLU B 312 4.45 3.06 5.32
C GLU B 312 3.40 3.29 4.24
N GLY B 313 2.94 2.20 3.62
CA GLY B 313 1.91 2.31 2.61
C GLY B 313 2.40 2.79 1.26
N ASN B 314 3.72 2.97 1.10
CA ASN B 314 4.30 3.41 -0.16
C ASN B 314 4.85 2.21 -0.91
N PRO B 315 4.24 1.80 -2.03
CA PRO B 315 4.68 0.56 -2.69
C PRO B 315 6.09 0.63 -3.23
N ILE B 316 6.62 1.83 -3.47
CA ILE B 316 7.97 1.93 -4.03
C ILE B 316 9.06 2.02 -2.97
N CYS B 317 8.69 2.01 -1.68
CA CYS B 317 9.64 2.26 -0.60
C CYS B 317 9.95 0.98 0.16
N VAL B 318 11.25 0.68 0.30
CA VAL B 318 11.65 -0.42 1.19
C VAL B 318 11.30 -0.06 2.63
N GLN B 319 10.69 -1.00 3.34
CA GLN B 319 10.32 -0.81 4.73
C GLN B 319 11.53 -1.08 5.61
N ILE B 320 12.01 -0.03 6.28
CA ILE B 320 13.22 -0.11 7.10
C ILE B 320 12.86 0.31 8.51
N PRO B 321 13.32 -0.41 9.56
CA PRO B 321 12.98 -0.04 10.97
C PRO B 321 13.86 1.08 11.52
N TRP B 322 13.62 2.30 11.06
CA TRP B 322 14.38 3.47 11.52
C TRP B 322 14.12 3.74 13.01
N ASP B 323 15.10 4.34 13.66
CA ASP B 323 14.97 4.74 15.06
C ASP B 323 14.12 6.00 15.17
N LYS B 324 13.43 6.12 16.29
CA LYS B 324 12.78 7.38 16.68
C LYS B 324 13.67 8.03 17.74
N ASN B 325 14.29 9.15 17.38
CA ASN B 325 15.22 9.86 18.26
C ASN B 325 15.10 11.35 18.03
N PRO B 326 14.16 12.01 18.72
CA PRO B 326 13.95 13.45 18.50
C PRO B 326 15.16 14.33 18.82
N GLU B 327 15.91 14.00 19.87
CA GLU B 327 17.07 14.82 20.26
C GLU B 327 18.16 14.75 19.21
N ALA B 328 18.48 13.55 18.72
CA ALA B 328 19.50 13.44 17.68
C ALA B 328 19.05 14.15 16.41
N LEU B 329 17.76 14.02 16.07
CA LEU B 329 17.24 14.73 14.90
C LEU B 329 17.37 16.23 15.06
N ALA B 330 17.04 16.76 16.24
CA ALA B 330 17.16 18.20 16.45
C ALA B 330 18.62 18.66 16.29
N LYS B 331 19.58 17.90 16.80
CA LYS B 331 20.99 18.26 16.59
C LYS B 331 21.33 18.27 15.11
N TRP B 332 20.88 17.26 14.36
CA TRP B 332 21.12 17.26 12.93
C TRP B 332 20.45 18.46 12.27
N ALA B 333 19.18 18.75 12.61
CA ALA B 333 18.43 19.78 11.90
C ALA B 333 19.03 21.15 12.12
N GLU B 334 19.60 21.36 13.31
CA GLU B 334 20.09 22.66 13.75
C GLU B 334 21.59 22.80 13.61
N GLY B 335 22.25 21.81 13.02
CA GLY B 335 23.67 21.85 12.82
C GLY B 335 24.47 21.91 14.11
N ARG B 336 24.12 21.04 15.07
CA ARG B 336 24.79 20.91 16.35
C ARG B 336 25.30 19.48 16.54
N THR B 337 25.67 18.81 15.44
CA THR B 337 26.17 17.44 15.52
C THR B 337 27.57 17.32 16.11
N GLY B 338 28.36 18.39 16.09
CA GLY B 338 29.75 18.25 16.50
C GLY B 338 30.68 17.83 15.38
N PHE B 339 30.13 17.53 14.19
CA PHE B 339 30.91 17.30 13.00
C PHE B 339 30.86 18.57 12.17
N PRO B 340 31.95 19.33 12.11
CA PRO B 340 31.89 20.64 11.44
C PRO B 340 31.41 20.60 9.99
N TRP B 341 31.79 19.59 9.21
CA TRP B 341 31.31 19.51 7.83
C TRP B 341 29.78 19.41 7.77
N ILE B 342 29.22 18.49 8.53
CA ILE B 342 27.77 18.33 8.58
C ILE B 342 27.13 19.61 9.12
N ASP B 343 27.70 20.16 10.19
CA ASP B 343 27.10 21.35 10.82
C ASP B 343 27.19 22.57 9.91
N ALA B 344 28.28 22.72 9.19
CA ALA B 344 28.42 23.84 8.27
C ALA B 344 27.41 23.75 7.12
N ILE B 345 27.19 22.56 6.58
CA ILE B 345 26.19 22.40 5.53
C ILE B 345 24.81 22.78 6.05
N MET B 346 24.43 22.25 7.20
CA MET B 346 23.13 22.53 7.75
C MET B 346 22.97 24.00 8.10
N THR B 347 24.06 24.66 8.49
CA THR B 347 24.00 26.10 8.76
C THR B 347 23.82 26.89 7.48
N GLN B 348 24.54 26.51 6.41
CA GLN B 348 24.34 27.18 5.13
C GLN B 348 22.90 27.00 4.67
N LEU B 349 22.36 25.80 4.87
CA LEU B 349 21.00 25.51 4.45
C LEU B 349 20.01 26.41 5.19
N ARG B 350 20.16 26.51 6.50
CA ARG B 350 19.24 27.34 7.27
C ARG B 350 19.36 28.81 6.91
N GLN B 351 20.59 29.32 6.78
CA GLN B 351 20.79 30.77 6.55
C GLN B 351 20.43 31.19 5.12
N GLU B 352 20.72 30.35 4.12
CA GLU B 352 20.56 30.80 2.74
C GLU B 352 19.51 30.04 1.92
N GLY B 353 19.18 28.80 2.27
CA GLY B 353 18.18 28.06 1.51
C GLY B 353 18.68 27.21 0.34
N TRP B 354 20.00 27.09 0.14
CA TRP B 354 20.54 26.20 -0.89
C TRP B 354 21.84 25.57 -0.42
N ILE B 355 22.04 24.28 -0.71
CA ILE B 355 23.31 23.60 -0.49
C ILE B 355 23.58 22.74 -1.72
N HIS B 356 24.86 22.47 -1.94
CA HIS B 356 25.34 21.69 -3.07
C HIS B 356 24.76 20.28 -3.03
N HIS B 357 24.61 19.67 -4.20
CA HIS B 357 24.03 18.33 -4.27
C HIS B 357 24.83 17.32 -3.45
N LEU B 358 26.17 17.37 -3.51
CA LEU B 358 27.01 16.48 -2.71
C LEU B 358 26.90 16.79 -1.22
N ALA B 359 26.67 18.05 -0.88
CA ALA B 359 26.40 18.39 0.52
C ALA B 359 25.08 17.77 0.97
N ARG B 360 24.08 17.75 0.08
CA ARG B 360 22.83 17.05 0.43
C ARG B 360 23.09 15.56 0.64
N HIS B 361 23.92 14.95 -0.21
CA HIS B 361 24.28 13.54 0.00
C HIS B 361 24.91 13.34 1.37
N ALA B 362 25.84 14.24 1.73
CA ALA B 362 26.59 14.11 2.97
C ALA B 362 25.67 14.11 4.18
N VAL B 363 24.78 15.12 4.30
CA VAL B 363 23.96 15.22 5.50
C VAL B 363 22.83 14.19 5.51
N ALA B 364 22.30 13.83 4.34
CA ALA B 364 21.25 12.82 4.26
C ALA B 364 21.78 11.43 4.63
N CYS B 365 22.98 11.09 4.15
CA CYS B 365 23.58 9.82 4.56
C CYS B 365 23.81 9.82 6.07
N PHE B 366 24.35 10.93 6.61
CA PHE B 366 24.59 11.03 8.05
C PHE B 366 23.32 10.82 8.86
N LEU B 367 22.20 11.41 8.43
CA LEU B 367 20.95 11.25 9.18
C LEU B 367 20.41 9.82 9.08
N THR B 368 20.50 9.20 7.91
CA THR B 368 19.81 7.94 7.73
C THR B 368 20.75 6.74 7.82
N ARG B 369 21.12 6.15 6.67
CA ARG B 369 21.83 4.88 6.68
C ARG B 369 23.22 4.98 7.29
N GLY B 370 23.84 6.17 7.25
CA GLY B 370 25.23 6.31 7.61
C GLY B 370 25.46 6.32 9.10
N ASP B 371 24.82 7.25 9.84
CA ASP B 371 25.15 7.47 11.24
C ASP B 371 23.98 7.38 12.21
N LEU B 372 22.92 8.18 12.02
CA LEU B 372 21.87 8.27 13.05
C LEU B 372 20.73 7.28 12.92
N TRP B 373 20.54 6.64 11.76
CA TRP B 373 19.45 5.66 11.54
C TRP B 373 18.07 6.27 11.83
N ILE B 374 17.89 7.51 11.43
CA ILE B 374 16.60 8.17 11.51
C ILE B 374 15.94 8.15 10.14
N SER B 375 14.62 8.05 10.13
CA SER B 375 13.86 7.96 8.89
C SER B 375 14.20 9.11 7.95
N TRP B 376 14.25 8.78 6.66
CA TRP B 376 14.40 9.79 5.63
C TRP B 376 13.23 10.75 5.60
N GLU B 377 12.07 10.31 6.10
CA GLU B 377 10.92 11.20 6.16
C GLU B 377 11.22 12.42 7.05
N GLU B 378 11.97 12.22 8.14
CA GLU B 378 12.31 13.35 9.00
C GLU B 378 13.30 14.28 8.30
N GLY B 379 14.26 13.72 7.55
CA GLY B 379 15.15 14.57 6.77
C GLY B 379 14.43 15.32 5.67
N MET B 380 13.48 14.66 5.01
CA MET B 380 12.72 15.33 3.97
C MET B 380 11.97 16.54 4.53
N LYS B 381 11.40 16.41 5.76
CA LYS B 381 10.63 17.50 6.33
C LYS B 381 11.49 18.74 6.63
N VAL B 382 12.70 18.55 7.17
CA VAL B 382 13.60 19.68 7.39
C VAL B 382 13.96 20.35 6.07
N PHE B 383 14.28 19.57 5.03
CA PHE B 383 14.58 20.16 3.72
C PHE B 383 13.37 20.92 3.16
N GLU B 384 12.16 20.39 3.39
CA GLU B 384 10.97 21.10 2.93
C GLU B 384 10.87 22.48 3.59
N GLU B 385 11.22 22.55 4.86
CA GLU B 385 11.15 23.83 5.54
C GLU B 385 12.21 24.81 5.03
N LEU B 386 13.42 24.32 4.73
CA LEU B 386 14.59 25.19 4.55
C LEU B 386 15.06 25.36 3.11
N LEU B 387 14.92 24.32 2.29
CA LEU B 387 15.50 24.30 0.95
C LEU B 387 14.60 25.00 -0.06
N LEU B 388 15.16 25.99 -0.76
CA LEU B 388 14.38 26.71 -1.76
C LEU B 388 13.98 25.85 -2.97
N ASP B 389 14.81 24.87 -3.37
CA ASP B 389 14.48 24.11 -4.56
C ASP B 389 13.90 22.71 -4.25
N ALA B 390 13.42 22.47 -3.04
CA ALA B 390 12.93 21.14 -2.66
C ALA B 390 11.48 20.99 -3.10
N ASP B 391 11.28 20.70 -4.37
CA ASP B 391 9.91 20.35 -4.74
C ASP B 391 9.55 19.04 -4.04
N TRP B 392 8.27 18.92 -3.66
CA TRP B 392 7.81 17.78 -2.87
C TRP B 392 8.26 16.49 -3.54
N SER B 393 8.13 16.42 -4.86
CA SER B 393 8.45 15.23 -5.63
C SER B 393 9.93 14.92 -5.56
N ILE B 394 10.76 15.91 -5.88
CA ILE B 394 12.19 15.67 -5.93
C ILE B 394 12.73 15.43 -4.52
N ASN B 395 12.20 16.17 -3.54
CA ASN B 395 12.68 16.03 -2.16
C ASN B 395 12.43 14.62 -1.63
N ALA B 396 11.19 14.14 -1.72
CA ALA B 396 10.90 12.80 -1.23
C ALA B 396 11.65 11.75 -2.05
N GLY B 397 11.67 11.89 -3.38
CA GLY B 397 12.36 10.90 -4.20
C GLY B 397 13.84 10.81 -3.91
N SER B 398 14.51 11.96 -3.74
CA SER B 398 15.93 11.99 -3.43
C SER B 398 16.22 11.41 -2.05
N TRP B 399 15.38 11.73 -1.07
CA TRP B 399 15.58 11.20 0.29
C TRP B 399 15.40 9.69 0.33
N MET B 400 14.46 9.15 -0.44
CA MET B 400 14.36 7.68 -0.53
C MET B 400 15.62 7.09 -1.17
N TRP B 401 16.15 7.73 -2.22
CA TRP B 401 17.35 7.22 -2.89
C TRP B 401 18.56 7.25 -1.94
N LEU B 402 18.78 8.37 -1.26
CA LEU B 402 19.95 8.49 -0.41
C LEU B 402 19.89 7.60 0.83
N SER B 403 18.70 7.20 1.26
CA SER B 403 18.58 6.35 2.43
C SER B 403 18.59 4.86 2.08
N CYS B 404 18.79 4.51 0.80
CA CYS B 404 18.69 3.12 0.33
C CYS B 404 17.31 2.55 0.55
N SER B 405 16.30 3.39 0.33
CA SER B 405 14.90 3.02 0.42
C SER B 405 14.27 2.70 -0.93
N SER B 406 14.97 2.95 -2.04
CA SER B 406 14.48 2.53 -3.36
C SER B 406 14.85 1.06 -3.63
N HIS B 413 27.63 3.18 -0.42
CA HIS B 413 28.78 3.96 0.00
C HIS B 413 28.46 4.89 1.16
N CYS B 414 29.16 4.69 2.27
CA CYS B 414 28.99 5.52 3.44
C CYS B 414 29.94 6.71 3.40
N TYR B 415 29.41 7.92 3.29
CA TYR B 415 30.24 9.11 3.33
C TYR B 415 30.82 9.32 4.73
N CYS B 416 32.08 9.69 4.79
CA CYS B 416 32.70 9.99 6.07
C CYS B 416 32.41 11.44 6.44
N PRO B 417 31.78 11.71 7.58
CA PRO B 417 31.48 13.11 7.95
C PRO B 417 32.72 13.93 8.25
N VAL B 418 33.88 13.30 8.30
CA VAL B 418 35.16 13.99 8.46
C VAL B 418 35.93 14.06 7.15
N GLY B 419 36.16 12.91 6.50
CA GLY B 419 37.04 12.88 5.35
C GLY B 419 36.43 13.41 4.07
N PHE B 420 35.11 13.24 3.88
CA PHE B 420 34.50 13.70 2.64
C PHE B 420 34.66 15.21 2.48
N GLY B 421 34.36 15.97 3.54
CA GLY B 421 34.54 17.40 3.47
C GLY B 421 36.00 17.80 3.36
N ARG B 422 36.89 17.11 4.07
CA ARG B 422 38.29 17.50 3.99
C ARG B 422 38.81 17.38 2.56
N ARG B 423 38.31 16.41 1.80
CA ARG B 423 38.72 16.28 0.41
C ARG B 423 38.01 17.32 -0.46
N THR B 424 36.76 17.65 -0.13
CA THR B 424 36.04 18.62 -0.91
C THR B 424 36.53 20.06 -0.65
N ASP B 425 37.08 20.34 0.54
CA ASP B 425 37.60 21.68 0.87
C ASP B 425 38.77 21.55 1.83
N PRO B 426 39.97 21.29 1.31
CA PRO B 426 41.11 20.98 2.22
C PRO B 426 41.45 22.06 3.23
N ASN B 427 41.41 23.34 2.87
CA ASN B 427 41.72 24.33 3.90
C ASN B 427 40.59 24.51 4.91
N GLY B 428 39.41 24.00 4.65
CA GLY B 428 38.29 24.19 5.54
C GLY B 428 37.77 25.62 5.60
N ASP B 429 37.95 26.39 4.52
CA ASP B 429 37.42 27.76 4.48
C ASP B 429 35.88 27.77 4.44
N TYR B 430 35.26 26.77 3.81
CA TYR B 430 33.81 26.67 3.84
C TYR B 430 33.33 26.47 5.28
N ILE B 431 34.00 25.62 6.05
CA ILE B 431 33.64 25.44 7.46
C ILE B 431 33.74 26.78 8.20
N ARG B 432 34.86 27.49 8.00
CA ARG B 432 35.09 28.73 8.70
C ARG B 432 34.03 29.76 8.37
N ARG B 433 33.53 29.75 7.12
CA ARG B 433 32.50 30.70 6.72
C ARG B 433 31.21 30.49 7.50
N TYR B 434 30.75 29.24 7.63
CA TYR B 434 29.43 29.00 8.21
C TYR B 434 29.48 28.68 9.69
N LEU B 435 30.65 28.27 10.21
CA LEU B 435 30.83 28.04 11.65
C LEU B 435 31.99 28.94 12.08
N PRO B 436 31.75 30.25 12.22
CA PRO B 436 32.84 31.18 12.57
C PRO B 436 33.49 30.86 13.91
N VAL B 437 32.77 30.16 14.81
CA VAL B 437 33.35 29.80 16.09
C VAL B 437 34.58 28.92 15.92
N LEU B 438 34.72 28.25 14.76
CA LEU B 438 35.83 27.34 14.49
C LEU B 438 36.96 28.00 13.69
N ARG B 439 36.87 29.30 13.42
CA ARG B 439 37.83 29.94 12.52
C ARG B 439 39.28 29.77 12.96
N GLY B 440 39.52 29.68 14.28
CA GLY B 440 40.86 29.57 14.83
C GLY B 440 41.57 28.25 14.59
N PHE B 441 40.83 27.18 14.33
CA PHE B 441 41.48 25.88 14.24
C PHE B 441 42.30 25.77 12.96
N PRO B 442 43.49 25.20 13.02
CA PRO B 442 44.23 24.95 11.79
C PRO B 442 43.55 23.85 10.98
N ALA B 443 43.96 23.70 9.73
CA ALA B 443 43.31 22.73 8.85
C ALA B 443 43.44 21.31 9.38
N LYS B 444 44.49 21.03 10.15
CA LYS B 444 44.71 19.68 10.68
C LYS B 444 43.54 19.22 11.55
N TYR B 445 42.88 20.15 12.22
CA TYR B 445 41.84 19.78 13.16
C TYR B 445 40.46 20.33 12.82
N ILE B 446 40.34 21.19 11.82
CA ILE B 446 39.08 21.90 11.62
C ILE B 446 37.95 20.93 11.30
N TYR B 447 38.25 19.78 10.68
CA TYR B 447 37.20 18.79 10.37
C TYR B 447 36.91 17.85 11.53
N ASP B 448 37.83 17.72 12.50
CA ASP B 448 37.64 16.86 13.67
C ASP B 448 38.24 17.58 14.87
N PRO B 449 37.64 18.71 15.27
CA PRO B 449 38.28 19.55 16.31
C PRO B 449 38.33 18.92 17.69
N TRP B 450 37.51 17.90 17.99
CA TRP B 450 37.66 17.17 19.25
C TRP B 450 39.03 16.52 19.37
N ASN B 451 39.74 16.32 18.26
CA ASN B 451 41.10 15.82 18.32
C ASN B 451 42.15 16.91 18.51
N ALA B 452 41.76 18.18 18.46
CA ALA B 452 42.74 19.23 18.69
C ALA B 452 43.20 19.20 20.15
N PRO B 453 44.52 19.28 20.39
CA PRO B 453 45.01 19.38 21.76
C PRO B 453 44.43 20.62 22.44
N GLU B 454 44.32 20.54 23.77
CA GLU B 454 43.72 21.62 24.53
C GLU B 454 44.40 22.95 24.24
N GLY B 455 45.73 22.95 24.13
CA GLY B 455 46.43 24.19 23.85
C GLY B 455 46.01 24.81 22.54
N ILE B 456 45.75 23.98 21.52
CA ILE B 456 45.25 24.48 20.24
C ILE B 456 43.83 25.01 20.39
N GLN B 457 43.00 24.30 21.15
CA GLN B 457 41.65 24.79 21.40
C GLN B 457 41.68 26.13 22.11
N LYS B 458 42.62 26.30 23.05
CA LYS B 458 42.72 27.55 23.79
C LYS B 458 43.10 28.71 22.88
N VAL B 459 44.09 28.51 22.01
CA VAL B 459 44.46 29.59 21.09
C VAL B 459 43.31 29.91 20.13
N ALA B 460 42.61 28.88 19.65
CA ALA B 460 41.46 29.09 18.78
C ALA B 460 40.29 29.78 19.47
N LYS B 461 40.31 29.88 20.80
CA LYS B 461 39.21 30.46 21.56
C LYS B 461 37.94 29.65 21.36
N CYS B 462 38.08 28.36 21.08
CA CYS B 462 36.92 27.48 20.95
C CYS B 462 37.23 26.17 21.67
N LEU B 463 36.62 25.99 22.83
CA LEU B 463 36.81 24.80 23.64
C LEU B 463 35.71 23.81 23.27
N ILE B 464 36.10 22.61 22.85
CA ILE B 464 35.12 21.61 22.43
C ILE B 464 34.35 21.13 23.65
N GLY B 465 33.03 21.12 23.55
CA GLY B 465 32.18 20.88 24.70
C GLY B 465 31.67 22.13 25.36
N VAL B 466 32.17 23.30 24.94
CA VAL B 466 31.72 24.58 25.50
C VAL B 466 31.26 25.49 24.37
N ASN B 467 32.19 25.99 23.58
CA ASN B 467 31.84 26.89 22.47
C ASN B 467 31.27 26.15 21.28
N TYR B 468 31.66 24.89 21.08
CA TYR B 468 31.19 24.03 20.01
C TYR B 468 31.04 22.62 20.57
N PRO B 469 30.00 21.89 20.20
CA PRO B 469 29.73 20.60 20.86
C PRO B 469 30.71 19.49 20.47
N LYS B 470 30.79 18.50 21.35
CA LYS B 470 31.49 17.27 21.01
C LYS B 470 30.69 16.49 19.96
N PRO B 471 31.34 15.64 19.17
CA PRO B 471 30.60 14.85 18.17
C PRO B 471 29.55 13.97 18.83
N MET B 472 28.34 13.99 18.26
CA MET B 472 27.20 13.30 18.84
C MET B 472 27.26 11.78 18.68
N VAL B 473 28.06 11.24 17.74
CA VAL B 473 28.25 9.81 17.60
C VAL B 473 29.70 9.49 17.27
N ASN B 474 30.06 8.23 17.48
CA ASN B 474 31.31 7.66 16.97
C ASN B 474 31.01 7.18 15.55
N HIS B 475 31.54 7.89 14.55
CA HIS B 475 31.18 7.55 13.17
C HIS B 475 31.60 6.12 12.83
N ALA B 476 32.77 5.71 13.31
CA ALA B 476 33.29 4.39 12.97
C ALA B 476 32.36 3.29 13.48
N GLU B 477 31.97 3.35 14.76
CA GLU B 477 31.08 2.32 15.29
C GLU B 477 29.67 2.43 14.71
N ALA B 478 29.16 3.66 14.56
CA ALA B 478 27.78 3.84 14.12
C ALA B 478 27.59 3.36 12.68
N SER B 479 28.49 3.76 11.77
CA SER B 479 28.38 3.34 10.37
C SER B 479 28.54 1.84 10.22
N ARG B 480 29.48 1.23 10.96
CA ARG B 480 29.66 -0.22 10.86
C ARG B 480 28.37 -0.95 11.27
N LEU B 481 27.77 -0.53 12.38
CA LEU B 481 26.52 -1.14 12.81
C LEU B 481 25.40 -0.91 11.81
N ASN B 482 25.32 0.30 11.23
CA ASN B 482 24.20 0.59 10.32
C ASN B 482 24.34 -0.14 9.00
N ILE B 483 25.56 -0.32 8.53
CA ILE B 483 25.80 -1.12 7.33
C ILE B 483 25.33 -2.55 7.56
N GLU B 484 25.60 -3.10 8.75
CA GLU B 484 25.12 -4.46 9.03
C GLU B 484 23.60 -4.52 8.99
N ARG B 485 22.91 -3.55 9.61
CA ARG B 485 21.45 -3.57 9.61
C ARG B 485 20.89 -3.51 8.19
N MET B 486 21.52 -2.69 7.33
CA MET B 486 21.01 -2.56 5.97
C MET B 486 21.15 -3.87 5.20
N LYS B 487 22.23 -4.62 5.45
CA LYS B 487 22.40 -5.93 4.80
C LYS B 487 21.27 -6.88 5.17
N GLN B 488 20.88 -6.91 6.45
CA GLN B 488 19.79 -7.78 6.87
C GLN B 488 18.50 -7.45 6.12
N ILE B 489 18.23 -6.15 5.92
CA ILE B 489 17.04 -5.75 5.17
C ILE B 489 17.14 -6.21 3.73
N TYR B 490 18.29 -6.02 3.10
CA TYR B 490 18.46 -6.35 1.69
C TYR B 490 18.63 -7.86 1.47
N GLN B 491 18.64 -8.67 2.53
CA GLN B 491 18.57 -10.11 2.36
C GLN B 491 17.20 -10.51 1.78
N GLN B 492 16.15 -9.79 2.15
CA GLN B 492 14.81 -10.08 1.66
C GLN B 492 14.64 -9.62 0.21
N GLY C 4 24.34 -31.04 31.03
CA GLY C 4 24.22 -32.24 30.22
C GLY C 4 24.31 -31.94 28.74
N VAL C 5 23.74 -32.82 27.91
CA VAL C 5 23.82 -32.72 26.46
C VAL C 5 22.49 -32.13 25.97
N ASN C 6 22.52 -30.84 25.62
CA ASN C 6 21.36 -30.09 25.17
C ASN C 6 21.43 -29.88 23.66
N ALA C 7 20.45 -30.41 22.94
CA ALA C 7 20.49 -30.43 21.48
C ALA C 7 19.41 -29.54 20.89
N VAL C 8 19.76 -28.85 19.82
CA VAL C 8 18.79 -28.08 19.05
C VAL C 8 18.85 -28.58 17.61
N HIS C 9 17.67 -28.83 17.03
CA HIS C 9 17.52 -29.09 15.61
C HIS C 9 16.88 -27.86 14.98
N TRP C 10 17.51 -27.34 13.93
CA TRP C 10 17.06 -26.14 13.26
C TRP C 10 16.32 -26.53 11.98
N PHE C 11 14.99 -26.29 11.97
CA PHE C 11 14.16 -26.51 10.80
C PHE C 11 14.24 -25.29 9.86
N ARG C 12 14.47 -25.55 8.57
CA ARG C 12 14.32 -24.53 7.53
C ARG C 12 13.48 -25.13 6.42
N LYS C 13 14.05 -26.06 5.69
CA LYS C 13 13.28 -27.02 4.95
C LYS C 13 13.21 -28.26 5.85
N GLY C 14 12.98 -29.43 5.27
CA GLY C 14 12.88 -30.65 6.06
C GLY C 14 11.83 -30.57 7.14
N LEU C 15 10.68 -29.96 6.83
CA LEU C 15 9.62 -29.68 7.82
C LEU C 15 8.79 -30.94 8.05
N ARG C 16 9.43 -31.93 8.69
CA ARG C 16 8.81 -33.23 8.84
C ARG C 16 9.53 -33.99 9.95
N LEU C 17 8.83 -34.97 10.51
CA LEU C 17 9.44 -35.92 11.45
C LEU C 17 9.85 -37.23 10.79
N HIS C 18 9.28 -37.58 9.63
CA HIS C 18 9.74 -38.76 8.91
C HIS C 18 11.01 -38.42 8.11
N ASP C 19 11.85 -39.45 7.91
CA ASP C 19 13.09 -39.36 7.14
C ASP C 19 13.83 -38.05 7.40
N ASN C 20 14.20 -37.84 8.66
CA ASN C 20 14.93 -36.66 9.09
C ASN C 20 16.23 -37.11 9.77
N PRO C 21 17.23 -37.53 8.99
CA PRO C 21 18.46 -38.05 9.63
C PRO C 21 19.18 -37.04 10.50
N ALA C 22 19.13 -35.74 10.16
CA ALA C 22 19.76 -34.75 11.03
C ALA C 22 19.10 -34.71 12.40
N LEU C 23 17.77 -34.71 12.45
CA LEU C 23 17.09 -34.72 13.74
C LEU C 23 17.36 -36.01 14.50
N LYS C 24 17.39 -37.15 13.79
CA LYS C 24 17.65 -38.42 14.45
C LYS C 24 19.05 -38.45 15.06
N GLU C 25 20.06 -38.00 14.30
CA GLU C 25 21.42 -37.98 14.85
C GLU C 25 21.51 -37.04 16.05
N CYS C 26 20.77 -35.93 16.00
CA CYS C 26 20.85 -34.93 17.07
C CYS C 26 20.28 -35.47 18.37
N ILE C 27 19.20 -36.24 18.29
CA ILE C 27 18.59 -36.82 19.49
C ILE C 27 19.52 -37.83 20.14
N GLN C 28 20.30 -38.57 19.34
CA GLN C 28 21.17 -39.61 19.87
C GLN C 28 22.14 -39.02 20.88
N GLY C 29 22.15 -39.57 22.09
CA GLY C 29 23.02 -39.10 23.15
C GLY C 29 22.66 -37.77 23.77
N ALA C 30 21.42 -37.31 23.64
CA ALA C 30 20.99 -36.00 24.11
C ALA C 30 20.11 -36.12 25.34
N ASP C 31 20.34 -35.26 26.33
CA ASP C 31 19.43 -35.16 27.46
C ASP C 31 18.21 -34.31 27.13
N THR C 32 18.39 -33.24 26.36
CA THR C 32 17.27 -32.38 25.97
C THR C 32 17.31 -32.16 24.47
N ILE C 33 16.13 -32.01 23.87
CA ILE C 33 15.98 -31.68 22.45
C ILE C 33 14.97 -30.55 22.33
N ARG C 34 15.33 -29.53 21.55
CA ARG C 34 14.41 -28.46 21.19
C ARG C 34 14.49 -28.24 19.69
N CYS C 35 13.33 -28.23 19.02
CA CYS C 35 13.26 -27.96 17.59
C CYS C 35 12.85 -26.50 17.37
N VAL C 36 13.61 -25.79 16.51
CA VAL C 36 13.39 -24.38 16.29
C VAL C 36 13.22 -24.10 14.80
N TYR C 37 12.36 -23.13 14.51
CA TYR C 37 12.23 -22.46 13.22
C TYR C 37 12.48 -20.98 13.49
N ILE C 38 13.34 -20.35 12.69
CA ILE C 38 13.71 -18.95 12.87
C ILE C 38 12.99 -18.13 11.81
N LEU C 39 12.15 -17.20 12.27
CA LEU C 39 11.29 -16.41 11.39
C LEU C 39 11.55 -14.93 11.64
N ASP C 40 11.95 -14.20 10.61
CA ASP C 40 12.11 -12.77 10.75
C ASP C 40 10.76 -12.08 10.67
N PRO C 41 10.30 -11.42 11.75
CA PRO C 41 8.98 -10.78 11.68
C PRO C 41 8.97 -9.49 10.87
N TRP C 42 10.13 -8.87 10.61
CA TRP C 42 10.13 -7.62 9.86
C TRP C 42 9.92 -7.87 8.36
N PHE C 43 9.00 -7.12 7.78
CA PHE C 43 8.71 -7.22 6.35
C PHE C 43 9.20 -5.96 5.66
N ALA C 44 10.09 -6.15 4.67
CA ALA C 44 10.67 -5.06 3.91
C ALA C 44 9.73 -4.52 2.84
N GLY C 45 8.62 -5.21 2.57
CA GLY C 45 7.66 -4.76 1.58
C GLY C 45 6.27 -4.49 2.12
N SER C 46 5.53 -3.61 1.42
CA SER C 46 4.14 -3.33 1.75
C SER C 46 3.16 -4.26 1.05
N SER C 47 3.62 -5.13 0.16
CA SER C 47 2.72 -5.93 -0.68
C SER C 47 2.22 -7.17 0.05
N ASN C 48 1.06 -7.64 -0.39
CA ASN C 48 0.40 -8.81 0.16
C ASN C 48 0.54 -10.04 -0.74
N VAL C 49 1.38 -9.97 -1.79
CA VAL C 49 1.23 -10.90 -2.92
C VAL C 49 1.71 -12.31 -2.57
N GLY C 50 2.67 -12.45 -1.65
CA GLY C 50 3.17 -13.78 -1.30
C GLY C 50 2.36 -14.49 -0.23
N ILE C 51 1.09 -14.09 -0.03
CA ILE C 51 0.29 -14.62 1.07
C ILE C 51 0.08 -16.13 0.96
N ASN C 52 -0.08 -16.67 -0.25
CA ASN C 52 -0.37 -18.10 -0.36
C ASN C 52 0.82 -18.94 0.12
N ARG C 53 2.04 -18.54 -0.24
CA ARG C 53 3.23 -19.24 0.27
C ARG C 53 3.37 -19.07 1.79
N TRP C 54 3.11 -17.87 2.31
CA TRP C 54 3.20 -17.69 3.77
C TRP C 54 2.18 -18.54 4.50
N ARG C 55 0.94 -18.62 3.99
CA ARG C 55 -0.09 -19.44 4.63
C ARG C 55 0.32 -20.91 4.67
N PHE C 56 0.85 -21.43 3.55
CA PHE C 56 1.34 -22.81 3.47
C PHE C 56 2.44 -23.07 4.49
N LEU C 57 3.43 -22.15 4.56
CA LEU C 57 4.50 -22.30 5.53
C LEU C 57 3.93 -22.37 6.95
N LEU C 58 3.02 -21.46 7.29
CA LEU C 58 2.49 -21.44 8.65
C LEU C 58 1.76 -22.74 8.98
N GLN C 59 1.01 -23.28 8.01
CA GLN C 59 0.35 -24.58 8.21
C GLN C 59 1.38 -25.72 8.30
N CYS C 60 2.49 -25.65 7.56
CA CYS C 60 3.56 -26.61 7.81
C CYS C 60 4.04 -26.51 9.24
N LEU C 61 4.23 -25.28 9.74
CA LEU C 61 4.73 -25.10 11.10
C LEU C 61 3.71 -25.53 12.14
N GLU C 62 2.42 -25.22 11.92
CA GLU C 62 1.38 -25.68 12.85
C GLU C 62 1.32 -27.20 12.91
N ASP C 63 1.39 -27.85 11.74
CA ASP C 63 1.37 -29.31 11.71
C ASP C 63 2.60 -29.89 12.41
N LEU C 64 3.77 -29.31 12.18
CA LEU C 64 4.96 -29.76 12.89
C LEU C 64 4.79 -29.62 14.40
N ASP C 65 4.25 -28.49 14.84
CA ASP C 65 4.04 -28.27 16.27
C ASP C 65 3.08 -29.29 16.87
N ALA C 66 2.00 -29.62 16.13
CA ALA C 66 1.05 -30.61 16.62
C ALA C 66 1.67 -32.01 16.69
N ASN C 67 2.51 -32.36 15.73
CA ASN C 67 3.16 -33.67 15.78
C ASN C 67 4.24 -33.73 16.87
N LEU C 68 4.98 -32.64 17.07
CA LEU C 68 5.88 -32.59 18.21
C LEU C 68 5.12 -32.69 19.52
N ARG C 69 3.90 -32.14 19.55
CA ARG C 69 3.08 -32.19 20.77
C ARG C 69 2.73 -33.63 21.14
N LYS C 70 2.49 -34.49 20.15
CA LYS C 70 2.23 -35.90 20.43
C LYS C 70 3.42 -36.60 21.07
N LEU C 71 4.63 -36.07 20.90
CA LEU C 71 5.84 -36.62 21.49
C LEU C 71 6.22 -35.88 22.78
N ASN C 72 5.29 -35.11 23.35
CA ASN C 72 5.52 -34.34 24.57
C ASN C 72 6.60 -33.28 24.37
N SER C 73 6.60 -32.65 23.19
CA SER C 73 7.51 -31.57 22.86
C SER C 73 6.70 -30.44 22.24
N ARG C 74 7.39 -29.40 21.78
CA ARG C 74 6.76 -28.29 21.08
C ARG C 74 7.75 -27.81 20.03
N LEU C 75 7.23 -27.14 19.01
CA LEU C 75 8.08 -26.41 18.09
C LEU C 75 8.38 -25.03 18.69
N PHE C 76 9.63 -24.59 18.57
CA PHE C 76 10.01 -23.24 19.00
C PHE C 76 10.12 -22.36 17.77
N VAL C 77 9.18 -21.44 17.59
CA VAL C 77 9.31 -20.44 16.54
C VAL C 77 9.93 -19.21 17.17
N ILE C 78 11.14 -18.89 16.74
CA ILE C 78 11.92 -17.81 17.32
C ILE C 78 11.97 -16.67 16.31
N ARG C 79 11.66 -15.47 16.78
CA ARG C 79 11.62 -14.27 15.93
C ARG C 79 13.01 -13.67 15.88
N GLY C 80 13.52 -13.45 14.67
CA GLY C 80 14.83 -12.86 14.48
C GLY C 80 15.50 -13.46 13.27
N GLN C 81 16.79 -13.15 13.12
CA GLN C 81 17.81 -13.58 12.19
C GLN C 81 18.73 -14.60 12.86
N PRO C 82 19.09 -15.68 12.13
CA PRO C 82 19.87 -16.76 12.75
C PRO C 82 21.19 -16.33 13.36
N ALA C 83 21.91 -15.40 12.73
CA ALA C 83 23.21 -15.00 13.25
C ALA C 83 23.09 -14.32 14.61
N ASP C 84 22.00 -13.58 14.85
CA ASP C 84 21.79 -12.99 16.18
C ASP C 84 21.21 -13.99 17.17
N VAL C 85 20.27 -14.83 16.71
CA VAL C 85 19.53 -15.70 17.62
C VAL C 85 20.42 -16.82 18.16
N PHE C 86 21.22 -17.46 17.31
CA PHE C 86 21.91 -18.67 17.77
C PHE C 86 22.94 -18.44 18.88
N PRO C 87 23.79 -17.39 18.86
CA PRO C 87 24.69 -17.21 20.01
C PRO C 87 23.97 -17.01 21.33
N ARG C 88 22.83 -16.32 21.34
CA ARG C 88 22.07 -16.18 22.58
C ARG C 88 21.48 -17.52 23.02
N LEU C 89 20.95 -18.30 22.08
CA LEU C 89 20.39 -19.60 22.42
C LEU C 89 21.45 -20.55 22.95
N PHE C 90 22.67 -20.48 22.39
CA PHE C 90 23.74 -21.36 22.85
C PHE C 90 23.99 -21.18 24.34
N LYS C 91 24.09 -19.93 24.78
CA LYS C 91 24.34 -19.64 26.19
C LYS C 91 23.10 -19.89 27.04
N GLU C 92 21.93 -19.42 26.57
CA GLU C 92 20.71 -19.49 27.39
C GLU C 92 20.30 -20.92 27.67
N TRP C 93 20.38 -21.79 26.67
CA TRP C 93 19.95 -23.16 26.81
C TRP C 93 21.09 -24.13 27.05
N ASN C 94 22.32 -23.63 27.18
CA ASN C 94 23.53 -24.45 27.34
C ASN C 94 23.64 -25.51 26.22
N ILE C 95 23.48 -25.06 24.98
CA ILE C 95 23.44 -25.97 23.83
C ILE C 95 24.83 -26.53 23.55
N THR C 96 24.93 -27.85 23.39
CA THR C 96 26.17 -28.51 22.99
C THR C 96 26.13 -29.06 21.58
N LYS C 97 24.94 -29.21 20.98
CA LYS C 97 24.77 -29.83 19.66
C LYS C 97 23.72 -29.08 18.88
N LEU C 98 24.02 -28.77 17.61
CA LEU C 98 23.09 -28.17 16.67
C LEU C 98 23.07 -29.00 15.39
N SER C 99 21.87 -29.39 14.93
CA SER C 99 21.71 -30.17 13.71
C SER C 99 20.91 -29.40 12.68
N ILE C 100 21.23 -29.62 11.39
CA ILE C 100 20.49 -29.10 10.26
C ILE C 100 20.45 -30.12 9.12
N GLU C 101 19.38 -30.04 8.33
CA GLU C 101 19.41 -30.68 7.02
C GLU C 101 20.18 -29.79 6.06
N TYR C 102 21.08 -30.40 5.29
CA TYR C 102 21.94 -29.64 4.39
C TYR C 102 21.12 -28.84 3.39
N ASP C 103 21.58 -27.62 3.09
CA ASP C 103 20.96 -26.78 2.07
C ASP C 103 21.98 -26.54 0.97
N SER C 104 21.69 -27.06 -0.25
CA SER C 104 22.64 -26.96 -1.38
C SER C 104 22.64 -25.60 -2.08
N GLU C 105 21.62 -24.78 -1.86
CA GLU C 105 21.55 -23.53 -2.59
C GLU C 105 22.69 -22.60 -2.15
N PRO C 106 23.27 -21.83 -3.07
CA PRO C 106 24.47 -21.05 -2.72
C PRO C 106 24.27 -20.09 -1.55
N PHE C 107 23.15 -19.36 -1.51
CA PHE C 107 22.90 -18.49 -0.34
C PHE C 107 22.78 -19.31 0.94
N GLY C 108 22.09 -20.45 0.88
CA GLY C 108 21.98 -21.30 2.07
C GLY C 108 23.32 -21.84 2.53
N LYS C 109 24.17 -22.24 1.59
CA LYS C 109 25.49 -22.76 1.94
C LYS C 109 26.32 -21.69 2.63
N GLU C 110 26.28 -20.46 2.11
CA GLU C 110 27.02 -19.37 2.75
C GLU C 110 26.52 -19.11 4.15
N ARG C 111 25.18 -19.04 4.31
CA ARG C 111 24.59 -18.78 5.62
C ARG C 111 24.92 -19.88 6.61
N ASP C 112 24.84 -21.14 6.19
CA ASP C 112 25.14 -22.25 7.10
C ASP C 112 26.63 -22.30 7.45
N ALA C 113 27.52 -21.88 6.55
CA ALA C 113 28.93 -21.81 6.94
C ALA C 113 29.14 -20.77 8.05
N ALA C 114 28.41 -19.65 7.99
CA ALA C 114 28.52 -18.63 9.03
C ALA C 114 28.01 -19.14 10.37
N ILE C 115 26.89 -19.86 10.37
CA ILE C 115 26.34 -20.39 11.62
C ILE C 115 27.27 -21.45 12.18
N LYS C 116 27.87 -22.26 11.32
CA LYS C 116 28.82 -23.27 11.82
C LYS C 116 30.03 -22.60 12.49
N LYS C 117 30.50 -21.50 11.91
CA LYS C 117 31.59 -20.74 12.51
C LYS C 117 31.16 -20.24 13.89
N LEU C 118 29.94 -19.69 13.99
CA LEU C 118 29.43 -19.23 15.27
C LEU C 118 29.32 -20.40 16.26
N ALA C 119 28.81 -21.55 15.78
CA ALA C 119 28.70 -22.70 16.68
C ALA C 119 30.06 -23.18 17.16
N THR C 120 31.05 -23.24 16.27
CA THR C 120 32.38 -23.71 16.68
C THR C 120 33.01 -22.76 17.69
N GLU C 121 32.85 -21.44 17.48
CA GLU C 121 33.40 -20.47 18.42
C GLU C 121 32.75 -20.57 19.80
N ALA C 122 31.51 -21.03 19.86
CA ALA C 122 30.79 -21.20 21.12
C ALA C 122 30.95 -22.58 21.73
N GLY C 123 31.79 -23.44 21.15
CA GLY C 123 31.96 -24.80 21.63
C GLY C 123 30.82 -25.73 21.27
N VAL C 124 30.02 -25.39 20.27
CA VAL C 124 28.86 -26.18 19.86
C VAL C 124 29.22 -27.03 18.65
N GLU C 125 28.91 -28.33 18.73
CA GLU C 125 29.06 -29.28 17.63
C GLU C 125 27.89 -29.16 16.63
N VAL C 126 28.21 -29.14 15.32
CA VAL C 126 27.23 -29.02 14.24
C VAL C 126 27.05 -30.34 13.50
N ILE C 127 25.80 -30.83 13.45
CA ILE C 127 25.43 -32.02 12.69
C ILE C 127 24.72 -31.58 11.42
N VAL C 128 25.20 -32.03 10.26
CA VAL C 128 24.60 -31.72 8.97
C VAL C 128 24.34 -33.04 8.24
N ARG C 129 23.10 -33.24 7.78
CA ARG C 129 22.78 -34.45 7.01
C ARG C 129 22.02 -34.07 5.76
N ILE C 130 22.30 -34.80 4.68
CA ILE C 130 21.66 -34.59 3.40
C ILE C 130 20.35 -35.36 3.38
N SER C 131 19.25 -34.64 3.19
CA SER C 131 17.96 -35.30 3.04
C SER C 131 16.96 -34.48 2.22
N HIS C 132 17.31 -33.29 1.74
CA HIS C 132 16.41 -32.56 0.85
C HIS C 132 16.43 -33.11 -0.59
N THR C 133 17.51 -33.73 -1.00
CA THR C 133 17.69 -34.28 -2.33
C THR C 133 17.92 -35.78 -2.25
N LEU C 134 17.77 -36.46 -3.39
CA LEU C 134 18.02 -37.92 -3.44
C LEU C 134 19.48 -38.26 -3.23
N TYR C 135 20.39 -37.45 -3.78
CA TYR C 135 21.80 -37.75 -3.78
C TYR C 135 22.59 -36.62 -3.11
N ASP C 136 23.81 -36.95 -2.70
CA ASP C 136 24.76 -35.90 -2.35
C ASP C 136 25.17 -35.23 -3.65
N LEU C 137 24.72 -33.98 -3.85
CA LEU C 137 24.91 -33.33 -5.14
C LEU C 137 26.38 -33.19 -5.47
N ASP C 138 27.22 -32.99 -4.44
CA ASP C 138 28.66 -32.86 -4.66
C ASP C 138 29.27 -34.12 -5.25
N LYS C 139 28.77 -35.30 -4.86
CA LYS C 139 29.29 -36.54 -5.44
C LYS C 139 28.93 -36.67 -6.90
N ILE C 140 27.74 -36.23 -7.29
CA ILE C 140 27.38 -36.20 -8.71
C ILE C 140 28.34 -35.31 -9.47
N ILE C 141 28.65 -34.15 -8.92
CA ILE C 141 29.52 -33.21 -9.63
C ILE C 141 30.94 -33.77 -9.70
N GLU C 142 31.42 -34.38 -8.62
CA GLU C 142 32.75 -35.00 -8.64
C GLU C 142 32.81 -36.12 -9.66
N LEU C 143 31.76 -36.96 -9.73
CA LEU C 143 31.72 -38.02 -10.71
C LEU C 143 31.79 -37.47 -12.14
N ASN C 144 31.32 -36.25 -12.35
CA ASN C 144 31.33 -35.61 -13.66
C ASN C 144 32.59 -34.80 -13.92
N GLY C 145 33.61 -34.93 -13.08
CA GLY C 145 34.86 -34.24 -13.35
C GLY C 145 34.93 -32.83 -12.79
N GLY C 146 34.00 -32.46 -11.90
CA GLY C 146 34.03 -31.17 -11.24
C GLY C 146 33.00 -30.16 -11.71
N GLN C 147 32.25 -30.45 -12.77
CA GLN C 147 31.22 -29.52 -13.19
C GLN C 147 29.87 -30.24 -13.26
N PRO C 148 28.77 -29.55 -12.95
CA PRO C 148 27.46 -30.19 -13.07
C PRO C 148 27.15 -30.56 -14.51
N PRO C 149 26.37 -31.62 -14.73
CA PRO C 149 25.88 -31.92 -16.10
C PRO C 149 24.95 -30.83 -16.61
N LEU C 150 25.07 -30.53 -17.90
CA LEU C 150 24.26 -29.50 -18.53
C LEU C 150 23.12 -30.05 -19.40
N THR C 151 22.95 -31.37 -19.47
CA THR C 151 21.78 -31.93 -20.13
C THR C 151 21.19 -33.03 -19.24
N TYR C 152 19.87 -33.19 -19.35
CA TYR C 152 19.19 -34.22 -18.57
C TYR C 152 19.69 -35.61 -18.90
N LYS C 153 19.97 -35.89 -20.19
CA LYS C 153 20.46 -37.19 -20.58
C LYS C 153 21.79 -37.49 -19.91
N ARG C 154 22.71 -36.51 -19.94
CA ARG C 154 23.99 -36.69 -19.27
C ARG C 154 23.78 -36.87 -17.77
N PHE C 155 22.83 -36.13 -17.18
CA PHE C 155 22.53 -36.29 -15.76
C PHE C 155 22.03 -37.69 -15.45
N GLN C 156 21.18 -38.25 -16.31
CA GLN C 156 20.67 -39.60 -16.09
C GLN C 156 21.80 -40.63 -16.13
N THR C 157 22.76 -40.47 -17.05
CA THR C 157 23.91 -41.37 -17.10
C THR C 157 24.70 -41.33 -15.79
N LEU C 158 24.86 -40.13 -15.21
CA LEU C 158 25.57 -40.02 -13.93
C LEU C 158 24.80 -40.69 -12.82
N VAL C 159 23.48 -40.47 -12.76
CA VAL C 159 22.66 -41.11 -11.73
C VAL C 159 22.79 -42.62 -11.81
N SER C 160 22.82 -43.15 -13.02
CA SER C 160 22.94 -44.60 -13.19
C SER C 160 24.24 -45.15 -12.60
N LYS C 161 25.30 -44.35 -12.53
CA LYS C 161 26.56 -44.81 -11.95
C LYS C 161 26.67 -44.50 -10.46
N MET C 162 25.67 -43.85 -9.87
CA MET C 162 25.67 -43.55 -8.44
C MET C 162 25.39 -44.82 -7.64
N GLU C 163 25.80 -44.81 -6.37
CA GLU C 163 25.53 -45.93 -5.47
C GLU C 163 24.03 -45.99 -5.20
N PRO C 164 23.51 -47.16 -4.83
CA PRO C 164 22.06 -47.30 -4.60
C PRO C 164 21.55 -46.28 -3.60
N LEU C 165 20.32 -45.82 -3.83
CA LEU C 165 19.75 -44.75 -3.04
C LEU C 165 19.68 -45.14 -1.57
N GLU C 166 19.95 -44.17 -0.70
CA GLU C 166 19.91 -44.43 0.74
C GLU C 166 18.47 -44.67 1.19
N MET C 167 18.30 -45.62 2.10
CA MET C 167 16.97 -45.91 2.63
C MET C 167 16.54 -44.77 3.54
N PRO C 168 15.24 -44.50 3.65
CA PRO C 168 14.77 -43.40 4.52
C PRO C 168 15.15 -43.65 5.97
N ALA C 169 15.50 -42.56 6.65
CA ALA C 169 15.78 -42.64 8.09
C ALA C 169 14.50 -42.92 8.85
N ASP C 170 14.64 -43.53 10.03
CA ASP C 170 13.48 -43.85 10.86
C ASP C 170 12.72 -42.60 11.29
N THR C 171 11.39 -42.69 11.28
CA THR C 171 10.56 -41.59 11.76
C THR C 171 10.81 -41.32 13.24
N ILE C 172 10.77 -40.04 13.64
CA ILE C 172 10.94 -39.68 15.04
C ILE C 172 9.68 -40.03 15.84
N THR C 173 9.83 -40.94 16.80
CA THR C 173 8.75 -41.41 17.66
C THR C 173 9.18 -41.33 19.12
N SER C 174 8.25 -41.72 20.01
CA SER C 174 8.56 -41.77 21.43
C SER C 174 9.82 -42.62 21.66
N ASP C 175 9.91 -43.77 20.96
CA ASP C 175 11.02 -44.70 21.17
C ASP C 175 12.34 -44.11 20.73
N VAL C 176 12.36 -43.38 19.61
CA VAL C 176 13.59 -42.70 19.20
C VAL C 176 13.96 -41.62 20.22
N ILE C 177 12.97 -40.86 20.67
CA ILE C 177 13.21 -39.79 21.63
C ILE C 177 13.62 -40.35 22.98
N GLY C 178 12.94 -41.39 23.45
CA GLY C 178 13.29 -42.02 24.73
C GLY C 178 13.13 -41.06 25.89
N LYS C 179 14.17 -41.00 26.73
CA LYS C 179 14.20 -40.10 27.89
C LYS C 179 14.62 -38.69 27.53
N CYS C 180 15.06 -38.44 26.30
CA CYS C 180 15.35 -37.07 25.88
C CYS C 180 14.06 -36.25 26.00
N MET C 181 14.15 -35.08 26.64
CA MET C 181 12.95 -34.31 26.92
C MET C 181 13.09 -32.90 26.38
N THR C 182 11.96 -32.23 26.27
CA THR C 182 11.95 -30.83 25.85
C THR C 182 11.52 -29.97 27.03
N PRO C 183 12.37 -29.13 27.59
CA PRO C 183 11.92 -28.23 28.65
C PRO C 183 10.90 -27.27 28.08
N LEU C 184 9.79 -27.10 28.79
CA LEU C 184 8.69 -26.26 28.33
C LEU C 184 8.26 -25.33 29.43
N SER C 185 7.71 -24.19 29.04
CA SER C 185 7.22 -23.20 29.96
C SER C 185 5.75 -22.92 29.68
N ASP C 186 5.06 -22.37 30.68
CA ASP C 186 3.64 -22.02 30.53
C ASP C 186 3.44 -20.87 29.55
N ASP C 187 4.49 -20.10 29.28
CA ASP C 187 4.42 -18.97 28.36
C ASP C 187 4.91 -19.32 26.96
N HIS C 188 4.93 -20.62 26.62
CA HIS C 188 5.50 -21.05 25.34
C HIS C 188 4.80 -20.42 24.15
N ASP C 189 3.47 -20.36 24.19
CA ASP C 189 2.71 -19.87 23.04
C ASP C 189 2.97 -18.38 22.81
N GLU C 190 3.14 -17.60 23.87
CA GLU C 190 3.41 -16.17 23.70
C GLU C 190 4.78 -15.92 23.10
N LYS C 191 5.78 -16.69 23.51
CA LYS C 191 7.14 -16.38 23.06
C LYS C 191 7.56 -17.19 21.83
N TYR C 192 7.02 -18.41 21.67
CA TYR C 192 7.49 -19.32 20.64
C TYR C 192 6.38 -19.90 19.77
N GLY C 193 5.17 -19.34 19.82
CA GLY C 193 4.07 -19.91 19.06
C GLY C 193 4.16 -19.57 17.58
N VAL C 194 3.55 -20.42 16.76
CA VAL C 194 3.46 -20.18 15.33
C VAL C 194 2.59 -18.95 15.09
N PRO C 195 3.07 -17.92 14.42
CA PRO C 195 2.25 -16.72 14.22
C PRO C 195 1.12 -17.00 13.24
N SER C 196 0.06 -16.20 13.36
CA SER C 196 -1.00 -16.23 12.36
C SER C 196 -0.64 -15.30 11.21
N LEU C 197 -1.37 -15.44 10.09
CA LEU C 197 -1.17 -14.50 9.00
C LEU C 197 -1.49 -13.08 9.44
N GLU C 198 -2.56 -12.91 10.23
CA GLU C 198 -2.95 -11.57 10.65
C GLU C 198 -1.91 -10.97 11.58
N GLU C 199 -1.34 -11.79 12.48
CA GLU C 199 -0.29 -11.33 13.37
C GLU C 199 0.92 -10.82 12.59
N LEU C 200 1.24 -11.48 11.49
CA LEU C 200 2.35 -11.07 10.65
C LEU C 200 2.03 -9.87 9.77
N GLY C 201 0.82 -9.32 9.86
CA GLY C 201 0.48 -8.14 9.10
C GLY C 201 -0.14 -8.35 7.74
N PHE C 202 -0.48 -9.58 7.37
CA PHE C 202 -1.15 -9.80 6.09
C PHE C 202 -2.63 -9.50 6.24
N ASP C 203 -3.20 -8.87 5.21
CA ASP C 203 -4.65 -8.70 5.13
C ASP C 203 -5.25 -9.99 4.57
N THR C 204 -6.08 -10.66 5.37
CA THR C 204 -6.62 -11.98 5.06
C THR C 204 -8.04 -11.93 4.50
N ASP C 205 -8.56 -10.75 4.16
CA ASP C 205 -9.96 -10.63 3.76
C ASP C 205 -10.28 -11.48 2.53
N GLY C 206 -9.41 -11.50 1.53
CA GLY C 206 -9.78 -12.23 0.33
C GLY C 206 -9.49 -13.71 0.31
N LEU C 207 -9.01 -14.27 1.42
CA LEU C 207 -8.66 -15.69 1.50
C LEU C 207 -9.86 -16.57 1.84
N SER C 208 -10.05 -17.62 1.06
CA SER C 208 -10.93 -18.74 1.31
C SER C 208 -10.08 -19.93 1.73
N SER C 209 -10.71 -21.10 1.78
CA SER C 209 -10.01 -22.31 2.13
C SER C 209 -8.85 -22.54 1.18
N ALA C 210 -7.71 -22.98 1.73
CA ALA C 210 -6.56 -23.26 0.87
C ALA C 210 -6.83 -24.53 0.06
N VAL C 211 -6.49 -24.47 -1.23
CA VAL C 211 -6.54 -25.66 -2.05
C VAL C 211 -5.40 -26.59 -1.71
N TRP C 212 -4.30 -26.03 -1.18
CA TRP C 212 -3.08 -26.77 -0.86
C TRP C 212 -2.73 -26.57 0.61
N PRO C 213 -3.33 -27.35 1.50
CA PRO C 213 -2.99 -27.23 2.93
C PRO C 213 -1.56 -27.67 3.19
N GLY C 214 -0.85 -26.92 4.03
CA GLY C 214 0.54 -27.23 4.31
C GLY C 214 0.72 -28.38 5.30
N GLY C 215 1.93 -28.93 5.34
CA GLY C 215 2.26 -29.80 6.44
C GLY C 215 2.51 -31.25 6.08
N GLU C 216 3.28 -31.93 6.93
CA GLU C 216 3.66 -33.31 6.70
C GLU C 216 2.46 -34.24 6.72
N THR C 217 1.50 -33.99 7.62
CA THR C 217 0.35 -34.89 7.70
C THR C 217 -0.38 -34.94 6.37
N GLU C 218 -0.65 -33.77 5.80
CA GLU C 218 -1.29 -33.70 4.50
C GLU C 218 -0.42 -34.32 3.41
N ALA C 219 0.90 -34.12 3.50
CA ALA C 219 1.80 -34.61 2.46
C ALA C 219 1.75 -36.13 2.33
N LEU C 220 1.78 -36.84 3.47
CA LEU C 220 1.77 -38.30 3.48
C LEU C 220 0.44 -38.83 2.97
N THR C 221 -0.66 -38.15 3.33
CA THR C 221 -1.96 -38.52 2.80
C THR C 221 -1.98 -38.35 1.29
N ARG C 222 -1.50 -37.23 0.78
CA ARG C 222 -1.49 -37.01 -0.66
C ARG C 222 -0.55 -37.97 -1.38
N LEU C 223 0.55 -38.37 -0.73
CA LEU C 223 1.46 -39.35 -1.33
C LEU C 223 0.73 -40.67 -1.58
N GLU C 224 -0.04 -41.15 -0.58
CA GLU C 224 -0.77 -42.39 -0.74
C GLU C 224 -1.81 -42.30 -1.86
N ARG C 225 -2.54 -41.18 -1.94
CA ARG C 225 -3.50 -41.01 -3.03
C ARG C 225 -2.80 -40.94 -4.38
N HIS C 226 -1.66 -40.27 -4.44
CA HIS C 226 -0.92 -40.17 -5.70
C HIS C 226 -0.52 -41.56 -6.19
N LEU C 227 -0.05 -42.41 -5.27
CA LEU C 227 0.33 -43.76 -5.67
C LEU C 227 -0.89 -44.57 -6.11
N GLU C 228 -2.03 -44.38 -5.45
CA GLU C 228 -3.24 -45.12 -5.80
C GLU C 228 -3.73 -44.78 -7.21
N ARG C 229 -3.74 -43.49 -7.57
CA ARG C 229 -4.18 -43.12 -8.92
C ARG C 229 -3.22 -43.64 -9.98
N LYS C 230 -1.92 -43.55 -9.72
CA LYS C 230 -0.90 -43.97 -10.69
C LYS C 230 -0.99 -45.46 -10.99
N ALA C 231 -1.41 -46.27 -10.01
CA ALA C 231 -1.52 -47.71 -10.20
C ALA C 231 -2.48 -48.07 -11.34
N TRP C 232 -3.54 -47.30 -11.54
CA TRP C 232 -4.52 -47.62 -12.57
C TRP C 232 -4.13 -47.03 -13.93
N GLY C 252 -0.31 -34.24 -7.60
CA GLY C 252 0.88 -33.40 -7.51
C GLY C 252 1.37 -33.20 -6.08
N LEU C 253 2.68 -33.40 -5.86
CA LEU C 253 3.28 -33.32 -4.54
C LEU C 253 4.31 -32.21 -4.41
N SER C 254 4.55 -31.44 -5.46
CA SER C 254 5.69 -30.52 -5.46
C SER C 254 5.68 -29.49 -4.34
N PRO C 255 4.54 -28.92 -3.91
CA PRO C 255 4.60 -28.00 -2.75
C PRO C 255 5.17 -28.65 -1.49
N TYR C 256 4.78 -29.89 -1.22
CA TYR C 256 5.27 -30.63 -0.06
C TYR C 256 6.75 -30.98 -0.21
N LEU C 257 7.19 -31.26 -1.44
CA LEU C 257 8.60 -31.52 -1.66
C LEU C 257 9.44 -30.26 -1.43
N ARG C 258 8.93 -29.09 -1.86
CA ARG C 258 9.71 -27.86 -1.73
C ARG C 258 9.95 -27.50 -0.27
N PHE C 259 8.93 -27.68 0.58
CA PHE C 259 9.08 -27.34 1.99
C PHE C 259 9.63 -28.47 2.83
N GLY C 260 9.83 -29.67 2.26
CA GLY C 260 10.29 -30.80 3.03
C GLY C 260 9.19 -31.54 3.79
N CYS C 261 7.92 -31.19 3.59
CA CYS C 261 6.84 -31.95 4.22
C CYS C 261 6.86 -33.39 3.79
N LEU C 262 7.35 -33.65 2.59
CA LEU C 262 7.52 -34.99 2.07
C LEU C 262 8.97 -35.21 1.68
N SER C 263 9.54 -36.32 2.16
CA SER C 263 10.86 -36.75 1.77
C SER C 263 10.86 -37.21 0.31
N CYS C 264 11.81 -36.71 -0.48
CA CYS C 264 11.95 -37.19 -1.85
C CYS C 264 12.41 -38.64 -1.84
N ARG C 265 13.23 -39.04 -0.85
CA ARG C 265 13.69 -40.42 -0.76
C ARG C 265 12.55 -41.37 -0.46
N LEU C 266 11.62 -40.99 0.44
CA LEU C 266 10.43 -41.82 0.67
C LEU C 266 9.58 -41.92 -0.59
N PHE C 267 9.41 -40.80 -1.29
CA PHE C 267 8.66 -40.81 -2.54
C PHE C 267 9.28 -41.79 -3.54
N TYR C 268 10.61 -41.75 -3.66
CA TYR C 268 11.34 -42.64 -4.55
C TYR C 268 11.12 -44.11 -4.18
N PHE C 269 11.22 -44.43 -2.88
CA PHE C 269 11.04 -45.81 -2.45
C PHE C 269 9.62 -46.28 -2.69
N LYS C 270 8.63 -45.41 -2.46
CA LYS C 270 7.24 -45.79 -2.71
C LYS C 270 7.00 -46.07 -4.19
N LEU C 271 7.61 -45.28 -5.07
CA LEU C 271 7.48 -45.51 -6.50
C LEU C 271 8.12 -46.82 -6.92
N THR C 272 9.32 -47.10 -6.39
CA THR C 272 9.99 -48.37 -6.70
C THR C 272 9.14 -49.54 -6.25
N ASP C 273 8.56 -49.44 -5.04
CA ASP C 273 7.71 -50.49 -4.51
C ASP C 273 6.47 -50.70 -5.37
N LEU C 274 5.83 -49.61 -5.80
CA LEU C 274 4.64 -49.72 -6.64
C LEU C 274 4.96 -50.37 -7.98
N TYR C 275 6.09 -49.99 -8.59
CA TYR C 275 6.54 -50.63 -9.82
C TYR C 275 6.83 -52.12 -9.60
N LYS C 276 7.48 -52.46 -8.48
CA LYS C 276 7.78 -53.87 -8.22
C LYS C 276 6.50 -54.67 -8.09
N LYS C 277 5.45 -54.07 -7.49
CA LYS C 277 4.18 -54.78 -7.42
C LYS C 277 3.52 -54.87 -8.79
N VAL C 278 3.44 -53.75 -9.51
CA VAL C 278 2.66 -53.72 -10.75
C VAL C 278 3.42 -54.36 -11.91
N LYS C 279 4.69 -54.01 -12.11
CA LYS C 279 5.45 -54.48 -13.26
C LYS C 279 6.30 -55.72 -12.97
N LYS C 280 6.35 -56.16 -11.71
CA LYS C 280 7.06 -57.38 -11.31
C LYS C 280 8.52 -57.37 -11.72
N ASN C 281 9.19 -56.22 -11.60
CA ASN C 281 10.62 -56.17 -11.90
C ASN C 281 11.27 -55.26 -10.87
N SER C 282 12.57 -55.46 -10.68
CA SER C 282 13.35 -54.64 -9.78
C SER C 282 14.22 -53.63 -10.51
N SER C 283 14.24 -53.66 -11.84
CA SER C 283 15.03 -52.69 -12.61
C SER C 283 14.12 -51.70 -13.35
N PRO C 284 13.50 -50.72 -12.67
CA PRO C 284 12.56 -49.83 -13.35
C PRO C 284 13.31 -48.85 -14.24
N PRO C 285 12.69 -48.40 -15.32
CA PRO C 285 13.31 -47.33 -16.11
C PRO C 285 13.32 -46.03 -15.32
N LEU C 286 14.34 -45.21 -15.60
CA LEU C 286 14.47 -43.96 -14.85
C LEU C 286 13.29 -43.03 -15.08
N SER C 287 12.54 -43.20 -16.16
CA SER C 287 11.37 -42.36 -16.39
C SER C 287 10.38 -42.45 -15.24
N LEU C 288 10.37 -43.57 -14.50
CA LEU C 288 9.49 -43.71 -13.35
C LEU C 288 9.72 -42.60 -12.33
N TYR C 289 10.95 -42.13 -12.18
CA TYR C 289 11.28 -41.11 -11.20
C TYR C 289 11.49 -39.74 -11.85
N GLY C 290 10.92 -39.52 -13.03
CA GLY C 290 11.29 -38.36 -13.82
C GLY C 290 11.10 -37.05 -13.09
N GLN C 291 9.98 -36.91 -12.39
CA GLN C 291 9.73 -35.68 -11.66
C GLN C 291 10.81 -35.44 -10.59
N LEU C 292 11.16 -36.48 -9.83
CA LEU C 292 12.23 -36.34 -8.86
C LEU C 292 13.59 -36.11 -9.52
N LEU C 293 13.84 -36.76 -10.66
CA LEU C 293 15.15 -36.62 -11.30
C LEU C 293 15.32 -35.27 -11.97
N TRP C 294 14.24 -34.70 -12.54
CA TRP C 294 14.37 -33.34 -13.07
C TRP C 294 14.68 -32.36 -11.94
N ARG C 295 14.02 -32.55 -10.80
CA ARG C 295 14.25 -31.73 -9.61
C ARG C 295 15.70 -31.84 -9.16
N GLU C 296 16.22 -33.07 -9.12
CA GLU C 296 17.60 -33.33 -8.73
C GLU C 296 18.57 -32.68 -9.71
N PHE C 297 18.24 -32.72 -11.00
CA PHE C 297 19.10 -32.18 -12.05
C PHE C 297 19.28 -30.66 -11.89
N PHE C 298 18.19 -29.95 -11.65
CA PHE C 298 18.28 -28.49 -11.48
C PHE C 298 18.99 -28.12 -10.18
N TYR C 299 18.78 -28.91 -9.12
CA TYR C 299 19.52 -28.70 -7.87
C TYR C 299 21.03 -28.88 -8.07
N THR C 300 21.43 -29.89 -8.84
CA THR C 300 22.85 -30.13 -9.09
C THR C 300 23.46 -28.99 -9.91
N ALA C 301 22.75 -28.52 -10.93
CA ALA C 301 23.22 -27.39 -11.73
C ALA C 301 23.35 -26.13 -10.89
N ALA C 302 22.48 -25.95 -9.89
CA ALA C 302 22.44 -24.68 -9.20
C ALA C 302 23.43 -24.57 -8.04
N THR C 303 23.84 -25.68 -7.45
CA THR C 303 24.46 -25.62 -6.12
C THR C 303 25.77 -24.82 -6.12
N ASN C 304 26.55 -24.89 -7.20
CA ASN C 304 27.84 -24.20 -7.27
C ASN C 304 27.80 -22.93 -8.11
N ASN C 305 26.62 -22.42 -8.45
CA ASN C 305 26.47 -21.24 -9.31
C ASN C 305 25.70 -20.11 -8.63
N PRO C 306 26.37 -19.15 -7.99
CA PRO C 306 25.63 -18.08 -7.28
C PRO C 306 24.82 -17.15 -8.17
N ARG C 307 25.06 -17.11 -9.48
CA ARG C 307 24.25 -16.29 -10.37
C ARG C 307 23.29 -17.13 -11.22
N PHE C 308 22.94 -18.33 -10.73
CA PHE C 308 22.12 -19.26 -11.49
C PHE C 308 20.76 -18.67 -11.84
N ASP C 309 20.23 -17.77 -11.00
CA ASP C 309 18.94 -17.11 -11.24
C ASP C 309 19.06 -15.82 -12.03
N LYS C 310 20.17 -15.59 -12.72
CA LYS C 310 20.39 -14.39 -13.53
C LYS C 310 20.78 -14.79 -14.93
N MET C 311 20.59 -13.87 -15.87
CA MET C 311 21.17 -14.04 -17.21
C MET C 311 22.59 -13.50 -17.28
N GLU C 312 22.73 -12.19 -17.05
CA GLU C 312 24.04 -11.54 -17.10
C GLU C 312 24.92 -12.10 -15.99
N GLY C 313 26.16 -12.42 -16.32
CA GLY C 313 27.07 -12.98 -15.34
C GLY C 313 26.85 -14.43 -15.03
N ASN C 314 25.88 -15.09 -15.66
CA ASN C 314 25.62 -16.50 -15.42
C ASN C 314 26.36 -17.29 -16.49
N PRO C 315 27.43 -18.03 -16.13
CA PRO C 315 28.27 -18.69 -17.14
C PRO C 315 27.58 -19.78 -17.94
N ILE C 316 26.53 -20.42 -17.41
CA ILE C 316 25.85 -21.46 -18.16
C ILE C 316 24.69 -20.92 -18.98
N CYS C 317 24.46 -19.61 -19.01
CA CYS C 317 23.27 -19.03 -19.66
C CYS C 317 23.62 -18.33 -20.97
N VAL C 318 22.88 -18.64 -22.03
CA VAL C 318 23.04 -17.91 -23.29
C VAL C 318 22.55 -16.47 -23.09
N GLN C 319 23.35 -15.51 -23.55
CA GLN C 319 23.01 -14.09 -23.41
C GLN C 319 22.10 -13.70 -24.56
N ILE C 320 20.84 -13.42 -24.27
CA ILE C 320 19.89 -13.16 -25.34
C ILE C 320 19.31 -11.76 -25.15
N PRO C 321 19.20 -10.95 -26.22
CA PRO C 321 18.57 -9.62 -26.09
C PRO C 321 17.04 -9.69 -26.09
N TRP C 322 16.49 -10.09 -24.95
CA TRP C 322 15.04 -10.15 -24.74
C TRP C 322 14.43 -8.75 -24.80
N ASP C 323 13.13 -8.71 -25.18
CA ASP C 323 12.42 -7.45 -25.25
C ASP C 323 12.17 -6.91 -23.85
N LYS C 324 12.20 -5.60 -23.72
CA LYS C 324 11.82 -4.91 -22.48
C LYS C 324 10.44 -4.33 -22.72
N ASN C 325 9.43 -4.85 -22.01
CA ASN C 325 8.05 -4.40 -22.21
C ASN C 325 7.28 -4.51 -20.91
N PRO C 326 7.37 -3.50 -20.04
CA PRO C 326 6.69 -3.58 -18.73
C PRO C 326 5.19 -3.75 -18.84
N GLU C 327 4.54 -3.07 -19.79
CA GLU C 327 3.09 -3.22 -19.92
C GLU C 327 2.70 -4.65 -20.33
N ALA C 328 3.43 -5.23 -21.29
CA ALA C 328 3.12 -6.60 -21.70
C ALA C 328 3.38 -7.58 -20.57
N LEU C 329 4.48 -7.39 -19.83
CA LEU C 329 4.76 -8.29 -18.72
C LEU C 329 3.66 -8.24 -17.66
N ALA C 330 3.21 -7.02 -17.32
CA ALA C 330 2.13 -6.89 -16.34
C ALA C 330 0.85 -7.56 -16.82
N LYS C 331 0.52 -7.43 -18.12
CA LYS C 331 -0.66 -8.14 -18.63
C LYS C 331 -0.50 -9.66 -18.51
N TRP C 332 0.68 -10.19 -18.81
CA TRP C 332 0.91 -11.63 -18.63
C TRP C 332 0.76 -12.01 -17.16
N ALA C 333 1.41 -11.24 -16.26
CA ALA C 333 1.40 -11.57 -14.84
C ALA C 333 0.03 -11.48 -14.22
N GLU C 334 -0.82 -10.56 -14.71
CA GLU C 334 -2.13 -10.29 -14.11
C GLU C 334 -3.27 -10.99 -14.86
N GLY C 335 -2.97 -11.84 -15.82
CA GLY C 335 -4.01 -12.53 -16.55
C GLY C 335 -4.91 -11.61 -17.34
N ARG C 336 -4.30 -10.66 -18.06
CA ARG C 336 -4.98 -9.69 -18.90
C ARG C 336 -4.44 -9.72 -20.32
N THR C 337 -4.01 -10.89 -20.80
CA THR C 337 -3.48 -11.00 -22.16
C THR C 337 -4.58 -10.91 -23.22
N GLY C 338 -5.82 -11.19 -22.86
CA GLY C 338 -6.84 -11.31 -23.88
C GLY C 338 -6.92 -12.68 -24.49
N PHE C 339 -6.01 -13.60 -24.10
CA PHE C 339 -6.11 -15.00 -24.49
C PHE C 339 -6.68 -15.77 -23.30
N PRO C 340 -7.94 -16.20 -23.37
CA PRO C 340 -8.59 -16.80 -22.18
C PRO C 340 -7.85 -18.00 -21.57
N TRP C 341 -7.27 -18.88 -22.39
CA TRP C 341 -6.50 -20.01 -21.86
C TRP C 341 -5.35 -19.53 -20.98
N ILE C 342 -4.57 -18.57 -21.48
CA ILE C 342 -3.46 -18.00 -20.72
C ILE C 342 -3.97 -17.27 -19.48
N ASP C 343 -5.00 -16.44 -19.64
CA ASP C 343 -5.47 -15.65 -18.50
C ASP C 343 -6.06 -16.55 -17.42
N ALA C 344 -6.72 -17.65 -17.82
CA ALA C 344 -7.26 -18.58 -16.85
C ALA C 344 -6.15 -19.25 -16.02
N ILE C 345 -5.09 -19.69 -16.68
CA ILE C 345 -3.97 -20.29 -15.96
C ILE C 345 -3.36 -19.30 -14.99
N MET C 346 -3.09 -18.09 -15.48
CA MET C 346 -2.45 -17.08 -14.63
C MET C 346 -3.37 -16.70 -13.47
N THR C 347 -4.68 -16.76 -13.69
CA THR C 347 -5.64 -16.50 -12.61
C THR C 347 -5.62 -17.61 -11.58
N GLN C 348 -5.60 -18.87 -12.01
CA GLN C 348 -5.49 -19.96 -11.04
C GLN C 348 -4.17 -19.88 -10.28
N LEU C 349 -3.10 -19.48 -10.97
CA LEU C 349 -1.80 -19.37 -10.31
C LEU C 349 -1.87 -18.35 -9.17
N ARG C 350 -2.42 -17.16 -9.45
CA ARG C 350 -2.54 -16.12 -8.42
C ARG C 350 -3.47 -16.54 -7.29
N GLN C 351 -4.62 -17.16 -7.61
CA GLN C 351 -5.60 -17.45 -6.57
C GLN C 351 -5.16 -18.60 -5.67
N GLU C 352 -4.53 -19.63 -6.24
CA GLU C 352 -4.29 -20.87 -5.49
C GLU C 352 -2.84 -21.22 -5.26
N GLY C 353 -1.91 -20.69 -6.06
CA GLY C 353 -0.50 -20.93 -5.88
C GLY C 353 0.05 -22.16 -6.55
N TRP C 354 -0.76 -22.88 -7.32
CA TRP C 354 -0.30 -24.04 -8.08
C TRP C 354 -1.06 -24.14 -9.40
N ILE C 355 -0.33 -24.51 -10.45
CA ILE C 355 -0.91 -24.85 -11.75
C ILE C 355 -0.14 -26.06 -12.25
N HIS C 356 -0.79 -26.81 -13.14
CA HIS C 356 -0.25 -28.04 -13.69
C HIS C 356 1.01 -27.79 -14.54
N HIS C 357 1.83 -28.83 -14.66
CA HIS C 357 3.09 -28.77 -15.40
C HIS C 357 2.86 -28.32 -16.84
N LEU C 358 1.83 -28.86 -17.50
CA LEU C 358 1.48 -28.44 -18.85
C LEU C 358 1.04 -26.98 -18.89
N ALA C 359 0.29 -26.55 -17.87
CA ALA C 359 -0.12 -25.15 -17.81
C ALA C 359 1.08 -24.22 -17.65
N ARG C 360 2.06 -24.63 -16.83
CA ARG C 360 3.29 -23.84 -16.72
C ARG C 360 4.01 -23.76 -18.05
N HIS C 361 4.08 -24.88 -18.77
CA HIS C 361 4.70 -24.86 -20.10
C HIS C 361 4.03 -23.83 -20.98
N ALA C 362 2.68 -23.84 -20.98
CA ALA C 362 1.91 -22.95 -21.85
C ALA C 362 2.18 -21.48 -21.54
N VAL C 363 2.07 -21.08 -20.28
CA VAL C 363 2.25 -19.66 -20.00
C VAL C 363 3.72 -19.25 -20.08
N ALA C 364 4.63 -20.17 -19.76
CA ALA C 364 6.05 -19.86 -19.86
C ALA C 364 6.47 -19.64 -21.30
N CYS C 365 5.99 -20.50 -22.20
CA CYS C 365 6.27 -20.32 -23.62
C CYS C 365 5.70 -18.99 -24.12
N PHE C 366 4.45 -18.67 -23.74
CA PHE C 366 3.81 -17.45 -24.20
C PHE C 366 4.64 -16.22 -23.80
N LEU C 367 5.15 -16.20 -22.57
CA LEU C 367 5.94 -15.05 -22.15
C LEU C 367 7.27 -14.96 -22.89
N THR C 368 7.95 -16.11 -23.10
CA THR C 368 9.32 -16.06 -23.59
C THR C 368 9.42 -16.42 -25.07
N ARG C 369 9.86 -17.65 -25.36
CA ARG C 369 10.17 -18.04 -26.74
C ARG C 369 8.97 -17.99 -27.66
N GLY C 370 7.76 -18.15 -27.11
CA GLY C 370 6.57 -18.28 -27.95
C GLY C 370 6.00 -16.98 -28.50
N ASP C 371 5.62 -16.05 -27.61
CA ASP C 371 4.82 -14.91 -28.06
C ASP C 371 5.47 -13.57 -27.70
N LEU C 372 5.77 -13.32 -26.42
CA LEU C 372 6.19 -11.97 -26.02
C LEU C 372 7.69 -11.71 -26.08
N TRP C 373 8.52 -12.75 -26.12
CA TRP C 373 9.99 -12.59 -26.17
C TRP C 373 10.49 -11.74 -24.99
N ILE C 374 9.89 -11.95 -23.81
CA ILE C 374 10.30 -11.26 -22.59
C ILE C 374 11.23 -12.16 -21.79
N SER C 375 12.16 -11.55 -21.06
CA SER C 375 13.18 -12.32 -20.36
C SER C 375 12.57 -13.36 -19.41
N TRP C 376 13.19 -14.53 -19.39
CA TRP C 376 12.81 -15.60 -18.47
C TRP C 376 13.02 -15.22 -17.01
N GLU C 377 13.91 -14.26 -16.75
CA GLU C 377 14.09 -13.79 -15.39
C GLU C 377 12.79 -13.18 -14.89
N GLU C 378 12.03 -12.51 -15.78
CA GLU C 378 10.78 -11.88 -15.35
C GLU C 378 9.70 -12.92 -15.04
N GLY C 379 9.62 -13.99 -15.83
CA GLY C 379 8.68 -15.07 -15.50
C GLY C 379 9.02 -15.76 -14.19
N MET C 380 10.32 -15.97 -13.94
CA MET C 380 10.77 -16.58 -12.68
C MET C 380 10.36 -15.73 -11.47
N LYS C 381 10.50 -14.39 -11.56
CA LYS C 381 10.15 -13.53 -10.44
C LYS C 381 8.66 -13.62 -10.12
N VAL C 382 7.81 -13.59 -11.15
CA VAL C 382 6.38 -13.73 -10.90
C VAL C 382 6.08 -15.08 -10.27
N PHE C 383 6.69 -16.15 -10.80
CA PHE C 383 6.47 -17.50 -10.26
C PHE C 383 7.00 -17.60 -8.83
N GLU C 384 8.12 -16.93 -8.54
CA GLU C 384 8.65 -16.94 -7.18
C GLU C 384 7.64 -16.34 -6.21
N GLU C 385 6.95 -15.28 -6.63
CA GLU C 385 5.97 -14.68 -5.75
C GLU C 385 4.75 -15.57 -5.57
N LEU C 386 4.31 -16.26 -6.62
CA LEU C 386 2.96 -16.85 -6.64
C LEU C 386 2.92 -18.35 -6.41
N LEU C 387 3.93 -19.08 -6.88
CA LEU C 387 3.92 -20.54 -6.91
C LEU C 387 4.34 -21.13 -5.57
N LEU C 388 3.54 -22.06 -5.05
CA LEU C 388 3.88 -22.68 -3.77
C LEU C 388 5.18 -23.47 -3.84
N ASP C 389 5.47 -24.10 -4.99
CA ASP C 389 6.62 -24.99 -5.10
C ASP C 389 7.81 -24.35 -5.81
N ALA C 390 7.85 -23.02 -5.93
CA ALA C 390 8.90 -22.35 -6.71
C ALA C 390 10.14 -22.15 -5.85
N ASP C 391 10.89 -23.22 -5.63
CA ASP C 391 12.17 -23.02 -4.96
C ASP C 391 13.20 -22.48 -5.97
N TRP C 392 14.25 -21.86 -5.42
CA TRP C 392 15.22 -21.09 -6.19
C TRP C 392 15.85 -21.89 -7.34
N SER C 393 16.29 -23.14 -7.08
CA SER C 393 16.97 -23.97 -8.09
C SER C 393 16.05 -24.39 -9.24
N ILE C 394 14.89 -24.96 -8.91
CA ILE C 394 13.98 -25.49 -9.93
C ILE C 394 13.35 -24.35 -10.72
N ASN C 395 13.01 -23.25 -10.05
CA ASN C 395 12.40 -22.12 -10.75
C ASN C 395 13.36 -21.53 -11.77
N ALA C 396 14.58 -21.19 -11.32
CA ALA C 396 15.54 -20.63 -12.26
C ALA C 396 15.88 -21.66 -13.35
N GLY C 397 16.05 -22.92 -12.96
CA GLY C 397 16.44 -23.92 -13.94
C GLY C 397 15.37 -24.13 -15.00
N SER C 398 14.11 -24.20 -14.57
CA SER C 398 13.01 -24.45 -15.51
C SER C 398 12.88 -23.31 -16.51
N TRP C 399 12.97 -22.07 -16.01
CA TRP C 399 12.81 -20.91 -16.88
C TRP C 399 13.95 -20.79 -17.89
N MET C 400 15.20 -21.10 -17.47
CA MET C 400 16.31 -21.14 -18.43
C MET C 400 16.12 -22.26 -19.44
N TRP C 401 15.63 -23.40 -18.97
CA TRP C 401 15.44 -24.55 -19.83
C TRP C 401 14.42 -24.25 -20.94
N LEU C 402 13.23 -23.78 -20.56
CA LEU C 402 12.15 -23.58 -21.53
C LEU C 402 12.40 -22.39 -22.45
N SER C 403 13.19 -21.42 -22.01
CA SER C 403 13.46 -20.27 -22.87
C SER C 403 14.62 -20.55 -23.80
N CYS C 404 15.17 -21.77 -23.77
CA CYS C 404 16.35 -22.14 -24.54
C CYS C 404 17.56 -21.26 -24.16
N SER C 405 17.65 -20.94 -22.88
CA SER C 405 18.79 -20.20 -22.40
C SER C 405 19.86 -21.12 -21.84
N SER C 406 19.48 -22.33 -21.47
CA SER C 406 20.46 -23.30 -21.01
C SER C 406 19.86 -24.70 -21.16
N PHE C 407 20.68 -25.70 -20.86
CA PHE C 407 20.24 -27.08 -20.79
C PHE C 407 19.67 -27.57 -22.11
N PHE C 408 20.19 -27.06 -23.22
CA PHE C 408 19.56 -27.32 -24.50
C PHE C 408 19.74 -28.77 -24.92
N GLN C 409 18.63 -29.46 -25.13
CA GLN C 409 18.62 -30.73 -25.85
C GLN C 409 17.84 -30.66 -27.15
N GLN C 410 16.69 -29.97 -27.17
CA GLN C 410 15.86 -29.92 -28.37
C GLN C 410 15.18 -28.57 -28.45
N PHE C 411 14.75 -28.22 -29.66
CA PHE C 411 13.75 -27.17 -29.83
C PHE C 411 12.39 -27.64 -29.31
N PHE C 412 11.67 -26.71 -28.72
CA PHE C 412 10.37 -26.96 -28.12
C PHE C 412 9.23 -26.75 -29.11
N HIS C 413 8.10 -27.37 -28.80
CA HIS C 413 6.83 -27.04 -29.44
C HIS C 413 6.47 -25.60 -29.10
N CYS C 414 5.98 -24.85 -30.09
CA CYS C 414 5.39 -23.56 -29.78
C CYS C 414 3.93 -23.80 -29.38
N TYR C 415 3.62 -23.63 -28.10
CA TYR C 415 2.26 -23.82 -27.61
C TYR C 415 1.33 -22.74 -28.18
N CYS C 416 0.16 -23.17 -28.68
CA CYS C 416 -0.84 -22.24 -29.18
C CYS C 416 -1.71 -21.73 -28.04
N PRO C 417 -1.79 -20.43 -27.80
CA PRO C 417 -2.62 -19.92 -26.70
C PRO C 417 -4.11 -20.04 -26.96
N VAL C 418 -4.52 -20.41 -28.18
CA VAL C 418 -5.92 -20.63 -28.48
C VAL C 418 -6.21 -22.13 -28.53
N GLY C 419 -5.47 -22.84 -29.38
CA GLY C 419 -5.83 -24.20 -29.71
C GLY C 419 -5.42 -25.28 -28.72
N PHE C 420 -4.33 -25.08 -27.97
CA PHE C 420 -3.82 -26.17 -27.15
C PHE C 420 -4.87 -26.66 -26.15
N GLY C 421 -5.51 -25.74 -25.43
CA GLY C 421 -6.48 -26.15 -24.42
C GLY C 421 -7.71 -26.79 -25.03
N ARG C 422 -8.15 -26.30 -26.18
CA ARG C 422 -9.41 -26.74 -26.77
C ARG C 422 -9.43 -28.24 -27.05
N ARG C 423 -8.27 -28.87 -27.23
CA ARG C 423 -8.27 -30.28 -27.62
C ARG C 423 -8.80 -31.17 -26.50
N THR C 424 -8.36 -30.96 -25.26
CA THR C 424 -8.84 -31.70 -24.11
C THR C 424 -10.04 -31.05 -23.41
N ASP C 425 -10.25 -29.74 -23.54
CA ASP C 425 -11.34 -29.04 -22.87
C ASP C 425 -12.07 -28.17 -23.88
N PRO C 426 -12.84 -28.79 -24.79
CA PRO C 426 -13.48 -28.04 -25.89
C PRO C 426 -14.52 -27.05 -25.44
N ASN C 427 -15.28 -27.40 -24.39
CA ASN C 427 -16.28 -26.47 -23.89
C ASN C 427 -15.65 -25.30 -23.15
N GLY C 428 -14.35 -25.38 -22.84
CA GLY C 428 -13.71 -24.32 -22.08
C GLY C 428 -14.09 -24.22 -20.63
N ASP C 429 -14.34 -25.37 -19.97
CA ASP C 429 -14.77 -25.34 -18.57
C ASP C 429 -13.71 -24.76 -17.64
N TYR C 430 -12.43 -25.00 -17.94
CA TYR C 430 -11.35 -24.41 -17.14
C TYR C 430 -11.40 -22.89 -17.22
N ILE C 431 -11.57 -22.37 -18.45
CA ILE C 431 -11.70 -20.93 -18.62
C ILE C 431 -12.89 -20.41 -17.84
N ARG C 432 -14.03 -21.10 -17.94
CA ARG C 432 -15.23 -20.63 -17.26
C ARG C 432 -15.04 -20.62 -15.75
N ARG C 433 -14.30 -21.59 -15.20
CA ARG C 433 -14.07 -21.63 -13.76
C ARG C 433 -13.34 -20.38 -13.29
N TYR C 434 -12.30 -19.96 -14.01
CA TYR C 434 -11.42 -18.90 -13.54
C TYR C 434 -11.69 -17.52 -14.14
N LEU C 435 -12.40 -17.43 -15.26
CA LEU C 435 -12.72 -16.14 -15.89
C LEU C 435 -14.23 -15.99 -15.98
N PRO C 436 -14.88 -15.57 -14.89
CA PRO C 436 -16.35 -15.46 -14.91
C PRO C 436 -16.87 -14.49 -15.96
N VAL C 437 -16.09 -13.49 -16.38
CA VAL C 437 -16.61 -12.56 -17.36
C VAL C 437 -16.91 -13.23 -18.71
N LEU C 438 -16.34 -14.40 -18.96
CA LEU C 438 -16.50 -15.08 -20.25
C LEU C 438 -17.53 -16.19 -20.24
N ARG C 439 -18.24 -16.41 -19.13
CA ARG C 439 -19.11 -17.59 -19.04
C ARG C 439 -20.25 -17.55 -20.05
N GLY C 440 -20.67 -16.35 -20.47
CA GLY C 440 -21.75 -16.24 -21.45
C GLY C 440 -21.39 -16.73 -22.84
N PHE C 441 -20.11 -16.77 -23.18
CA PHE C 441 -19.71 -17.12 -24.54
C PHE C 441 -19.96 -18.61 -24.81
N PRO C 442 -20.40 -18.96 -26.01
CA PRO C 442 -20.48 -20.37 -26.38
C PRO C 442 -19.08 -20.96 -26.60
N ALA C 443 -19.02 -22.30 -26.69
CA ALA C 443 -17.75 -22.97 -26.84
C ALA C 443 -17.04 -22.56 -28.12
N LYS C 444 -17.82 -22.20 -29.15
CA LYS C 444 -17.24 -21.79 -30.42
C LYS C 444 -16.28 -20.63 -30.26
N TYR C 445 -16.51 -19.75 -29.29
CA TYR C 445 -15.70 -18.56 -29.12
C TYR C 445 -15.01 -18.45 -27.77
N ILE C 446 -15.11 -19.47 -26.91
CA ILE C 446 -14.63 -19.36 -25.53
C ILE C 446 -13.11 -19.17 -25.47
N TYR C 447 -12.36 -19.80 -26.41
CA TYR C 447 -10.91 -19.63 -26.47
C TYR C 447 -10.47 -18.42 -27.31
N ASP C 448 -11.35 -17.90 -28.17
CA ASP C 448 -10.99 -16.78 -29.05
C ASP C 448 -12.19 -15.82 -29.10
N PRO C 449 -12.52 -15.18 -27.97
CA PRO C 449 -13.74 -14.37 -27.93
C PRO C 449 -13.70 -13.16 -28.84
N TRP C 450 -12.49 -12.71 -29.21
CA TRP C 450 -12.39 -11.63 -30.18
C TRP C 450 -13.05 -11.99 -31.51
N ASN C 451 -13.22 -13.28 -31.81
CA ASN C 451 -13.87 -13.68 -33.06
C ASN C 451 -15.40 -13.77 -32.95
N ALA C 452 -15.96 -13.62 -31.76
CA ALA C 452 -17.41 -13.69 -31.64
C ALA C 452 -18.07 -12.49 -32.33
N PRO C 453 -19.14 -12.71 -33.09
CA PRO C 453 -19.90 -11.57 -33.64
C PRO C 453 -20.37 -10.65 -32.53
N GLU C 454 -20.58 -9.39 -32.91
CA GLU C 454 -21.02 -8.39 -31.95
C GLU C 454 -22.31 -8.81 -31.25
N GLY C 455 -23.23 -9.44 -31.99
CA GLY C 455 -24.47 -9.91 -31.41
C GLY C 455 -24.26 -10.99 -30.36
N ILE C 456 -23.31 -11.89 -30.61
CA ILE C 456 -22.98 -12.93 -29.64
C ILE C 456 -22.33 -12.31 -28.41
N GLN C 457 -21.45 -11.33 -28.62
CA GLN C 457 -20.86 -10.63 -27.48
C GLN C 457 -21.94 -10.01 -26.60
N LYS C 458 -22.98 -9.45 -27.22
CA LYS C 458 -24.09 -8.89 -26.46
C LYS C 458 -24.83 -9.99 -25.69
N VAL C 459 -25.09 -11.13 -26.35
CA VAL C 459 -25.72 -12.28 -25.69
C VAL C 459 -24.83 -12.75 -24.54
N ALA C 460 -23.52 -12.76 -24.76
CA ALA C 460 -22.57 -13.11 -23.70
C ALA C 460 -22.48 -12.03 -22.63
N LYS C 461 -22.96 -10.83 -22.90
CA LYS C 461 -22.88 -9.69 -21.99
C LYS C 461 -21.44 -9.31 -21.71
N CYS C 462 -20.55 -9.59 -22.65
CA CYS C 462 -19.13 -9.26 -22.53
C CYS C 462 -18.66 -8.71 -23.86
N LEU C 463 -18.35 -7.40 -23.90
CA LEU C 463 -17.85 -6.78 -25.14
C LEU C 463 -16.32 -6.83 -25.15
N ILE C 464 -15.75 -7.43 -26.18
CA ILE C 464 -14.29 -7.51 -26.27
C ILE C 464 -13.73 -6.13 -26.59
N GLY C 465 -12.76 -5.70 -25.79
CA GLY C 465 -12.26 -4.36 -25.85
C GLY C 465 -12.85 -3.46 -24.80
N VAL C 466 -13.83 -3.95 -24.03
CA VAL C 466 -14.49 -3.16 -22.99
C VAL C 466 -14.45 -3.95 -21.68
N ASN C 467 -15.21 -5.05 -21.63
CA ASN C 467 -15.27 -5.88 -20.43
C ASN C 467 -14.14 -6.89 -20.31
N TYR C 468 -13.61 -7.35 -21.44
CA TYR C 468 -12.49 -8.28 -21.51
C TYR C 468 -11.58 -7.78 -22.62
N PRO C 469 -10.26 -7.77 -22.41
CA PRO C 469 -9.36 -7.15 -23.39
C PRO C 469 -9.21 -7.97 -24.67
N LYS C 470 -8.86 -7.24 -25.74
CA LYS C 470 -8.47 -7.86 -26.99
C LYS C 470 -7.13 -8.57 -26.83
N PRO C 471 -6.86 -9.58 -27.65
CA PRO C 471 -5.57 -10.31 -27.55
C PRO C 471 -4.39 -9.36 -27.72
N MET C 472 -3.43 -9.46 -26.79
CA MET C 472 -2.36 -8.47 -26.74
C MET C 472 -1.36 -8.61 -27.90
N VAL C 473 -1.31 -9.77 -28.56
CA VAL C 473 -0.48 -9.93 -29.75
C VAL C 473 -1.28 -10.77 -30.73
N ASN C 474 -0.82 -10.75 -31.98
CA ASN C 474 -1.24 -11.68 -33.00
C ASN C 474 -0.33 -12.89 -32.87
N HIS C 475 -0.87 -14.01 -32.39
CA HIS C 475 -0.02 -15.15 -32.07
C HIS C 475 0.70 -15.69 -33.30
N ALA C 476 0.02 -15.78 -34.45
CA ALA C 476 0.64 -16.33 -35.65
C ALA C 476 1.83 -15.50 -36.09
N GLU C 477 1.68 -14.16 -36.11
CA GLU C 477 2.81 -13.30 -36.49
C GLU C 477 3.91 -13.29 -35.43
N ALA C 478 3.54 -13.24 -34.14
CA ALA C 478 4.55 -13.20 -33.09
C ALA C 478 5.32 -14.51 -33.02
N SER C 479 4.62 -15.64 -33.07
CA SER C 479 5.31 -16.93 -33.00
C SER C 479 6.22 -17.15 -34.20
N ARG C 480 5.79 -16.75 -35.40
CA ARG C 480 6.65 -16.90 -36.58
C ARG C 480 7.96 -16.13 -36.41
N LEU C 481 7.87 -14.87 -35.95
CA LEU C 481 9.10 -14.10 -35.74
C LEU C 481 9.96 -14.70 -34.64
N ASN C 482 9.35 -15.12 -33.53
CA ASN C 482 10.13 -15.64 -32.42
C ASN C 482 10.78 -16.98 -32.77
N ILE C 483 10.11 -17.81 -33.58
CA ILE C 483 10.73 -19.06 -34.02
C ILE C 483 11.97 -18.77 -34.85
N GLU C 484 11.88 -17.78 -35.73
CA GLU C 484 13.04 -17.32 -36.50
C GLU C 484 14.14 -16.77 -35.57
N ARG C 485 13.75 -16.02 -34.54
CA ARG C 485 14.76 -15.50 -33.62
C ARG C 485 15.54 -16.63 -32.96
N MET C 486 14.84 -17.69 -32.56
CA MET C 486 15.48 -18.81 -31.90
C MET C 486 16.36 -19.57 -32.85
N LYS C 487 15.95 -19.68 -34.12
CA LYS C 487 16.77 -20.34 -35.12
C LYS C 487 18.08 -19.58 -35.32
N GLN C 488 18.00 -18.25 -35.45
CA GLN C 488 19.21 -17.47 -35.61
C GLN C 488 20.14 -17.65 -34.42
N ILE C 489 19.57 -17.68 -33.20
CA ILE C 489 20.37 -17.85 -31.99
C ILE C 489 21.08 -19.20 -31.99
N TYR C 490 20.38 -20.27 -32.35
CA TYR C 490 21.07 -21.55 -32.25
C TYR C 490 22.02 -21.81 -33.43
N GLN C 491 21.79 -21.17 -34.57
CA GLN C 491 22.81 -21.16 -35.62
C GLN C 491 24.07 -20.43 -35.14
N GLN C 492 23.91 -19.34 -34.40
CA GLN C 492 25.09 -18.66 -33.86
C GLN C 492 25.82 -19.55 -32.86
N LEU C 493 25.08 -20.32 -32.06
CA LEU C 493 25.73 -21.20 -31.08
C LEU C 493 26.53 -22.33 -31.74
N SER C 494 26.04 -22.92 -32.84
CA SER C 494 26.83 -23.97 -33.51
C SER C 494 28.12 -23.43 -34.13
N ARG C 495 28.09 -22.23 -34.72
CA ARG C 495 29.33 -21.65 -35.21
C ARG C 495 30.32 -21.48 -34.06
N TYR C 496 29.83 -21.04 -32.90
CA TYR C 496 30.70 -20.92 -31.73
C TYR C 496 31.27 -22.27 -31.31
N ARG C 497 30.38 -23.26 -31.11
CA ARG C 497 30.83 -24.55 -30.62
C ARG C 497 31.67 -25.29 -31.65
N GLY C 498 31.36 -25.12 -32.93
CA GLY C 498 32.09 -25.81 -33.98
C GLY C 498 31.52 -27.19 -34.24
#